data_4UQP
#
_entry.id   4UQP
#
_cell.length_a   64.700
_cell.length_b   100.900
_cell.length_c   116.700
_cell.angle_alpha   90.00
_cell.angle_beta   105.90
_cell.angle_gamma   90.00
#
_symmetry.space_group_name_H-M   'P 1 21 1'
#
loop_
_entity.id
_entity.type
_entity.pdbx_description
1 polymer 'PERIPLASMIC [NIFE] HYDROGENASE SMALL SUBUNIT'
2 polymer 'PERIPLASMIC [NIFE] HYDROGENASE LARGE SUBUNIT'
3 non-polymer 'IRON/SULFUR CLUSTER'
4 non-polymer 'FE3-S4 CLUSTER'
5 non-polymer GLYCEROL
6 non-polymer 'morpholine-4-sulfonic acid'
7 non-polymer 'HYDROSULFURIC ACID'
8 non-polymer 'CARBONMONOXIDE-(DICYANO) IRON'
9 non-polymer 'NICKEL (II) ION'
10 non-polymer 'MAGNESIUM ION'
11 non-polymer GLYCINE
12 water water
#
loop_
_entity_poly.entity_id
_entity_poly.type
_entity_poly.pdbx_seq_one_letter_code
_entity_poly.pdbx_strand_id
1 'polypeptide(L)'
;ALTAKHRPSVVWLHNAECTGCTEAAIRTIKPYIDALILDTISLDYQETIMAAAGEAAEAALHQALEGKDGYYLVVEGGLP
TIDGGQWGMVAGHPMIETTKKAAAKAKGIICIGTCSAYGGVQKAKPNPSQAKGVSEALGVKTINIPGCPPNPINFVGAVV
HVLTKGIPDLDENGRPKLFYGELVHDNCPRLPHFEASEFAPSFDSEEAKKGFCLYELGCKGPVTYNNCPKVLFNQVNWPV
QAGHPCLGCSEPDFWDTMTPFYEQG
;
A,B
2 'polypeptide(L)'
;ASWSHPQFEKGASGAAESKPTPQSTFTGPIVVDPITRIEGHLRIMVEVENGKVKDAWSSSQLFRGLEIILKGRDPRDAQH
FTQRACGV(CSX)TYVHALASSRCVDDAVKVSIPANARMMRNLVMASQYLHDHLVHFYHAHALDWVDVTAALKADPNKAA
KLAASIAPARPGNSAKALKAVQDKLKAFVESGQLGIFTNAYFLGGHKAYYLPPEVDLIATAHYLEALHMQVKAASAMAIL
GGKNPHTQFTVVGGCSNYQGLTKDPLANYLALSKEVCQFVNECYIPDLLAVAGFYKDWGGIGGTSNYLAFGEFATDDSSP
EKHLATSQFPSGVITGRDLGKVDNVDLGAIYEDVKYSWYAPGGDGKHPYDGVTDPKYTKLDDKDHYSWMKAPRYKGKAME
VGPLARTFIAYAKGQPDFKKVVDMVLGKLSVPATALHSTLGRTAARGIETAIVCANMEKWIKEMADSGAKDNTLCAKWEM
PEESKGVGLADAPRGALSHWIRIKGKKIDNFQLVVPSTWNLGPRGAQGDKSPVEEALIGTPIADPKRPVEILRTVHAFDP
(CSS)IACGVH
;
Q,R
#
loop_
_chem_comp.id
_chem_comp.type
_chem_comp.name
_chem_comp.formula
F3S non-polymer 'FE3-S4 CLUSTER' 'Fe3 S4'
FCO non-polymer 'CARBONMONOXIDE-(DICYANO) IRON' 'C3 Fe N2 O'
GOL non-polymer GLYCEROL 'C3 H8 O3'
H2S non-polymer 'HYDROSULFURIC ACID' 'H2 S'
MG non-polymer 'MAGNESIUM ION' 'Mg 2'
NI non-polymer 'NICKEL (II) ION' 'Ni 2'
SF4 non-polymer 'IRON/SULFUR CLUSTER' 'Fe4 S4'
SOT non-polymer 'morpholine-4-sulfonic acid' 'C4 H9 N O4 S'
#
# COMPACT_ATOMS: atom_id res chain seq x y z
N ALA A 4 -22.34 -42.99 14.50
CA ALA A 4 -21.30 -43.97 14.96
C ALA A 4 -21.01 -43.92 16.46
N LYS A 5 -19.78 -43.52 16.80
CA LYS A 5 -19.31 -43.49 18.20
C LYS A 5 -19.93 -42.33 19.00
N HIS A 6 -20.35 -42.63 20.23
CA HIS A 6 -20.98 -41.63 21.10
C HIS A 6 -19.97 -40.62 21.62
N ARG A 7 -20.26 -39.33 21.46
CA ARG A 7 -19.36 -38.31 21.96
C ARG A 7 -19.85 -37.84 23.34
N PRO A 8 -18.93 -37.67 24.29
CA PRO A 8 -19.30 -37.17 25.62
C PRO A 8 -20.02 -35.84 25.59
N SER A 9 -21.15 -35.77 26.30
CA SER A 9 -21.99 -34.59 26.37
C SER A 9 -21.35 -33.51 27.22
N VAL A 10 -21.31 -32.30 26.66
CA VAL A 10 -20.88 -31.10 27.40
C VAL A 10 -22.02 -30.09 27.44
N VAL A 11 -22.34 -29.65 28.64
CA VAL A 11 -23.31 -28.56 28.88
C VAL A 11 -22.47 -27.34 29.30
N TRP A 12 -22.67 -26.22 28.62
CA TRP A 12 -21.89 -25.00 28.89
C TRP A 12 -22.88 -23.91 29.30
N LEU A 13 -22.71 -23.41 30.53
CA LEU A 13 -23.58 -22.37 31.05
C LEU A 13 -22.87 -21.04 31.07
N HIS A 14 -23.62 -19.99 30.75
CA HIS A 14 -23.14 -18.61 30.83
C HIS A 14 -23.86 -17.85 31.94
N ASN A 15 -23.09 -17.38 32.92
CA ASN A 15 -23.64 -16.68 34.08
C ASN A 15 -23.29 -15.19 34.00
N ALA A 16 -22.62 -14.63 35.02
CA ALA A 16 -22.16 -13.23 34.96
C ALA A 16 -20.80 -13.24 34.27
N GLU A 17 -20.86 -13.02 32.96
CA GLU A 17 -19.69 -13.18 32.09
C GLU A 17 -19.73 -12.13 30.99
N CYS A 18 -18.60 -11.98 30.30
CA CYS A 18 -18.46 -11.00 29.22
C CYS A 18 -18.38 -11.71 27.88
N THR A 19 -18.43 -13.05 27.93
CA THR A 19 -18.34 -13.93 26.74
C THR A 19 -16.94 -14.00 26.12
N GLY A 20 -15.97 -13.35 26.77
CA GLY A 20 -14.57 -13.42 26.37
C GLY A 20 -13.99 -14.83 26.50
N CYS A 21 -14.54 -15.64 27.41
CA CYS A 21 -14.05 -17.01 27.60
C CYS A 21 -14.55 -17.90 26.46
N THR A 22 -15.81 -17.76 26.06
CA THR A 22 -16.28 -18.44 24.85
C THR A 22 -15.44 -18.03 23.65
N GLU A 23 -15.19 -16.73 23.52
CA GLU A 23 -14.41 -16.25 22.39
C GLU A 23 -13.00 -16.84 22.42
N ALA A 24 -12.38 -16.89 23.61
CA ALA A 24 -11.05 -17.52 23.72
C ALA A 24 -11.11 -18.98 23.25
N ALA A 25 -12.13 -19.71 23.70
CA ALA A 25 -12.21 -21.12 23.40
C ALA A 25 -12.23 -21.38 21.89
N ILE A 26 -12.92 -20.50 21.16
CA ILE A 26 -13.03 -20.69 19.70
C ILE A 26 -11.78 -20.26 18.94
N ARG A 27 -10.78 -19.75 19.64
CA ARG A 27 -9.49 -19.49 19.00
C ARG A 27 -8.60 -20.74 18.99
N THR A 28 -9.09 -21.86 19.53
CA THR A 28 -8.29 -23.09 19.51
C THR A 28 -7.92 -23.49 18.06
N ILE A 29 -6.70 -24.00 17.89
CA ILE A 29 -6.28 -24.54 16.61
C ILE A 29 -5.81 -26.00 16.71
N LYS A 30 -5.76 -26.53 17.93
CA LYS A 30 -5.32 -27.92 18.13
C LYS A 30 -6.30 -28.69 19.03
N PRO A 31 -7.48 -29.04 18.48
CA PRO A 31 -7.93 -28.84 17.11
C PRO A 31 -8.72 -27.53 16.99
N TYR A 32 -9.12 -27.16 15.79
CA TYR A 32 -10.08 -26.07 15.63
C TYR A 32 -11.42 -26.49 16.24
N ILE A 33 -12.25 -25.50 16.55
CA ILE A 33 -13.47 -25.75 17.33
C ILE A 33 -14.48 -26.63 16.59
N ASP A 34 -14.51 -26.55 15.26
CA ASP A 34 -15.41 -27.41 14.49
C ASP A 34 -15.04 -28.88 14.69
N ALA A 35 -13.74 -29.21 14.61
CA ALA A 35 -13.30 -30.58 14.81
C ALA A 35 -13.66 -31.03 16.22
N LEU A 36 -13.47 -30.14 17.20
CA LEU A 36 -13.73 -30.54 18.57
C LEU A 36 -15.20 -30.94 18.75
N ILE A 37 -16.11 -30.13 18.21
CA ILE A 37 -17.53 -30.37 18.41
C ILE A 37 -18.14 -31.38 17.43
N LEU A 38 -17.49 -31.65 16.31
CA LEU A 38 -17.98 -32.66 15.37
C LEU A 38 -17.44 -34.04 15.73
N ASP A 39 -16.25 -34.09 16.33
CA ASP A 39 -15.51 -35.35 16.48
C ASP A 39 -15.27 -35.81 17.91
N THR A 40 -15.11 -34.86 18.83
CA THR A 40 -14.61 -35.18 20.16
C THR A 40 -15.65 -35.05 21.27
N ILE A 41 -16.41 -33.96 21.27
CA ILE A 41 -17.43 -33.75 22.29
C ILE A 41 -18.77 -33.62 21.59
N SER A 42 -19.84 -33.72 22.39
CA SER A 42 -21.17 -33.33 21.92
C SER A 42 -21.55 -32.10 22.74
N LEU A 43 -21.42 -30.93 22.11
CA LEU A 43 -21.70 -29.67 22.77
C LEU A 43 -23.20 -29.46 22.68
N ASP A 44 -23.86 -29.70 23.81
CA ASP A 44 -25.31 -29.91 23.81
C ASP A 44 -26.12 -28.71 24.30
N TYR A 45 -25.43 -27.70 24.82
CA TYR A 45 -26.05 -26.43 25.21
C TYR A 45 -24.93 -25.41 25.29
N GLN A 46 -25.10 -24.29 24.56
CA GLN A 46 -24.10 -23.21 24.53
C GLN A 46 -24.82 -22.02 23.92
N GLU A 47 -25.22 -21.07 24.76
CA GLU A 47 -26.10 -19.99 24.33
C GLU A 47 -25.56 -19.14 23.19
N THR A 48 -24.24 -18.94 23.16
CA THR A 48 -23.62 -18.04 22.18
C THR A 48 -23.75 -18.56 20.76
N ILE A 49 -23.78 -19.88 20.59
CA ILE A 49 -23.76 -20.40 19.24
C ILE A 49 -24.91 -21.32 18.86
N MET A 50 -25.71 -21.76 19.84
CA MET A 50 -26.73 -22.75 19.53
C MET A 50 -27.89 -22.20 18.68
N ALA A 51 -28.47 -23.07 17.86
CA ALA A 51 -29.56 -22.69 16.96
C ALA A 51 -30.87 -22.41 17.69
N ALA A 52 -31.25 -23.27 18.62
CA ALA A 52 -32.51 -23.10 19.35
C ALA A 52 -32.47 -21.85 20.23
N ALA A 53 -33.61 -21.21 20.38
CA ALA A 53 -33.74 -20.09 21.32
C ALA A 53 -34.93 -20.34 22.24
N GLY A 54 -35.05 -19.53 23.29
CA GLY A 54 -36.26 -19.55 24.11
C GLY A 54 -36.59 -20.93 24.64
N GLU A 55 -37.88 -21.30 24.61
CA GLU A 55 -38.32 -22.59 25.16
C GLU A 55 -37.64 -23.79 24.50
N ALA A 56 -37.29 -23.66 23.21
CA ALA A 56 -36.61 -24.74 22.52
C ALA A 56 -35.17 -24.92 23.06
N ALA A 57 -34.53 -23.80 23.39
CA ALA A 57 -33.19 -23.84 24.02
C ALA A 57 -33.26 -24.42 25.42
N GLU A 58 -34.26 -24.00 26.19
CA GLU A 58 -34.44 -24.53 27.55
C GLU A 58 -34.67 -26.05 27.48
N ALA A 59 -35.47 -26.49 26.52
CA ALA A 59 -35.75 -27.92 26.35
C ALA A 59 -34.46 -28.65 25.95
N ALA A 60 -33.62 -28.02 25.11
CA ALA A 60 -32.33 -28.61 24.77
C ALA A 60 -31.45 -28.79 26.03
N LEU A 61 -31.46 -27.79 26.90
CA LEU A 61 -30.72 -27.91 28.18
C LEU A 61 -31.22 -29.10 28.99
N HIS A 62 -32.55 -29.19 29.13
CA HIS A 62 -33.14 -30.26 29.92
C HIS A 62 -32.89 -31.63 29.35
N GLN A 63 -32.93 -31.73 28.03
CA GLN A 63 -32.60 -32.98 27.34
C GLN A 63 -31.16 -33.39 27.66
N ALA A 64 -30.23 -32.43 27.64
CA ALA A 64 -28.83 -32.73 27.99
C ALA A 64 -28.71 -33.15 29.46
N LEU A 65 -29.37 -32.41 30.34
CA LEU A 65 -29.24 -32.71 31.78
C LEU A 65 -29.81 -34.09 32.14
N GLU A 66 -30.78 -34.55 31.35
CA GLU A 66 -31.44 -35.84 31.61
C GLU A 66 -30.89 -36.99 30.76
N GLY A 67 -29.85 -36.73 29.96
CA GLY A 67 -29.27 -37.75 29.08
C GLY A 67 -28.77 -38.94 29.88
N LYS A 68 -29.08 -40.15 29.39
CA LYS A 68 -28.72 -41.39 30.07
C LYS A 68 -27.21 -41.56 30.29
N ASP A 69 -26.41 -40.98 29.40
CA ASP A 69 -24.96 -41.15 29.48
C ASP A 69 -24.29 -40.10 30.33
N GLY A 70 -25.07 -39.17 30.88
CA GLY A 70 -24.53 -38.11 31.71
C GLY A 70 -23.80 -37.06 30.90
N TYR A 71 -23.20 -36.10 31.58
CA TYR A 71 -22.63 -34.95 30.91
C TYR A 71 -21.54 -34.32 31.78
N TYR A 72 -20.67 -33.55 31.12
CA TYR A 72 -19.73 -32.68 31.81
C TYR A 72 -20.22 -31.25 31.75
N LEU A 73 -19.86 -30.46 32.75
CA LEU A 73 -20.34 -29.09 32.83
C LEU A 73 -19.19 -28.12 32.68
N VAL A 74 -19.36 -27.16 31.77
CA VAL A 74 -18.45 -26.02 31.67
C VAL A 74 -19.22 -24.80 32.17
N VAL A 75 -18.60 -24.00 33.04
CA VAL A 75 -19.25 -22.79 33.55
C VAL A 75 -18.42 -21.58 33.21
N GLU A 76 -19.08 -20.59 32.60
CA GLU A 76 -18.45 -19.35 32.22
C GLU A 76 -19.20 -18.28 32.99
N GLY A 77 -18.46 -17.47 33.75
CA GLY A 77 -19.06 -16.37 34.53
C GLY A 77 -19.25 -16.69 36.00
N GLY A 78 -19.24 -15.62 36.80
CA GLY A 78 -19.52 -15.72 38.24
C GLY A 78 -21.03 -15.80 38.48
N LEU A 79 -21.40 -16.05 39.74
CA LEU A 79 -22.79 -16.21 40.13
C LEU A 79 -23.25 -15.00 40.97
N PRO A 80 -24.15 -14.18 40.43
CA PRO A 80 -24.65 -13.06 41.23
C PRO A 80 -25.68 -13.55 42.23
N THR A 81 -25.45 -13.29 43.50
CA THR A 81 -26.29 -13.88 44.56
C THR A 81 -27.23 -12.93 45.30
N ILE A 82 -27.07 -11.62 45.12
CA ILE A 82 -27.98 -10.67 45.78
C ILE A 82 -29.43 -10.91 45.34
N ASP A 83 -30.39 -10.59 46.21
CA ASP A 83 -31.82 -10.76 45.89
C ASP A 83 -32.12 -12.19 45.38
N GLY A 84 -31.53 -13.19 46.03
CA GLY A 84 -31.79 -14.60 45.71
C GLY A 84 -31.35 -15.00 44.31
N GLY A 85 -30.37 -14.28 43.77
CA GLY A 85 -29.85 -14.60 42.43
C GLY A 85 -30.56 -13.89 41.29
N GLN A 86 -31.51 -13.00 41.60
CA GLN A 86 -32.36 -12.44 40.56
C GLN A 86 -31.72 -11.43 39.61
N TRP A 87 -30.50 -10.97 39.94
CA TRP A 87 -29.85 -9.99 39.08
C TRP A 87 -29.13 -10.67 37.92
N GLY A 88 -29.15 -11.99 37.87
CA GLY A 88 -28.65 -12.70 36.66
C GLY A 88 -29.56 -13.87 36.43
N MET A 89 -30.33 -13.81 35.34
CA MET A 89 -31.36 -14.84 35.09
C MET A 89 -31.34 -15.28 33.65
N VAL A 90 -31.70 -16.54 33.42
CA VAL A 90 -31.89 -17.10 32.08
C VAL A 90 -33.19 -17.90 32.14
N ALA A 91 -34.03 -17.69 31.13
CA ALA A 91 -35.35 -18.37 31.05
C ALA A 91 -36.20 -18.17 32.32
N GLY A 92 -36.01 -17.04 33.00
CA GLY A 92 -36.79 -16.68 34.18
C GLY A 92 -36.31 -17.38 35.44
N HIS A 93 -35.10 -17.96 35.39
CA HIS A 93 -34.49 -18.61 36.55
C HIS A 93 -33.17 -17.98 36.94
N PRO A 94 -32.94 -17.74 38.24
CA PRO A 94 -31.61 -17.27 38.65
C PRO A 94 -30.49 -18.20 38.15
N MET A 95 -29.41 -17.59 37.69
CA MET A 95 -28.27 -18.35 37.23
C MET A 95 -27.75 -19.32 38.30
N ILE A 96 -27.77 -18.89 39.55
CA ILE A 96 -27.30 -19.77 40.62
C ILE A 96 -28.12 -21.07 40.66
N GLU A 97 -29.43 -20.98 40.41
CA GLU A 97 -30.27 -22.17 40.46
C GLU A 97 -29.89 -23.17 39.38
N THR A 98 -29.75 -22.67 38.15
CA THR A 98 -29.43 -23.55 37.03
C THR A 98 -28.05 -24.15 37.18
N THR A 99 -27.07 -23.34 37.63
CA THR A 99 -25.73 -23.86 37.83
C THR A 99 -25.70 -24.91 38.93
N LYS A 100 -26.42 -24.66 40.02
CA LYS A 100 -26.49 -25.63 41.10
C LYS A 100 -27.08 -26.95 40.59
N LYS A 101 -28.18 -26.88 39.84
CA LYS A 101 -28.86 -28.09 39.31
C LYS A 101 -27.93 -28.86 38.39
N ALA A 102 -27.25 -28.15 37.49
CA ALA A 102 -26.38 -28.81 36.53
C ALA A 102 -25.15 -29.38 37.23
N ALA A 103 -24.65 -28.66 38.22
CA ALA A 103 -23.46 -29.11 38.95
C ALA A 103 -23.72 -30.43 39.69
N ALA A 104 -24.93 -30.59 40.22
CA ALA A 104 -25.25 -31.76 41.08
C ALA A 104 -24.99 -33.11 40.42
N LYS A 105 -25.35 -33.22 39.14
CA LYS A 105 -25.19 -34.49 38.42
C LYS A 105 -24.02 -34.52 37.43
N ALA A 106 -23.30 -33.40 37.27
CA ALA A 106 -22.18 -33.36 36.35
C ALA A 106 -21.14 -34.42 36.65
N LYS A 107 -20.54 -34.99 35.59
CA LYS A 107 -19.42 -35.91 35.78
C LYS A 107 -18.15 -35.17 36.19
N GLY A 108 -18.10 -33.89 35.86
CA GLY A 108 -16.97 -33.06 36.22
C GLY A 108 -17.39 -31.63 35.90
N ILE A 109 -16.74 -30.68 36.55
CA ILE A 109 -17.08 -29.28 36.40
C ILE A 109 -15.80 -28.54 36.05
N ILE A 110 -15.78 -27.91 34.88
CA ILE A 110 -14.67 -27.07 34.47
C ILE A 110 -15.14 -25.62 34.49
N CYS A 111 -14.47 -24.79 35.28
CA CYS A 111 -14.73 -23.34 35.31
C CYS A 111 -13.78 -22.66 34.33
N ILE A 112 -14.31 -22.21 33.19
CA ILE A 112 -13.50 -21.47 32.21
C ILE A 112 -13.53 -19.99 32.58
N GLY A 113 -12.34 -19.49 32.92
CA GLY A 113 -12.14 -18.10 33.26
C GLY A 113 -12.07 -17.81 34.73
N THR A 114 -11.40 -16.70 35.03
CA THR A 114 -11.33 -16.23 36.40
C THR A 114 -12.72 -15.96 37.01
N CYS A 115 -13.71 -15.55 36.21
CA CYS A 115 -15.05 -15.26 36.79
C CYS A 115 -15.73 -16.49 37.40
N SER A 116 -15.85 -17.57 36.61
CA SER A 116 -16.47 -18.77 37.18
C SER A 116 -15.54 -19.40 38.22
N ALA A 117 -14.22 -19.37 38.01
CA ALA A 117 -13.32 -20.00 39.00
C ALA A 117 -13.38 -19.31 40.36
N TYR A 118 -13.30 -17.97 40.34
CA TYR A 118 -13.05 -17.19 41.55
C TYR A 118 -14.01 -16.02 41.81
N GLY A 119 -14.85 -15.68 40.82
CA GLY A 119 -15.83 -14.62 41.00
C GLY A 119 -15.63 -13.51 39.99
N GLY A 120 -14.37 -13.17 39.71
CA GLY A 120 -14.05 -12.27 38.60
C GLY A 120 -14.48 -10.82 38.75
N VAL A 121 -14.65 -10.17 37.60
CA VAL A 121 -14.72 -8.70 37.56
C VAL A 121 -15.92 -8.16 38.36
N GLN A 122 -17.07 -8.83 38.28
CA GLN A 122 -18.26 -8.37 39.00
C GLN A 122 -18.15 -8.53 40.51
N LYS A 123 -17.23 -9.39 40.96
CA LYS A 123 -16.98 -9.58 42.39
C LYS A 123 -16.06 -8.48 42.97
N ALA A 124 -15.37 -7.73 42.09
CA ALA A 124 -14.47 -6.67 42.55
C ALA A 124 -15.24 -5.67 43.42
N LYS A 125 -14.53 -5.13 44.41
CA LYS A 125 -15.14 -4.19 45.34
C LYS A 125 -15.87 -3.03 44.62
N PRO A 126 -17.09 -2.67 45.07
CA PRO A 126 -17.79 -3.20 46.26
C PRO A 126 -18.78 -4.35 45.97
N ASN A 127 -18.60 -5.05 44.84
CA ASN A 127 -19.42 -6.22 44.53
C ASN A 127 -20.93 -5.97 44.66
N PRO A 128 -21.50 -5.08 43.83
CA PRO A 128 -22.91 -4.76 44.04
C PRO A 128 -23.86 -5.93 43.86
N SER A 129 -23.50 -6.91 43.00
CA SER A 129 -24.40 -8.04 42.77
C SER A 129 -24.13 -9.22 43.71
N GLN A 130 -23.20 -9.06 44.67
CA GLN A 130 -22.78 -10.16 45.56
C GLN A 130 -22.42 -11.40 44.73
N ALA A 131 -21.55 -11.17 43.75
CA ALA A 131 -21.09 -12.21 42.86
C ALA A 131 -20.07 -13.09 43.55
N LYS A 132 -20.13 -14.38 43.24
CA LYS A 132 -19.27 -15.41 43.81
C LYS A 132 -18.75 -16.31 42.71
N GLY A 133 -17.58 -16.89 42.93
CA GLY A 133 -17.15 -18.00 42.09
C GLY A 133 -18.03 -19.22 42.29
N VAL A 134 -17.91 -20.20 41.42
CA VAL A 134 -18.76 -21.39 41.50
C VAL A 134 -18.51 -22.18 42.78
N SER A 135 -17.24 -22.48 43.06
CA SER A 135 -16.93 -23.22 44.29
C SER A 135 -17.31 -22.40 45.52
N GLU A 136 -17.09 -21.10 45.44
CA GLU A 136 -17.42 -20.19 46.54
C GLU A 136 -18.93 -20.29 46.86
N ALA A 137 -19.77 -20.24 45.82
CA ALA A 137 -21.24 -20.22 45.99
C ALA A 137 -21.79 -21.61 46.34
N LEU A 138 -21.23 -22.65 45.73
CA LEU A 138 -21.86 -23.99 45.73
C LEU A 138 -21.21 -24.99 46.68
N GLY A 139 -19.97 -24.73 47.06
CA GLY A 139 -19.21 -25.63 47.95
C GLY A 139 -18.79 -26.91 47.25
N VAL A 140 -18.71 -26.87 45.92
CA VAL A 140 -18.27 -28.02 45.10
C VAL A 140 -16.84 -27.77 44.60
N LYS A 141 -16.04 -28.83 44.44
CA LYS A 141 -14.73 -28.71 43.80
C LYS A 141 -14.89 -28.53 42.29
N THR A 142 -14.07 -27.64 41.71
CA THR A 142 -14.07 -27.38 40.27
C THR A 142 -12.65 -27.48 39.72
N ILE A 143 -12.56 -27.78 38.43
CA ILE A 143 -11.31 -27.71 37.70
C ILE A 143 -11.28 -26.32 37.11
N ASN A 144 -10.36 -25.50 37.58
CA ASN A 144 -10.34 -24.08 37.23
C ASN A 144 -9.34 -23.81 36.13
N ILE A 145 -9.83 -23.12 35.10
CA ILE A 145 -9.01 -22.72 33.97
C ILE A 145 -9.06 -21.20 33.89
N PRO A 146 -8.35 -20.52 34.80
CA PRO A 146 -8.52 -19.07 34.92
C PRO A 146 -7.60 -18.27 33.99
N GLY A 147 -7.64 -16.96 34.16
CA GLY A 147 -7.21 -16.03 33.11
C GLY A 147 -8.44 -15.32 32.64
N CYS A 148 -8.21 -14.17 32.02
CA CYS A 148 -9.30 -13.26 31.69
C CYS A 148 -9.16 -12.76 30.23
N PRO A 149 -9.30 -13.67 29.25
CA PRO A 149 -9.68 -15.08 29.42
C PRO A 149 -8.46 -15.99 29.43
N PRO A 150 -8.67 -17.26 29.79
CA PRO A 150 -7.59 -18.24 29.64
C PRO A 150 -7.24 -18.46 28.16
N ASN A 151 -6.04 -18.98 27.99
CA ASN A 151 -5.63 -19.47 26.68
C ASN A 151 -6.54 -20.64 26.24
N PRO A 152 -6.99 -20.65 24.97
CA PRO A 152 -7.69 -21.89 24.51
C PRO A 152 -6.89 -23.16 24.71
N ILE A 153 -5.56 -23.06 24.64
CA ILE A 153 -4.74 -24.26 24.85
C ILE A 153 -5.05 -24.90 26.21
N ASN A 154 -5.24 -24.06 27.21
CA ASN A 154 -5.43 -24.52 28.59
C ASN A 154 -6.82 -25.11 28.75
N PHE A 155 -7.80 -24.46 28.16
CA PHE A 155 -9.18 -24.93 28.29
C PHE A 155 -9.40 -26.22 27.50
N VAL A 156 -9.02 -26.19 26.22
CA VAL A 156 -9.16 -27.39 25.39
C VAL A 156 -8.30 -28.52 25.95
N GLY A 157 -7.07 -28.21 26.37
CA GLY A 157 -6.21 -29.24 26.98
C GLY A 157 -6.85 -29.89 28.18
N ALA A 158 -7.48 -29.10 29.04
CA ALA A 158 -8.16 -29.61 30.23
C ALA A 158 -9.38 -30.47 29.85
N VAL A 159 -10.19 -29.99 28.91
CA VAL A 159 -11.34 -30.76 28.45
C VAL A 159 -10.90 -32.13 27.92
N VAL A 160 -9.93 -32.13 27.02
CA VAL A 160 -9.45 -33.39 26.44
C VAL A 160 -8.87 -34.30 27.54
N HIS A 161 -8.09 -33.73 28.46
CA HIS A 161 -7.52 -34.50 29.55
C HIS A 161 -8.61 -35.19 30.39
N VAL A 162 -9.63 -34.41 30.76
CA VAL A 162 -10.73 -34.93 31.57
C VAL A 162 -11.43 -36.08 30.82
N LEU A 163 -11.66 -35.92 29.52
CA LEU A 163 -12.38 -36.94 28.73
C LEU A 163 -11.59 -38.21 28.45
N THR A 164 -10.28 -38.09 28.40
CA THR A 164 -9.42 -39.19 27.97
C THR A 164 -8.65 -39.86 29.10
N LYS A 165 -8.15 -39.07 30.03
CA LYS A 165 -7.24 -39.57 31.06
C LYS A 165 -7.87 -39.52 32.45
N GLY A 166 -8.52 -38.41 32.79
CA GLY A 166 -9.05 -38.20 34.15
C GLY A 166 -8.78 -36.77 34.62
N ILE A 167 -8.87 -36.54 35.92
CA ILE A 167 -8.66 -35.19 36.48
C ILE A 167 -7.17 -34.87 36.48
N PRO A 168 -6.77 -33.76 35.83
CA PRO A 168 -5.34 -33.45 35.90
C PRO A 168 -4.91 -33.01 37.30
N ASP A 169 -3.62 -33.14 37.59
CA ASP A 169 -3.05 -32.66 38.86
C ASP A 169 -3.33 -31.17 39.02
N LEU A 170 -3.96 -30.79 40.13
CA LEU A 170 -4.36 -29.39 40.36
C LEU A 170 -3.56 -28.75 41.48
N ASP A 171 -3.32 -27.46 41.37
CA ASP A 171 -2.75 -26.70 42.47
C ASP A 171 -3.81 -26.35 43.50
N GLU A 172 -3.39 -25.58 44.51
CA GLU A 172 -4.22 -25.23 45.65
C GLU A 172 -5.37 -24.31 45.25
N ASN A 173 -5.25 -23.71 44.06
CA ASN A 173 -6.32 -22.86 43.51
C ASN A 173 -7.14 -23.59 42.44
N GLY A 174 -7.00 -24.91 42.40
CA GLY A 174 -7.80 -25.74 41.50
C GLY A 174 -7.35 -25.74 40.04
N ARG A 175 -6.16 -25.20 39.76
CA ARG A 175 -5.69 -25.02 38.38
C ARG A 175 -4.78 -26.18 37.96
N PRO A 176 -4.95 -26.69 36.74
CA PRO A 176 -4.05 -27.78 36.30
C PRO A 176 -2.60 -27.32 36.25
N LYS A 177 -1.72 -28.08 36.94
CA LYS A 177 -0.30 -27.78 36.93
C LYS A 177 0.31 -27.85 35.53
N LEU A 178 -0.32 -28.60 34.62
CA LEU A 178 0.14 -28.68 33.24
C LEU A 178 0.26 -27.30 32.60
N PHE A 179 -0.63 -26.39 32.99
CA PHE A 179 -0.70 -25.05 32.38
C PHE A 179 -0.34 -23.93 33.33
N TYR A 180 -0.63 -24.14 34.61
CA TYR A 180 -0.51 -23.08 35.61
C TYR A 180 0.58 -23.35 36.64
N GLY A 181 1.47 -24.32 36.37
CA GLY A 181 2.48 -24.74 37.35
C GLY A 181 3.65 -23.79 37.51
N GLU A 182 3.79 -22.85 36.58
CA GLU A 182 4.91 -21.93 36.56
C GLU A 182 4.47 -20.47 36.53
N LEU A 183 5.26 -19.61 37.17
CA LEU A 183 5.07 -18.17 37.07
C LEU A 183 5.27 -17.68 35.65
N VAL A 184 4.43 -16.71 35.25
CA VAL A 184 4.66 -15.96 34.02
C VAL A 184 6.11 -15.47 33.96
N HIS A 185 6.58 -14.88 35.05
CA HIS A 185 7.89 -14.28 35.13
C HIS A 185 9.01 -15.27 34.86
N ASP A 186 8.87 -16.51 35.30
CA ASP A 186 9.97 -17.46 35.13
C ASP A 186 10.31 -17.73 33.64
N ASN A 187 9.30 -17.58 32.79
CA ASN A 187 9.42 -17.86 31.37
C ASN A 187 9.47 -16.61 30.51
N CYS A 188 9.50 -15.43 31.15
CA CYS A 188 9.46 -14.18 30.38
C CYS A 188 10.82 -13.89 29.73
N PRO A 189 10.83 -13.52 28.43
CA PRO A 189 12.11 -13.18 27.81
C PRO A 189 12.83 -11.97 28.41
N ARG A 190 12.11 -11.15 29.19
CA ARG A 190 12.71 -9.95 29.80
C ARG A 190 13.29 -10.28 31.19
N LEU A 191 13.28 -11.55 31.57
CA LEU A 191 13.81 -11.94 32.88
C LEU A 191 15.28 -11.51 33.09
N PRO A 192 16.14 -11.68 32.07
CA PRO A 192 17.52 -11.21 32.27
C PRO A 192 17.60 -9.71 32.54
N HIS A 193 16.73 -8.92 31.91
CA HIS A 193 16.67 -7.50 32.25
C HIS A 193 16.25 -7.29 33.70
N PHE A 194 15.20 -7.98 34.14
CA PHE A 194 14.81 -7.91 35.54
C PHE A 194 16.00 -8.22 36.46
N GLU A 195 16.71 -9.33 36.20
CA GLU A 195 17.82 -9.71 37.08
C GLU A 195 18.91 -8.65 37.14
N ALA A 196 19.11 -7.95 36.03
CA ALA A 196 20.10 -6.86 35.95
C ALA A 196 19.54 -5.50 36.35
N SER A 197 18.31 -5.48 36.85
CA SER A 197 17.64 -4.23 37.24
C SER A 197 17.59 -3.23 36.10
N GLU A 198 17.32 -3.75 34.91
CA GLU A 198 17.11 -2.95 33.69
C GLU A 198 15.60 -2.82 33.48
N PHE A 199 15.07 -1.69 33.95
CA PHE A 199 13.64 -1.41 34.03
C PHE A 199 13.25 -0.19 33.22
N ALA A 200 12.07 -0.24 32.62
CA ALA A 200 11.47 0.93 31.96
C ALA A 200 10.75 1.75 33.04
N PRO A 201 11.08 3.05 33.15
CA PRO A 201 10.41 3.88 34.15
C PRO A 201 9.08 4.50 33.70
N SER A 202 8.84 4.44 32.39
CA SER A 202 7.62 4.97 31.78
C SER A 202 7.49 4.32 30.41
N PHE A 203 6.30 4.42 29.83
CA PHE A 203 6.09 3.80 28.52
C PHE A 203 6.73 4.56 27.36
N ASP A 204 7.00 5.86 27.55
CA ASP A 204 7.63 6.67 26.50
C ASP A 204 9.16 6.60 26.55
N SER A 205 9.71 5.99 27.61
CA SER A 205 11.16 6.05 27.83
C SER A 205 11.96 5.24 26.81
N GLU A 206 13.23 5.61 26.70
CA GLU A 206 14.13 4.85 25.84
C GLU A 206 14.26 3.41 26.35
N GLU A 207 14.22 3.22 27.67
CA GLU A 207 14.24 1.87 28.26
C GLU A 207 13.07 1.02 27.78
N ALA A 208 11.86 1.62 27.73
CA ALA A 208 10.71 0.92 27.13
C ALA A 208 10.97 0.56 25.67
N LYS A 209 11.54 1.49 24.91
CA LYS A 209 11.83 1.22 23.50
C LYS A 209 12.82 0.06 23.36
N LYS A 210 13.76 -0.02 24.29
CA LYS A 210 14.80 -1.07 24.31
C LYS A 210 14.26 -2.41 24.85
N GLY A 211 13.00 -2.46 25.24
CA GLY A 211 12.45 -3.72 25.71
C GLY A 211 12.87 -4.14 27.11
N PHE A 212 13.12 -3.17 27.97
CA PHE A 212 13.48 -3.47 29.35
C PHE A 212 12.28 -4.07 30.11
N CYS A 213 12.56 -4.63 31.28
CA CYS A 213 11.54 -5.21 32.12
C CYS A 213 10.52 -4.16 32.58
N LEU A 214 9.29 -4.61 32.75
CA LEU A 214 8.13 -3.76 33.03
C LEU A 214 7.72 -3.77 34.52
N TYR A 215 8.58 -4.29 35.39
CA TYR A 215 8.23 -4.42 36.81
C TYR A 215 7.91 -3.07 37.45
N GLU A 216 8.67 -2.04 37.11
CA GLU A 216 8.42 -0.71 37.70
C GLU A 216 7.13 -0.07 37.16
N LEU A 217 6.61 -0.63 36.07
CA LEU A 217 5.34 -0.16 35.51
C LEU A 217 4.18 -1.07 35.95
N GLY A 218 4.44 -1.91 36.95
CA GLY A 218 3.37 -2.64 37.63
C GLY A 218 3.27 -4.13 37.29
N CYS A 219 4.19 -4.64 36.49
CA CYS A 219 4.07 -6.03 36.02
C CYS A 219 3.89 -7.01 37.17
N LYS A 220 2.82 -7.80 37.10
CA LYS A 220 2.51 -8.83 38.14
C LYS A 220 3.00 -10.22 37.72
N GLY A 221 3.80 -10.29 36.64
CA GLY A 221 4.36 -11.59 36.23
C GLY A 221 5.00 -12.38 37.39
N PRO A 222 5.73 -11.71 38.30
CA PRO A 222 6.39 -12.46 39.40
C PRO A 222 5.47 -13.12 40.41
N VAL A 223 4.17 -12.83 40.38
CA VAL A 223 3.23 -13.43 41.33
C VAL A 223 2.03 -14.08 40.61
N THR A 224 2.17 -14.28 39.30
CA THR A 224 1.06 -14.78 38.47
C THR A 224 1.41 -16.11 37.85
N TYR A 225 0.56 -17.12 38.09
CA TYR A 225 0.78 -18.46 37.49
C TYR A 225 -0.01 -18.60 36.20
N ASN A 226 0.70 -18.71 35.08
CA ASN A 226 0.08 -18.84 33.77
C ASN A 226 1.18 -19.20 32.78
N ASN A 227 0.81 -19.58 31.57
CA ASN A 227 1.79 -20.05 30.59
C ASN A 227 1.93 -19.09 29.40
N CYS A 228 1.54 -17.83 29.59
CA CYS A 228 1.46 -16.85 28.50
C CYS A 228 2.73 -16.73 27.64
N PRO A 229 3.91 -16.54 28.25
CA PRO A 229 5.10 -16.41 27.37
C PRO A 229 5.49 -17.72 26.68
N LYS A 230 5.10 -18.85 27.27
CA LYS A 230 5.50 -20.15 26.76
C LYS A 230 4.74 -20.49 25.47
N VAL A 231 3.42 -20.30 25.47
CA VAL A 231 2.57 -20.77 24.38
C VAL A 231 2.06 -19.62 23.52
N LEU A 232 2.11 -18.39 24.05
CA LEU A 232 1.60 -17.19 23.38
C LEU A 232 0.08 -17.25 23.18
N PHE A 233 -0.46 -16.12 22.76
CA PHE A 233 -1.83 -16.02 22.33
C PHE A 233 -1.89 -15.86 20.81
N ASN A 234 -2.90 -16.50 20.22
CA ASN A 234 -3.18 -16.35 18.78
C ASN A 234 -2.00 -16.71 17.91
N GLN A 235 -1.13 -17.57 18.44
CA GLN A 235 0.10 -17.99 17.77
C GLN A 235 1.08 -16.85 17.46
N VAL A 236 0.90 -15.67 18.08
CA VAL A 236 1.70 -14.50 17.70
C VAL A 236 2.25 -13.63 18.83
N ASN A 237 1.64 -13.58 20.01
CA ASN A 237 2.02 -12.50 20.94
C ASN A 237 1.55 -12.75 22.36
N TRP A 238 2.03 -11.92 23.28
CA TRP A 238 1.48 -11.88 24.65
C TRP A 238 1.72 -10.48 25.19
N PRO A 239 1.09 -10.13 26.34
CA PRO A 239 1.11 -8.72 26.73
C PRO A 239 2.49 -8.09 26.90
N VAL A 240 3.43 -8.77 27.55
CA VAL A 240 4.74 -8.19 27.78
C VAL A 240 5.50 -8.01 26.46
N GLN A 241 5.32 -8.95 25.55
CA GLN A 241 5.94 -8.80 24.21
C GLN A 241 5.36 -7.57 23.47
N ALA A 242 4.10 -7.25 23.75
CA ALA A 242 3.46 -6.02 23.27
C ALA A 242 3.75 -4.82 24.20
N GLY A 243 4.75 -4.97 25.09
CA GLY A 243 5.26 -3.85 25.87
C GLY A 243 4.46 -3.49 27.11
N HIS A 244 3.48 -4.31 27.48
CA HIS A 244 2.58 -3.98 28.59
C HIS A 244 2.74 -4.94 29.76
N PRO A 245 2.74 -4.42 31.00
CA PRO A 245 2.80 -5.30 32.18
C PRO A 245 1.63 -6.31 32.24
N CYS A 246 1.94 -7.45 32.86
CA CYS A 246 0.94 -8.43 33.23
C CYS A 246 0.06 -7.84 34.36
N LEU A 247 -1.24 -8.06 34.25
CA LEU A 247 -2.25 -7.64 35.25
C LEU A 247 -2.46 -8.66 36.35
N GLY A 248 -1.91 -9.86 36.18
CA GLY A 248 -2.18 -10.94 37.13
C GLY A 248 -3.52 -11.64 36.92
N CYS A 249 -3.99 -11.74 35.67
CA CYS A 249 -5.42 -12.03 35.44
C CYS A 249 -5.85 -13.48 35.67
N SER A 250 -4.89 -14.39 35.88
CA SER A 250 -5.22 -15.77 36.28
C SER A 250 -5.22 -16.00 37.80
N GLU A 251 -4.99 -14.95 38.58
CA GLU A 251 -4.96 -15.06 40.05
C GLU A 251 -6.32 -14.74 40.65
N PRO A 252 -6.73 -15.47 41.70
CA PRO A 252 -8.04 -15.17 42.31
C PRO A 252 -8.13 -13.74 42.79
N ASP A 253 -9.27 -13.11 42.50
CA ASP A 253 -9.58 -11.78 43.01
C ASP A 253 -8.56 -10.74 42.56
N PHE A 254 -7.97 -10.95 41.37
CA PHE A 254 -6.85 -10.07 40.95
C PHE A 254 -7.28 -8.61 40.83
N TRP A 255 -8.56 -8.39 40.52
CA TRP A 255 -9.09 -7.04 40.39
C TRP A 255 -8.83 -6.20 41.64
N ASP A 256 -8.78 -6.87 42.77
CA ASP A 256 -8.52 -6.18 44.03
C ASP A 256 -7.12 -6.45 44.58
N THR A 257 -6.51 -7.60 44.26
CA THR A 257 -5.19 -7.87 44.82
C THR A 257 -4.05 -7.33 43.97
N MET A 258 -4.31 -7.09 42.67
CA MET A 258 -3.25 -6.68 41.76
C MET A 258 -3.31 -5.22 41.34
N THR A 259 -4.35 -4.54 41.79
CA THR A 259 -4.50 -3.12 41.56
C THR A 259 -3.82 -2.33 42.66
N PRO A 260 -3.30 -1.14 42.36
CA PRO A 260 -3.29 -0.47 41.04
C PRO A 260 -2.42 -1.24 40.03
N PHE A 261 -2.90 -1.36 38.80
CA PHE A 261 -2.20 -2.19 37.84
C PHE A 261 -0.83 -1.64 37.43
N TYR A 262 -0.64 -0.32 37.52
CA TYR A 262 0.61 0.27 37.06
C TYR A 262 1.54 0.61 38.22
N GLU A 263 1.26 0.03 39.38
CA GLU A 263 2.09 0.18 40.59
C GLU A 263 2.44 -1.18 41.15
N GLN A 264 3.40 -1.21 42.06
CA GLN A 264 3.64 -2.39 42.86
C GLN A 264 3.09 -2.18 44.28
N GLY A 265 1.75 -2.23 44.39
CA GLY A 265 1.04 -2.02 45.66
C GLY A 265 0.45 -0.64 45.81
N THR B 3 -10.92 -5.31 -44.04
CA THR B 3 -10.75 -3.95 -44.62
C THR B 3 -9.26 -3.61 -44.85
N ALA B 4 -8.94 -3.14 -46.06
CA ALA B 4 -7.59 -2.67 -46.36
C ALA B 4 -7.43 -1.27 -45.82
N LYS B 5 -6.47 -1.13 -44.91
CA LYS B 5 -6.24 0.11 -44.19
C LYS B 5 -4.78 0.52 -44.32
N HIS B 6 -4.57 1.83 -44.25
CA HIS B 6 -3.22 2.37 -44.26
C HIS B 6 -3.12 3.75 -43.61
N ARG B 7 -2.29 3.82 -42.56
CA ARG B 7 -1.82 5.08 -41.98
C ARG B 7 -0.46 5.42 -42.62
N PRO B 8 -0.16 6.72 -42.84
CA PRO B 8 1.09 7.07 -43.52
C PRO B 8 2.32 6.56 -42.79
N SER B 9 3.21 5.93 -43.55
CA SER B 9 4.44 5.36 -43.02
C SER B 9 5.47 6.43 -42.68
N VAL B 10 6.01 6.32 -41.48
CA VAL B 10 7.11 7.19 -41.05
C VAL B 10 8.29 6.32 -40.69
N VAL B 11 9.43 6.63 -41.30
CA VAL B 11 10.72 6.01 -41.00
C VAL B 11 11.54 7.07 -40.25
N TRP B 12 11.99 6.74 -39.04
CA TRP B 12 12.72 7.67 -38.20
C TRP B 12 14.13 7.16 -38.02
N LEU B 13 15.12 7.93 -38.50
CA LEU B 13 16.52 7.52 -38.38
C LEU B 13 17.23 8.31 -37.30
N HIS B 14 18.10 7.63 -36.55
CA HIS B 14 18.94 8.26 -35.54
C HIS B 14 20.38 8.21 -35.99
N ASN B 15 20.97 9.38 -36.17
CA ASN B 15 22.35 9.51 -36.63
C ASN B 15 23.23 9.98 -35.47
N ALA B 16 23.92 11.11 -35.60
CA ALA B 16 24.74 11.63 -34.51
C ALA B 16 23.84 12.52 -33.65
N GLU B 17 23.26 11.91 -32.62
CA GLU B 17 22.21 12.50 -31.82
C GLU B 17 22.36 12.12 -30.37
N CYS B 18 21.63 12.83 -29.51
CA CYS B 18 21.64 12.56 -28.08
C CYS B 18 20.33 11.92 -27.63
N THR B 19 19.37 11.79 -28.56
CA THR B 19 18.04 11.17 -28.33
C THR B 19 17.10 12.12 -27.57
N GLY B 20 17.57 13.34 -27.35
CA GLY B 20 16.72 14.37 -26.69
C GLY B 20 15.53 14.78 -27.58
N CYS B 21 15.69 14.61 -28.90
CA CYS B 21 14.60 14.94 -29.83
C CYS B 21 13.49 13.88 -29.81
N THR B 22 13.87 12.60 -29.79
CA THR B 22 12.91 11.53 -29.55
C THR B 22 12.17 11.77 -28.22
N GLU B 23 12.95 12.09 -27.18
CA GLU B 23 12.34 12.34 -25.85
C GLU B 23 11.39 13.52 -25.91
N ALA B 24 11.77 14.61 -26.59
CA ALA B 24 10.87 15.75 -26.73
C ALA B 24 9.56 15.33 -27.41
N ALA B 25 9.67 14.56 -28.50
CA ALA B 25 8.49 14.15 -29.26
C ALA B 25 7.49 13.43 -28.40
N ILE B 26 7.98 12.57 -27.49
CA ILE B 26 7.05 11.79 -26.67
C ILE B 26 6.43 12.58 -25.52
N ARG B 27 6.79 13.84 -25.39
CA ARG B 27 6.13 14.75 -24.43
C ARG B 27 4.86 15.40 -25.05
N THR B 28 4.55 15.06 -26.29
CA THR B 28 3.33 15.58 -26.91
C THR B 28 2.06 15.23 -26.10
N ILE B 29 1.13 16.19 -26.00
CA ILE B 29 -0.19 15.91 -25.41
C ILE B 29 -1.35 16.22 -26.34
N LYS B 30 -1.05 16.68 -27.55
CA LYS B 30 -2.12 16.98 -28.51
C LYS B 30 -1.73 16.50 -29.91
N PRO B 31 -1.85 15.19 -30.16
CA PRO B 31 -2.29 14.13 -29.24
C PRO B 31 -1.13 13.54 -28.43
N TYR B 32 -1.44 12.65 -27.50
CA TYR B 32 -0.40 11.86 -26.85
C TYR B 32 0.22 10.93 -27.87
N ILE B 33 1.44 10.47 -27.57
CA ILE B 33 2.23 9.71 -28.54
C ILE B 33 1.56 8.37 -28.89
N ASP B 34 0.86 7.76 -27.93
CA ASP B 34 0.14 6.51 -28.24
C ASP B 34 -0.95 6.72 -29.31
N ALA B 35 -1.76 7.76 -29.15
CA ALA B 35 -2.81 8.07 -30.13
C ALA B 35 -2.16 8.35 -31.49
N LEU B 36 -1.05 9.10 -31.51
CA LEU B 36 -0.42 9.42 -32.77
C LEU B 36 -0.02 8.15 -33.52
N ILE B 37 0.61 7.21 -32.81
CA ILE B 37 1.16 6.03 -33.48
C ILE B 37 0.12 4.93 -33.68
N LEU B 38 -0.97 4.94 -32.92
CA LEU B 38 -2.07 4.00 -33.14
C LEU B 38 -3.04 4.49 -34.24
N ASP B 39 -3.25 5.79 -34.30
CA ASP B 39 -4.36 6.32 -35.11
C ASP B 39 -3.99 7.16 -36.31
N THR B 40 -2.83 7.82 -36.27
CA THR B 40 -2.53 8.85 -37.26
C THR B 40 -1.38 8.49 -38.18
N ILE B 41 -0.29 7.93 -37.64
CA ILE B 41 0.82 7.51 -38.44
C ILE B 41 1.09 6.04 -38.23
N SER B 42 1.89 5.45 -39.12
CA SER B 42 2.45 4.14 -38.92
C SER B 42 3.95 4.32 -38.72
N LEU B 43 4.38 4.28 -37.45
CA LEU B 43 5.78 4.48 -37.13
C LEU B 43 6.50 3.17 -37.35
N ASP B 44 7.22 3.08 -38.47
CA ASP B 44 7.67 1.78 -38.99
C ASP B 44 9.11 1.42 -38.69
N TYR B 45 9.88 2.39 -38.21
CA TYR B 45 11.25 2.16 -37.76
C TYR B 45 11.55 3.30 -36.82
N GLN B 46 12.05 2.98 -35.64
CA GLN B 46 12.39 3.96 -34.61
C GLN B 46 13.22 3.21 -33.58
N GLU B 47 14.53 3.37 -33.65
CA GLU B 47 15.44 2.53 -32.83
C GLU B 47 15.18 2.58 -31.32
N THR B 48 14.80 3.75 -30.81
CA THR B 48 14.65 3.93 -29.36
C THR B 48 13.51 3.10 -28.78
N ILE B 49 12.45 2.87 -29.55
CA ILE B 49 11.29 2.19 -28.96
C ILE B 49 10.85 0.91 -29.65
N MET B 50 11.39 0.59 -30.83
CA MET B 50 10.92 -0.58 -31.57
C MET B 50 11.29 -1.91 -30.91
N ALA B 51 10.42 -2.90 -31.12
CA ALA B 51 10.61 -4.20 -30.50
C ALA B 51 11.75 -4.98 -31.16
N ALA B 52 11.80 -5.00 -32.49
CA ALA B 52 12.85 -5.78 -33.19
C ALA B 52 14.22 -5.22 -32.91
N ALA B 53 15.23 -6.08 -32.95
CA ALA B 53 16.60 -5.65 -32.83
C ALA B 53 17.42 -6.37 -33.91
N GLY B 54 18.63 -5.88 -34.14
CA GLY B 54 19.57 -6.62 -34.99
C GLY B 54 19.02 -6.80 -36.40
N GLU B 55 19.20 -8.00 -36.95
CA GLU B 55 18.78 -8.25 -38.32
C GLU B 55 17.25 -8.06 -38.50
N ALA B 56 16.51 -8.34 -37.45
CA ALA B 56 15.06 -8.17 -37.50
C ALA B 56 14.69 -6.68 -37.62
N ALA B 57 15.47 -5.83 -36.96
CA ALA B 57 15.25 -4.39 -37.05
C ALA B 57 15.66 -3.89 -38.42
N GLU B 58 16.80 -4.36 -38.93
CA GLU B 58 17.25 -3.96 -40.27
C GLU B 58 16.23 -4.40 -41.32
N ALA B 59 15.67 -5.60 -41.15
CA ALA B 59 14.60 -6.11 -42.02
C ALA B 59 13.36 -5.21 -41.97
N ALA B 60 12.99 -4.75 -40.77
CA ALA B 60 11.86 -3.82 -40.65
C ALA B 60 12.14 -2.50 -41.39
N LEU B 61 13.36 -2.00 -41.29
CA LEU B 61 13.74 -0.80 -42.04
C LEU B 61 13.57 -1.01 -43.54
N HIS B 62 14.12 -2.12 -44.05
CA HIS B 62 14.07 -2.37 -45.48
C HIS B 62 12.64 -2.54 -45.96
N GLN B 63 11.84 -3.22 -45.13
CA GLN B 63 10.40 -3.38 -45.44
C GLN B 63 9.71 -2.01 -45.58
N ALA B 64 10.00 -1.10 -44.64
CA ALA B 64 9.45 0.25 -44.71
C ALA B 64 9.96 1.04 -45.91
N LEU B 65 11.26 0.97 -46.19
CA LEU B 65 11.84 1.73 -47.29
C LEU B 65 11.30 1.27 -48.65
N GLU B 66 10.94 -0.01 -48.73
CA GLU B 66 10.44 -0.60 -49.97
C GLU B 66 8.89 -0.61 -50.04
N GLY B 67 8.24 -0.01 -49.06
CA GLY B 67 6.76 -0.02 -49.01
C GLY B 67 6.15 0.65 -50.23
N LYS B 68 5.12 0.05 -50.79
CA LYS B 68 4.57 0.55 -52.04
C LYS B 68 3.80 1.85 -51.88
N ASP B 69 3.44 2.19 -50.64
CA ASP B 69 2.68 3.43 -50.36
C ASP B 69 3.61 4.61 -50.18
N GLY B 70 4.92 4.34 -50.13
CA GLY B 70 5.89 5.38 -49.81
C GLY B 70 5.95 5.68 -48.32
N TYR B 71 6.83 6.62 -47.96
CA TYR B 71 7.01 6.97 -46.57
C TYR B 71 7.55 8.39 -46.41
N TYR B 72 7.35 8.94 -45.22
CA TYR B 72 7.97 10.16 -44.77
C TYR B 72 9.19 9.80 -43.94
N LEU B 73 10.23 10.61 -44.05
CA LEU B 73 11.48 10.37 -43.33
C LEU B 73 11.62 11.44 -42.24
N VAL B 74 11.78 10.98 -41.00
CA VAL B 74 12.20 11.86 -39.90
C VAL B 74 13.66 11.59 -39.61
N VAL B 75 14.50 12.63 -39.56
CA VAL B 75 15.91 12.43 -39.24
C VAL B 75 16.24 13.16 -37.96
N GLU B 76 16.81 12.41 -37.01
CA GLU B 76 17.30 12.93 -35.74
C GLU B 76 18.80 12.79 -35.76
N GLY B 77 19.52 13.89 -35.53
CA GLY B 77 20.98 13.85 -35.48
C GLY B 77 21.66 14.33 -36.75
N GLY B 78 22.90 14.80 -36.57
CA GLY B 78 23.74 15.20 -37.72
C GLY B 78 24.38 13.98 -38.35
N LEU B 79 25.04 14.22 -39.49
CA LEU B 79 25.67 13.12 -40.22
C LEU B 79 27.19 13.21 -40.08
N PRO B 80 27.83 12.23 -39.43
CA PRO B 80 29.28 12.28 -39.27
C PRO B 80 29.96 11.77 -40.55
N THR B 81 30.67 12.65 -41.24
CA THR B 81 31.17 12.31 -42.57
C THR B 81 32.63 11.90 -42.63
N ILE B 82 33.44 12.15 -41.60
CA ILE B 82 34.86 11.86 -41.66
C ILE B 82 35.10 10.35 -41.86
N ASP B 83 36.27 10.01 -42.41
CA ASP B 83 36.65 8.60 -42.54
C ASP B 83 35.56 7.81 -43.26
N GLY B 84 35.05 8.33 -44.38
CA GLY B 84 34.03 7.61 -45.16
C GLY B 84 32.72 7.34 -44.43
N GLY B 85 32.41 8.16 -43.43
CA GLY B 85 31.18 7.99 -42.66
C GLY B 85 31.25 6.95 -41.58
N GLN B 86 32.44 6.39 -41.36
CA GLN B 86 32.58 5.22 -40.49
C GLN B 86 32.52 5.51 -38.99
N TRP B 87 32.54 6.78 -38.58
CA TRP B 87 32.48 7.09 -37.15
C TRP B 87 31.04 7.12 -36.61
N GLY B 88 30.06 6.85 -37.48
CA GLY B 88 28.68 6.70 -37.05
C GLY B 88 28.05 5.64 -37.95
N MET B 89 27.77 4.46 -37.37
CA MET B 89 27.32 3.30 -38.14
C MET B 89 26.16 2.61 -37.45
N VAL B 90 25.22 2.09 -38.25
CA VAL B 90 24.12 1.26 -37.76
C VAL B 90 24.09 0.03 -38.66
N ALA B 91 24.05 -1.15 -38.06
CA ALA B 91 24.03 -2.42 -38.83
C ALA B 91 25.20 -2.56 -39.80
N GLY B 92 26.32 -1.94 -39.45
CA GLY B 92 27.54 -2.01 -40.26
C GLY B 92 27.54 -1.10 -41.46
N HIS B 93 26.60 -0.16 -41.49
CA HIS B 93 26.53 0.83 -42.58
C HIS B 93 26.73 2.25 -42.09
N PRO B 94 27.54 3.05 -42.80
CA PRO B 94 27.62 4.46 -42.43
C PRO B 94 26.28 5.15 -42.41
N MET B 95 26.06 5.93 -41.34
CA MET B 95 24.83 6.70 -41.23
C MET B 95 24.56 7.58 -42.48
N ILE B 96 25.61 8.17 -43.04
CA ILE B 96 25.37 9.03 -44.20
C ILE B 96 24.82 8.21 -45.38
N GLU B 97 25.28 6.96 -45.49
CA GLU B 97 24.81 6.11 -46.59
C GLU B 97 23.33 5.76 -46.44
N THR B 98 22.94 5.33 -45.24
CA THR B 98 21.55 4.97 -45.02
C THR B 98 20.61 6.18 -45.15
N THR B 99 21.01 7.32 -44.58
CA THR B 99 20.19 8.52 -44.69
C THR B 99 20.08 8.98 -46.14
N LYS B 100 21.19 8.91 -46.89
CA LYS B 100 21.14 9.28 -48.32
C LYS B 100 20.14 8.41 -49.07
N LYS B 101 20.22 7.09 -48.85
CA LYS B 101 19.28 6.15 -49.48
C LYS B 101 17.82 6.44 -49.10
N ALA B 102 17.54 6.63 -47.80
CA ALA B 102 16.17 6.89 -47.32
C ALA B 102 15.64 8.22 -47.84
N ALA B 103 16.52 9.23 -47.88
CA ALA B 103 16.12 10.56 -48.33
C ALA B 103 15.72 10.54 -49.81
N ALA B 104 16.45 9.79 -50.62
CA ALA B 104 16.25 9.75 -52.06
C ALA B 104 14.83 9.34 -52.47
N LYS B 105 14.17 8.49 -51.70
CA LYS B 105 12.83 8.03 -52.06
C LYS B 105 11.73 8.54 -51.13
N ALA B 106 12.09 9.34 -50.14
CA ALA B 106 11.07 9.84 -49.19
C ALA B 106 10.06 10.78 -49.83
N LYS B 107 8.81 10.71 -49.38
CA LYS B 107 7.77 11.66 -49.78
C LYS B 107 8.07 13.05 -49.24
N GLY B 108 8.76 13.10 -48.11
CA GLY B 108 9.13 14.36 -47.48
C GLY B 108 10.12 14.04 -46.39
N ILE B 109 10.92 15.03 -46.01
CA ILE B 109 11.96 14.85 -45.00
C ILE B 109 11.76 15.89 -43.93
N ILE B 110 11.60 15.43 -42.67
CA ILE B 110 11.49 16.32 -41.54
C ILE B 110 12.71 16.12 -40.67
N CYS B 111 13.49 17.19 -40.49
CA CYS B 111 14.63 17.14 -39.59
C CYS B 111 14.20 17.61 -38.21
N ILE B 112 14.08 16.67 -37.28
CA ILE B 112 13.76 17.00 -35.89
C ILE B 112 15.05 17.35 -35.16
N GLY B 113 15.11 18.60 -34.71
CA GLY B 113 16.25 19.12 -33.97
C GLY B 113 17.29 19.90 -34.77
N THR B 114 17.99 20.77 -34.05
CA THR B 114 19.10 21.52 -34.62
C THR B 114 20.17 20.59 -35.23
N CYS B 115 20.39 19.42 -34.67
CA CYS B 115 21.43 18.55 -35.24
C CYS B 115 21.17 18.07 -36.67
N SER B 116 19.97 17.50 -36.90
CA SER B 116 19.67 17.06 -38.25
C SER B 116 19.45 18.27 -39.16
N ALA B 117 18.85 19.34 -38.64
CA ALA B 117 18.58 20.52 -39.48
C ALA B 117 19.88 21.16 -39.97
N TYR B 118 20.82 21.35 -39.05
CA TYR B 118 21.96 22.25 -39.29
C TYR B 118 23.32 21.68 -38.91
N GLY B 119 23.34 20.53 -38.26
CA GLY B 119 24.59 19.88 -37.87
C GLY B 119 24.73 19.69 -36.37
N GLY B 120 24.35 20.71 -35.60
CA GLY B 120 24.27 20.58 -34.14
C GLY B 120 25.56 20.45 -33.36
N VAL B 121 25.45 19.86 -32.18
CA VAL B 121 26.51 19.96 -31.19
C VAL B 121 27.81 19.33 -31.65
N GLN B 122 27.71 18.19 -32.37
CA GLN B 122 28.94 17.51 -32.84
C GLN B 122 29.64 18.29 -33.97
N LYS B 123 28.92 19.21 -34.61
CA LYS B 123 29.54 20.04 -35.66
C LYS B 123 30.30 21.23 -35.06
N ALA B 124 30.05 21.53 -33.79
CA ALA B 124 30.72 22.68 -33.17
C ALA B 124 32.25 22.53 -33.33
N LYS B 125 32.92 23.67 -33.49
CA LYS B 125 34.36 23.66 -33.70
C LYS B 125 35.08 22.85 -32.61
N PRO B 126 36.06 22.02 -33.02
CA PRO B 126 36.64 21.89 -34.35
C PRO B 126 36.03 20.79 -35.18
N ASN B 127 34.84 20.31 -34.80
CA ASN B 127 34.08 19.34 -35.58
C ASN B 127 34.90 18.06 -35.84
N PRO B 128 35.23 17.32 -34.79
CA PRO B 128 36.07 16.13 -34.91
C PRO B 128 35.57 15.10 -35.96
N SER B 129 34.24 14.91 -36.06
CA SER B 129 33.69 13.88 -36.92
C SER B 129 33.27 14.42 -38.29
N GLN B 130 33.56 15.70 -38.55
CA GLN B 130 33.03 16.37 -39.76
C GLN B 130 31.54 16.09 -39.91
N ALA B 131 30.83 16.42 -38.83
CA ALA B 131 29.37 16.32 -38.80
C ALA B 131 28.72 17.45 -39.61
N LYS B 132 27.68 17.08 -40.34
CA LYS B 132 26.96 18.01 -41.21
C LYS B 132 25.46 17.86 -40.97
N GLY B 133 24.71 18.95 -41.20
CA GLY B 133 23.24 18.84 -41.27
C GLY B 133 22.86 17.97 -42.48
N VAL B 134 21.60 17.55 -42.52
CA VAL B 134 21.16 16.70 -43.61
C VAL B 134 21.22 17.43 -44.95
N SER B 135 20.63 18.63 -45.05
CA SER B 135 20.73 19.39 -46.30
C SER B 135 22.18 19.70 -46.66
N GLU B 136 22.97 20.06 -45.66
CA GLU B 136 24.38 20.37 -45.86
C GLU B 136 25.10 19.19 -46.52
N ALA B 137 24.80 17.98 -46.06
CA ALA B 137 25.50 16.78 -46.51
C ALA B 137 24.98 16.27 -47.83
N LEU B 138 23.65 16.38 -48.03
CA LEU B 138 22.99 15.66 -49.11
C LEU B 138 22.51 16.55 -50.24
N GLY B 139 22.43 17.84 -49.99
CA GLY B 139 21.91 18.81 -50.98
C GLY B 139 20.43 18.67 -51.27
N VAL B 140 19.68 18.11 -50.32
CA VAL B 140 18.21 17.95 -50.39
C VAL B 140 17.53 18.98 -49.49
N LYS B 141 16.33 19.41 -49.87
CA LYS B 141 15.58 20.38 -49.06
C LYS B 141 14.91 19.60 -47.95
N THR B 142 14.90 20.17 -46.75
CA THR B 142 14.28 19.53 -45.60
C THR B 142 13.31 20.49 -44.90
N ILE B 143 12.33 19.93 -44.18
CA ILE B 143 11.47 20.72 -43.30
C ILE B 143 12.16 20.65 -41.93
N ASN B 144 12.66 21.80 -41.46
CA ASN B 144 13.48 21.82 -40.25
C ASN B 144 12.65 22.23 -39.05
N ILE B 145 12.74 21.40 -38.00
CA ILE B 145 12.06 21.65 -36.71
C ILE B 145 13.15 21.76 -35.65
N PRO B 146 13.90 22.90 -35.67
CA PRO B 146 15.06 22.99 -34.81
C PRO B 146 14.75 23.45 -33.39
N GLY B 147 15.82 23.59 -32.62
CA GLY B 147 15.73 23.64 -31.16
C GLY B 147 16.46 22.42 -30.65
N CYS B 148 16.86 22.48 -29.39
CA CYS B 148 17.75 21.47 -28.86
C CYS B 148 17.26 20.98 -27.48
N PRO B 149 16.12 20.30 -27.45
CA PRO B 149 15.33 19.88 -28.61
C PRO B 149 14.17 20.84 -28.92
N PRO B 150 13.54 20.69 -30.09
CA PRO B 150 12.30 21.43 -30.38
C PRO B 150 11.19 21.05 -29.43
N ASN B 151 10.26 21.98 -29.26
CA ASN B 151 8.99 21.65 -28.59
C ASN B 151 8.24 20.53 -29.34
N PRO B 152 7.68 19.54 -28.61
CA PRO B 152 6.82 18.60 -29.32
C PRO B 152 5.69 19.27 -30.08
N ILE B 153 5.20 20.41 -29.60
CA ILE B 153 4.11 21.11 -30.29
C ILE B 153 4.54 21.42 -31.74
N ASN B 154 5.81 21.76 -31.89
CA ASN B 154 6.32 22.18 -33.21
C ASN B 154 6.57 20.95 -34.08
N PHE B 155 7.13 19.90 -33.48
CA PHE B 155 7.38 18.69 -34.27
C PHE B 155 6.09 17.97 -34.66
N VAL B 156 5.28 17.63 -33.67
CA VAL B 156 4.01 16.95 -33.95
C VAL B 156 3.11 17.84 -34.79
N GLY B 157 3.10 19.15 -34.51
CA GLY B 157 2.30 20.08 -35.33
C GLY B 157 2.73 20.05 -36.78
N ALA B 158 4.04 20.00 -37.02
CA ALA B 158 4.56 19.94 -38.40
C ALA B 158 4.20 18.63 -39.07
N VAL B 159 4.36 17.51 -38.36
CA VAL B 159 3.99 16.20 -38.90
C VAL B 159 2.52 16.18 -39.31
N VAL B 160 1.65 16.63 -38.41
CA VAL B 160 0.22 16.64 -38.68
C VAL B 160 -0.10 17.58 -39.85
N HIS B 161 0.59 18.71 -39.92
CA HIS B 161 0.35 19.67 -41.01
C HIS B 161 0.72 19.01 -42.33
N VAL B 162 1.89 18.36 -42.37
CA VAL B 162 2.38 17.72 -43.61
C VAL B 162 1.39 16.66 -44.09
N LEU B 163 0.81 15.92 -43.16
CA LEU B 163 -0.11 14.84 -43.51
C LEU B 163 -1.48 15.33 -43.96
N THR B 164 -1.92 16.48 -43.48
CA THR B 164 -3.33 16.92 -43.65
C THR B 164 -3.53 18.16 -44.51
N LYS B 165 -2.48 18.99 -44.65
CA LYS B 165 -2.62 20.27 -45.35
C LYS B 165 -1.58 20.44 -46.44
N GLY B 166 -0.39 19.89 -46.22
CA GLY B 166 0.70 20.04 -47.14
C GLY B 166 1.93 20.59 -46.44
N ILE B 167 2.88 21.07 -47.23
CA ILE B 167 4.11 21.62 -46.68
C ILE B 167 3.78 22.99 -46.10
N PRO B 168 4.09 23.21 -44.80
CA PRO B 168 3.82 24.55 -44.26
C PRO B 168 4.78 25.58 -44.84
N ASP B 169 4.41 26.85 -44.79
CA ASP B 169 5.30 27.90 -45.29
C ASP B 169 6.57 27.89 -44.43
N LEU B 170 7.71 27.86 -45.10
CA LEU B 170 9.01 27.80 -44.41
C LEU B 170 9.77 29.09 -44.58
N ASP B 171 10.53 29.45 -43.56
CA ASP B 171 11.43 30.58 -43.65
C ASP B 171 12.73 30.17 -44.40
N GLU B 172 13.67 31.10 -44.49
CA GLU B 172 14.88 30.88 -45.24
C GLU B 172 15.80 29.82 -44.61
N ASN B 173 15.58 29.48 -43.33
CA ASN B 173 16.30 28.40 -42.65
C ASN B 173 15.48 27.08 -42.65
N GLY B 174 14.43 27.04 -43.47
CA GLY B 174 13.63 25.84 -43.64
C GLY B 174 12.65 25.53 -42.51
N ARG B 175 12.37 26.52 -41.68
CA ARG B 175 11.56 26.33 -40.48
C ARG B 175 10.13 26.77 -40.71
N PRO B 176 9.13 26.02 -40.23
CA PRO B 176 7.76 26.45 -40.46
C PRO B 176 7.48 27.76 -39.72
N LYS B 177 6.97 28.75 -40.45
CA LYS B 177 6.67 30.04 -39.86
C LYS B 177 5.58 29.95 -38.79
N LEU B 178 4.72 28.93 -38.89
CA LEU B 178 3.71 28.69 -37.86
C LEU B 178 4.30 28.66 -36.44
N PHE B 179 5.52 28.13 -36.31
CA PHE B 179 6.15 27.98 -35.00
C PHE B 179 7.36 28.86 -34.80
N TYR B 180 8.04 29.18 -35.91
CA TYR B 180 9.35 29.86 -35.90
C TYR B 180 9.32 31.25 -36.49
N GLY B 181 8.11 31.77 -36.71
CA GLY B 181 7.96 33.09 -37.36
C GLY B 181 8.30 34.31 -36.51
N GLU B 182 8.35 34.12 -35.20
CA GLU B 182 8.57 35.21 -34.25
C GLU B 182 9.80 34.97 -33.38
N LEU B 183 10.44 36.06 -32.96
CA LEU B 183 11.54 36.01 -32.02
C LEU B 183 11.03 35.61 -30.65
N VAL B 184 11.81 34.77 -29.98
CA VAL B 184 11.58 34.45 -28.55
C VAL B 184 11.31 35.77 -27.77
N HIS B 185 12.19 36.75 -27.99
CA HIS B 185 12.15 38.02 -27.26
C HIS B 185 10.83 38.75 -27.43
N ASP B 186 10.26 38.71 -28.64
CA ASP B 186 9.06 39.49 -28.88
C ASP B 186 7.84 39.05 -28.09
N ASN B 187 7.87 37.83 -27.57
CA ASN B 187 6.82 37.28 -26.75
C ASN B 187 7.24 37.04 -25.30
N CYS B 188 8.41 37.54 -24.94
CA CYS B 188 8.93 37.29 -23.59
C CYS B 188 8.24 38.17 -22.53
N PRO B 189 7.75 37.56 -21.42
CA PRO B 189 7.16 38.40 -20.39
C PRO B 189 8.10 39.40 -19.73
N ARG B 190 9.42 39.27 -19.94
CA ARG B 190 10.36 40.25 -19.39
C ARG B 190 10.59 41.42 -20.33
N LEU B 191 9.91 41.42 -21.48
CA LEU B 191 10.07 42.49 -22.49
C LEU B 191 9.86 43.90 -21.92
N PRO B 192 8.86 44.12 -21.04
CA PRO B 192 8.75 45.48 -20.47
C PRO B 192 10.00 45.89 -19.68
N HIS B 193 10.68 44.95 -19.05
CA HIS B 193 11.95 45.26 -18.38
C HIS B 193 13.02 45.62 -19.40
N PHE B 194 13.12 44.82 -20.45
CA PHE B 194 14.11 45.12 -21.49
C PHE B 194 13.90 46.54 -22.03
N GLU B 195 12.66 46.89 -22.34
CA GLU B 195 12.34 48.20 -22.92
C GLU B 195 12.71 49.34 -21.98
N ALA B 196 12.56 49.11 -20.67
CA ALA B 196 12.96 50.06 -19.61
C ALA B 196 14.44 49.93 -19.19
N SER B 197 15.20 49.14 -19.93
CA SER B 197 16.61 48.90 -19.61
C SER B 197 16.80 48.46 -18.15
N GLU B 198 15.95 47.53 -17.71
CA GLU B 198 15.97 46.96 -16.37
C GLU B 198 16.51 45.54 -16.46
N PHE B 199 17.78 45.41 -16.11
CA PHE B 199 18.55 44.19 -16.34
C PHE B 199 19.12 43.63 -15.04
N ALA B 200 19.17 42.31 -14.97
CA ALA B 200 19.92 41.61 -13.90
C ALA B 200 21.43 41.63 -14.23
N PRO B 201 22.28 42.16 -13.32
CA PRO B 201 23.71 42.21 -13.64
C PRO B 201 24.43 40.91 -13.31
N SER B 202 23.80 40.04 -12.52
CA SER B 202 24.39 38.76 -12.12
C SER B 202 23.23 37.88 -11.65
N PHE B 203 23.49 36.58 -11.55
CA PHE B 203 22.43 35.68 -11.12
C PHE B 203 22.04 35.80 -9.65
N ASP B 204 22.98 36.26 -8.81
CA ASP B 204 22.70 36.44 -7.38
C ASP B 204 22.05 37.77 -7.04
N SER B 205 21.92 38.67 -8.02
CA SER B 205 21.47 40.04 -7.75
C SER B 205 20.00 40.15 -7.39
N GLU B 206 19.67 41.21 -6.66
CA GLU B 206 18.27 41.48 -6.38
C GLU B 206 17.47 41.68 -7.66
N GLU B 207 18.11 42.26 -8.68
CA GLU B 207 17.43 42.43 -9.97
C GLU B 207 17.03 41.08 -10.57
N ALA B 208 17.92 40.08 -10.49
CA ALA B 208 17.53 38.73 -10.93
C ALA B 208 16.34 38.19 -10.13
N LYS B 209 16.37 38.39 -8.80
CA LYS B 209 15.25 37.93 -7.96
C LYS B 209 13.92 38.56 -8.34
N LYS B 210 13.98 39.82 -8.77
CA LYS B 210 12.81 40.60 -9.22
C LYS B 210 12.34 40.25 -10.62
N GLY B 211 13.09 39.40 -11.33
CA GLY B 211 12.68 38.96 -12.68
C GLY B 211 13.03 39.97 -13.76
N PHE B 212 14.09 40.73 -13.53
CA PHE B 212 14.53 41.70 -14.57
C PHE B 212 15.06 40.94 -15.80
N CYS B 213 15.19 41.66 -16.92
CA CYS B 213 15.61 41.06 -18.18
C CYS B 213 17.01 40.48 -18.06
N LEU B 214 17.25 39.39 -18.78
CA LEU B 214 18.50 38.61 -18.70
C LEU B 214 19.52 38.93 -19.81
N TYR B 215 19.27 40.01 -20.55
CA TYR B 215 20.11 40.36 -21.70
C TYR B 215 21.60 40.53 -21.35
N GLU B 216 21.87 41.15 -20.21
CA GLU B 216 23.28 41.38 -19.80
C GLU B 216 23.97 40.08 -19.40
N LEU B 217 23.16 39.04 -19.14
CA LEU B 217 23.68 37.71 -18.80
C LEU B 217 23.70 36.78 -20.02
N GLY B 218 23.55 37.37 -21.21
CA GLY B 218 23.79 36.61 -22.42
C GLY B 218 22.57 36.18 -23.21
N CYS B 219 21.38 36.62 -22.79
CA CYS B 219 20.15 36.10 -23.41
C CYS B 219 20.15 36.32 -24.91
N LYS B 220 19.95 35.22 -25.64
CA LYS B 220 19.88 35.29 -27.11
C LYS B 220 18.44 35.34 -27.63
N GLY B 221 17.47 35.54 -26.74
CA GLY B 221 16.09 35.70 -27.17
C GLY B 221 15.90 36.69 -28.31
N PRO B 222 16.60 37.84 -28.26
CA PRO B 222 16.46 38.85 -29.32
C PRO B 222 16.92 38.46 -30.73
N VAL B 223 17.65 37.34 -30.84
CA VAL B 223 18.16 36.88 -32.14
C VAL B 223 17.73 35.45 -32.44
N THR B 224 16.77 34.91 -31.68
CA THR B 224 16.38 33.51 -31.79
C THR B 224 14.90 33.41 -32.15
N TYR B 225 14.62 32.65 -33.22
CA TYR B 225 13.25 32.43 -33.67
C TYR B 225 12.71 31.14 -33.08
N ASN B 226 11.74 31.25 -32.19
CA ASN B 226 11.11 30.08 -31.58
C ASN B 226 9.88 30.60 -30.83
N ASN B 227 9.05 29.67 -30.38
CA ASN B 227 7.78 30.04 -29.76
C ASN B 227 7.71 29.73 -28.26
N CYS B 228 8.87 29.56 -27.65
CA CYS B 228 9.00 29.11 -26.25
C CYS B 228 8.13 29.85 -25.23
N PRO B 229 8.18 31.20 -25.17
CA PRO B 229 7.35 31.85 -24.15
C PRO B 229 5.85 31.70 -24.42
N LYS B 230 5.50 31.53 -25.69
CA LYS B 230 4.08 31.47 -26.06
C LYS B 230 3.44 30.15 -25.68
N VAL B 231 4.16 29.06 -25.92
CA VAL B 231 3.58 27.72 -25.71
C VAL B 231 4.09 27.00 -24.46
N LEU B 232 5.22 27.46 -23.95
CA LEU B 232 5.93 26.83 -22.82
C LEU B 232 6.38 25.41 -23.17
N PHE B 233 7.14 24.84 -22.23
CA PHE B 233 7.53 23.44 -22.28
C PHE B 233 6.84 22.71 -21.15
N ASN B 234 6.40 21.48 -21.45
CA ASN B 234 5.84 20.57 -20.44
C ASN B 234 4.62 21.20 -19.76
N GLN B 235 3.99 22.15 -20.47
CA GLN B 235 2.78 22.84 -19.97
C GLN B 235 3.05 23.69 -18.73
N VAL B 236 4.32 23.95 -18.38
CA VAL B 236 4.64 24.64 -17.12
C VAL B 236 5.71 25.73 -17.12
N ASN B 237 6.65 25.74 -18.07
CA ASN B 237 7.83 26.58 -17.87
C ASN B 237 8.60 26.82 -19.16
N TRP B 238 9.52 27.78 -19.11
CA TRP B 238 10.52 27.91 -20.18
C TRP B 238 11.77 28.53 -19.56
N PRO B 239 12.93 28.50 -20.26
CA PRO B 239 14.17 28.87 -19.59
C PRO B 239 14.16 30.25 -18.93
N VAL B 240 13.67 31.28 -19.61
CA VAL B 240 13.69 32.63 -19.00
C VAL B 240 12.77 32.71 -17.77
N GLN B 241 11.65 32.00 -17.80
CA GLN B 241 10.78 31.95 -16.62
C GLN B 241 11.52 31.29 -15.45
N ALA B 242 12.41 30.34 -15.76
CA ALA B 242 13.28 29.73 -14.74
C ALA B 242 14.57 30.55 -14.49
N GLY B 243 14.58 31.80 -14.93
CA GLY B 243 15.65 32.74 -14.61
C GLY B 243 16.91 32.63 -15.41
N HIS B 244 16.88 31.86 -16.51
CA HIS B 244 18.11 31.61 -17.27
C HIS B 244 18.00 32.18 -18.69
N PRO B 245 19.10 32.78 -19.21
CA PRO B 245 19.04 33.28 -20.58
C PRO B 245 18.79 32.19 -21.62
N CYS B 246 18.16 32.58 -22.71
CA CYS B 246 18.07 31.76 -23.92
C CYS B 246 19.47 31.59 -24.53
N LEU B 247 19.75 30.35 -24.94
CA LEU B 247 21.02 30.01 -25.60
C LEU B 247 21.00 30.19 -27.11
N GLY B 248 19.80 30.39 -27.65
CA GLY B 248 19.66 30.49 -29.10
C GLY B 248 19.59 29.15 -29.81
N CYS B 249 18.99 28.17 -29.14
CA CYS B 249 19.22 26.79 -29.53
C CYS B 249 18.49 26.33 -30.80
N SER B 250 17.57 27.14 -31.33
CA SER B 250 16.92 26.83 -32.60
C SER B 250 17.59 27.54 -33.79
N GLU B 251 18.72 28.21 -33.57
CA GLU B 251 19.44 28.89 -34.65
C GLU B 251 20.54 28.01 -35.20
N PRO B 252 20.74 28.06 -36.53
CA PRO B 252 21.82 27.25 -37.10
C PRO B 252 23.17 27.55 -36.48
N ASP B 253 23.92 26.50 -36.20
CA ASP B 253 25.30 26.61 -35.74
C ASP B 253 25.40 27.41 -34.43
N PHE B 254 24.36 27.35 -33.59
CA PHE B 254 24.33 28.22 -32.40
C PHE B 254 25.49 27.98 -31.44
N TRP B 255 26.01 26.73 -31.42
CA TRP B 255 27.11 26.39 -30.55
C TRP B 255 28.32 27.26 -30.82
N ASP B 256 28.44 27.74 -32.06
CA ASP B 256 29.54 28.66 -32.40
C ASP B 256 29.12 30.12 -32.57
N THR B 257 27.86 30.37 -32.91
CA THR B 257 27.46 31.76 -33.16
C THR B 257 26.90 32.45 -31.92
N MET B 258 26.43 31.67 -30.94
CA MET B 258 25.79 32.23 -29.74
C MET B 258 26.64 32.14 -28.48
N THR B 259 27.82 31.54 -28.60
CA THR B 259 28.79 31.44 -27.51
C THR B 259 29.79 32.59 -27.58
N PRO B 260 30.30 33.05 -26.42
CA PRO B 260 29.99 32.53 -25.09
C PRO B 260 28.54 32.78 -24.69
N PHE B 261 27.95 31.79 -24.05
CA PHE B 261 26.52 31.87 -23.75
C PHE B 261 26.15 32.97 -22.76
N TYR B 262 27.08 33.35 -21.88
CA TYR B 262 26.75 34.34 -20.87
C TYR B 262 27.23 35.74 -21.22
N GLU B 263 27.53 35.95 -22.50
CA GLU B 263 27.95 37.26 -23.00
C GLU B 263 27.15 37.63 -24.23
N GLN B 264 27.27 38.89 -24.64
CA GLN B 264 26.75 39.29 -25.94
C GLN B 264 27.95 39.40 -26.91
N GLY B 265 28.39 38.26 -27.46
CA GLY B 265 29.43 38.22 -28.50
CA GLY B 265 29.63 38.19 -28.25
C GLY B 265 28.97 38.63 -29.88
C GLY B 265 30.94 37.81 -27.54
N PRO C 20 -46.34 -15.09 -0.44
CA PRO C 20 -46.46 -14.08 0.61
C PRO C 20 -45.62 -14.46 1.83
N THR C 21 -45.18 -13.46 2.60
CA THR C 21 -44.39 -13.72 3.83
C THR C 21 -45.25 -14.56 4.77
N PRO C 22 -44.77 -15.77 5.13
CA PRO C 22 -45.62 -16.64 5.95
C PRO C 22 -45.99 -16.00 7.29
N GLN C 23 -47.23 -16.19 7.69
CA GLN C 23 -47.77 -15.53 8.86
C GLN C 23 -48.97 -16.33 9.37
N SER C 24 -48.91 -16.70 10.64
CA SER C 24 -50.00 -17.38 11.31
C SER C 24 -51.14 -16.40 11.63
N THR C 25 -52.20 -16.93 12.25
CA THR C 25 -53.27 -16.11 12.81
C THR C 25 -53.16 -15.94 14.33
N PHE C 26 -52.00 -16.32 14.88
CA PHE C 26 -51.81 -16.36 16.33
C PHE C 26 -52.03 -15.01 17.01
N THR C 27 -52.84 -14.99 18.07
CA THR C 27 -52.99 -13.83 18.94
C THR C 27 -52.66 -14.25 20.36
N GLY C 28 -51.72 -13.54 20.98
CA GLY C 28 -51.30 -13.82 22.34
C GLY C 28 -49.85 -13.42 22.54
N PRO C 29 -49.34 -13.68 23.74
CA PRO C 29 -47.98 -13.32 24.09
C PRO C 29 -46.98 -14.34 23.58
N ILE C 30 -45.77 -13.88 23.30
CA ILE C 30 -44.62 -14.78 23.07
C ILE C 30 -43.46 -14.22 23.88
N VAL C 31 -42.78 -15.09 24.63
CA VAL C 31 -41.53 -14.73 25.31
C VAL C 31 -40.43 -15.59 24.70
N VAL C 32 -39.32 -14.96 24.38
CA VAL C 32 -38.13 -15.70 23.95
C VAL C 32 -36.99 -15.38 24.93
N ASP C 33 -36.65 -16.38 25.72
CA ASP C 33 -35.64 -16.23 26.77
C ASP C 33 -35.09 -17.62 27.04
N PRO C 34 -33.82 -17.87 26.70
CA PRO C 34 -32.80 -16.94 26.20
C PRO C 34 -32.90 -16.62 24.72
N ILE C 35 -32.55 -15.38 24.38
CA ILE C 35 -32.18 -15.10 23.01
C ILE C 35 -30.76 -15.64 22.86
N THR C 36 -30.62 -16.68 22.06
CA THR C 36 -29.32 -17.28 21.82
C THR C 36 -28.66 -16.59 20.63
N ARG C 37 -27.39 -16.91 20.39
CA ARG C 37 -26.62 -16.33 19.29
C ARG C 37 -26.60 -14.79 19.36
N ILE C 38 -26.53 -14.32 20.61
CA ILE C 38 -26.10 -12.96 20.91
C ILE C 38 -25.07 -13.04 22.01
N GLU C 39 -24.46 -11.91 22.35
CA GLU C 39 -23.66 -11.87 23.56
C GLU C 39 -24.59 -11.45 24.69
N GLY C 40 -24.54 -12.20 25.78
CA GLY C 40 -25.25 -11.79 27.00
C GLY C 40 -26.69 -12.27 27.11
N HIS C 41 -27.40 -11.73 28.10
CA HIS C 41 -28.66 -12.34 28.55
C HIS C 41 -29.86 -11.46 28.29
N LEU C 42 -30.58 -11.80 27.22
CA LEU C 42 -31.74 -11.02 26.75
C LEU C 42 -33.00 -11.87 26.76
N ARG C 43 -34.07 -11.26 27.27
CA ARG C 43 -35.43 -11.79 27.24
C ARG C 43 -36.24 -10.83 26.35
N ILE C 44 -36.89 -11.36 25.31
CA ILE C 44 -37.78 -10.54 24.49
C ILE C 44 -39.20 -10.97 24.81
N MET C 45 -40.06 -10.01 25.12
CA MET C 45 -41.49 -10.27 25.26
C MET C 45 -42.22 -9.51 24.19
N VAL C 46 -43.15 -10.18 23.52
CA VAL C 46 -44.02 -9.53 22.54
C VAL C 46 -45.48 -9.87 22.76
N GLU C 47 -46.37 -8.97 22.32
CA GLU C 47 -47.79 -9.30 22.18
C GLU C 47 -48.02 -9.40 20.68
N VAL C 48 -48.64 -10.49 20.25
CA VAL C 48 -48.91 -10.77 18.84
C VAL C 48 -50.42 -10.71 18.62
N GLU C 49 -50.83 -10.15 17.49
CA GLU C 49 -52.25 -10.14 17.14
C GLU C 49 -52.38 -10.53 15.68
N ASN C 50 -53.21 -11.57 15.41
CA ASN C 50 -53.43 -12.06 14.05
C ASN C 50 -52.08 -12.29 13.32
N GLY C 51 -51.14 -12.87 14.05
CA GLY C 51 -49.85 -13.26 13.48
C GLY C 51 -48.80 -12.19 13.31
N LYS C 52 -49.06 -10.97 13.78
CA LYS C 52 -48.02 -9.92 13.75
C LYS C 52 -47.79 -9.32 15.12
N VAL C 53 -46.53 -9.01 15.40
CA VAL C 53 -46.17 -8.38 16.67
C VAL C 53 -46.81 -6.99 16.75
N LYS C 54 -47.55 -6.77 17.84
CA LYS C 54 -48.22 -5.49 18.07
C LYS C 54 -47.54 -4.65 19.14
N ASP C 55 -46.82 -5.31 20.07
CA ASP C 55 -46.06 -4.56 21.08
C ASP C 55 -44.89 -5.41 21.50
N ALA C 56 -43.87 -4.75 22.04
CA ALA C 56 -42.59 -5.39 22.30
C ALA C 56 -41.87 -4.77 23.47
N TRP C 57 -41.11 -5.62 24.15
CA TRP C 57 -40.24 -5.26 25.29
C TRP C 57 -38.88 -5.94 25.16
N SER C 58 -37.82 -5.15 25.32
CA SER C 58 -36.45 -5.68 25.33
C SER C 58 -35.94 -5.68 26.77
N SER C 59 -35.86 -6.88 27.35
CA SER C 59 -35.59 -7.02 28.78
C SER C 59 -34.22 -7.66 29.07
N SER C 60 -33.23 -6.84 29.40
CA SER C 60 -31.89 -7.31 29.69
C SER C 60 -31.82 -7.89 31.10
N GLN C 61 -31.23 -9.09 31.21
CA GLN C 61 -31.44 -9.96 32.39
C GLN C 61 -30.22 -10.16 33.30
N LEU C 62 -29.12 -9.46 33.05
CA LEU C 62 -27.95 -9.51 33.94
C LEU C 62 -27.45 -8.12 34.22
N PHE C 63 -27.15 -7.85 35.50
CA PHE C 63 -26.40 -6.66 35.91
C PHE C 63 -25.09 -7.05 36.55
N ARG C 64 -24.01 -6.36 36.19
CA ARG C 64 -22.70 -6.54 36.86
C ARG C 64 -22.24 -5.29 37.63
N GLY C 65 -22.37 -4.10 37.04
CA GLY C 65 -22.11 -2.85 37.78
C GLY C 65 -20.69 -2.33 37.73
N LEU C 66 -20.07 -2.41 36.56
CA LEU C 66 -18.70 -1.94 36.42
C LEU C 66 -18.54 -0.45 36.79
N GLU C 67 -19.54 0.39 36.53
CA GLU C 67 -19.44 1.81 36.88
C GLU C 67 -19.33 1.98 38.41
N ILE C 68 -20.05 1.14 39.16
CA ILE C 68 -20.02 1.22 40.61
C ILE C 68 -18.64 0.74 41.10
N ILE C 69 -18.19 -0.38 40.55
CA ILE C 69 -16.89 -0.96 40.88
C ILE C 69 -15.71 0.00 40.66
N LEU C 70 -15.82 0.86 39.65
CA LEU C 70 -14.71 1.77 39.34
C LEU C 70 -14.57 2.94 40.29
N LYS C 71 -15.61 3.25 41.05
CA LYS C 71 -15.55 4.45 41.91
C LYS C 71 -14.39 4.36 42.88
N GLY C 72 -13.60 5.43 42.95
CA GLY C 72 -12.49 5.50 43.91
C GLY C 72 -11.20 4.89 43.40
N ARG C 73 -11.23 4.24 42.23
CA ARG C 73 -10.03 3.59 41.71
C ARG C 73 -9.14 4.55 40.92
N ASP C 74 -7.92 4.10 40.63
CA ASP C 74 -6.95 4.82 39.79
C ASP C 74 -7.53 4.93 38.38
N PRO C 75 -7.60 6.16 37.81
CA PRO C 75 -8.09 6.29 36.44
C PRO C 75 -7.29 5.44 35.43
N ARG C 76 -6.00 5.20 35.68
CA ARG C 76 -5.22 4.33 34.77
C ARG C 76 -5.77 2.90 34.72
N ASP C 77 -6.46 2.47 35.77
CA ASP C 77 -6.95 1.09 35.83
C ASP C 77 -8.25 0.94 35.06
N ALA C 78 -8.91 2.05 34.72
CA ALA C 78 -10.29 1.96 34.18
C ALA C 78 -10.37 1.06 32.94
N GLN C 79 -9.45 1.26 31.98
CA GLN C 79 -9.52 0.51 30.73
C GLN C 79 -9.48 -1.00 30.94
N HIS C 80 -8.80 -1.44 32.00
CA HIS C 80 -8.66 -2.87 32.24
C HIS C 80 -9.95 -3.48 32.75
N PHE C 81 -10.65 -2.73 33.61
CA PHE C 81 -11.99 -3.12 34.05
C PHE C 81 -13.02 -2.99 32.94
N THR C 82 -13.06 -1.84 32.26
CA THR C 82 -14.11 -1.65 31.28
C THR C 82 -13.96 -2.54 30.05
N GLN C 83 -12.74 -2.99 29.75
CA GLN C 83 -12.61 -3.92 28.63
C GLN C 83 -13.49 -5.17 28.86
N ARG C 84 -13.58 -5.54 30.13
CA ARG C 84 -14.38 -6.68 30.55
C ARG C 84 -15.87 -6.40 30.57
N ALA C 85 -16.32 -5.22 30.11
CA ALA C 85 -17.73 -5.09 29.76
C ALA C 85 -18.13 -6.18 28.75
N CYS C 86 -17.22 -6.55 27.87
CA CYS C 86 -17.56 -7.49 26.81
C CYS C 86 -16.33 -8.04 26.13
N GLY C 87 -16.34 -9.36 25.89
CA GLY C 87 -15.25 -10.01 25.17
C GLY C 87 -15.56 -10.37 23.73
N VAL C 88 -16.79 -10.07 23.29
CA VAL C 88 -17.11 -10.17 21.87
C VAL C 88 -16.54 -8.93 21.16
N CSX C 89 -17.02 -7.76 21.57
CA CSX C 89 -16.40 -6.48 21.20
CB CSX C 89 -17.42 -5.32 21.11
SG CSX C 89 -18.08 -4.82 22.64
C CSX C 89 -15.27 -6.23 22.18
O CSX C 89 -15.19 -5.20 22.89
OD CSX C 89 -18.12 -6.12 23.36
N THR C 90 -14.36 -7.19 22.25
CA THR C 90 -13.12 -6.96 22.96
C THR C 90 -12.42 -5.74 22.36
N TYR C 91 -11.46 -5.20 23.10
CA TYR C 91 -10.71 -3.98 22.78
C TYR C 91 -11.47 -2.68 22.85
N VAL C 92 -12.69 -2.63 22.31
CA VAL C 92 -13.31 -1.34 22.10
C VAL C 92 -13.52 -0.54 23.39
N HIS C 93 -13.80 -1.21 24.50
CA HIS C 93 -13.94 -0.46 25.76
C HIS C 93 -12.60 -0.02 26.30
N ALA C 94 -11.55 -0.80 26.11
CA ALA C 94 -10.20 -0.34 26.49
C ALA C 94 -9.83 0.91 25.68
N LEU C 95 -10.21 0.92 24.40
CA LEU C 95 -9.96 2.08 23.56
C LEU C 95 -10.78 3.28 24.03
N ALA C 96 -12.09 3.08 24.28
CA ALA C 96 -12.92 4.20 24.73
C ALA C 96 -12.42 4.74 26.08
N SER C 97 -12.04 3.85 26.98
CA SER C 97 -11.54 4.32 28.28
C SER C 97 -10.21 5.03 28.14
N SER C 98 -9.35 4.55 27.24
CA SER C 98 -8.05 5.22 27.04
C SER C 98 -8.28 6.59 26.41
N ARG C 99 -9.20 6.68 25.42
CA ARG C 99 -9.52 7.97 24.85
C ARG C 99 -10.10 8.91 25.93
N CYS C 100 -10.95 8.37 26.79
CA CYS C 100 -11.58 9.12 27.85
C CYS C 100 -10.54 9.67 28.86
N VAL C 101 -9.65 8.81 29.35
CA VAL C 101 -8.64 9.24 30.30
C VAL C 101 -7.60 10.16 29.62
N ASP C 102 -7.25 9.87 28.36
CA ASP C 102 -6.39 10.78 27.61
C ASP C 102 -7.00 12.20 27.57
N ASP C 103 -8.31 12.28 27.33
CA ASP C 103 -8.98 13.58 27.30
C ASP C 103 -8.97 14.22 28.67
N ALA C 104 -9.25 13.43 29.71
CA ALA C 104 -9.33 13.97 31.08
C ALA C 104 -7.99 14.52 31.56
N VAL C 105 -6.88 13.88 31.15
CA VAL C 105 -5.55 14.34 31.57
C VAL C 105 -4.98 15.32 30.55
N LYS C 106 -5.72 15.55 29.47
CA LYS C 106 -5.37 16.50 28.39
C LYS C 106 -4.00 16.17 27.76
N VAL C 107 -3.86 14.90 27.39
CA VAL C 107 -2.72 14.46 26.60
C VAL C 107 -3.18 14.14 25.18
N SER C 108 -2.37 14.56 24.21
CA SER C 108 -2.55 14.19 22.82
C SER C 108 -1.63 13.03 22.48
N ILE C 109 -2.20 11.89 22.10
CA ILE C 109 -1.36 10.73 21.79
C ILE C 109 -0.56 10.98 20.49
N PRO C 110 0.63 10.36 20.37
CA PRO C 110 1.42 10.50 19.14
C PRO C 110 0.70 9.88 17.93
N ALA C 111 1.05 10.38 16.75
CA ALA C 111 0.42 9.88 15.52
C ALA C 111 0.50 8.36 15.40
N ASN C 112 1.65 7.78 15.76
CA ASN C 112 1.77 6.30 15.66
C ASN C 112 0.74 5.58 16.52
N ALA C 113 0.46 6.17 17.70
CA ALA C 113 -0.53 5.56 18.61
C ALA C 113 -1.94 5.69 18.08
N ARG C 114 -2.26 6.83 17.46
CA ARG C 114 -3.55 6.96 16.77
C ARG C 114 -3.67 5.90 15.68
N MET C 115 -2.62 5.75 14.88
CA MET C 115 -2.63 4.75 13.79
C MET C 115 -2.79 3.33 14.33
N MET C 116 -2.06 3.00 15.40
CA MET C 116 -2.11 1.62 15.91
C MET C 116 -3.47 1.33 16.54
N ARG C 117 -3.97 2.30 17.32
CA ARG C 117 -5.28 2.12 17.94
C ARG C 117 -6.35 1.97 16.87
N ASN C 118 -6.28 2.73 15.78
CA ASN C 118 -7.31 2.64 14.76
C ASN C 118 -7.22 1.37 13.94
N LEU C 119 -5.99 0.89 13.70
CA LEU C 119 -5.81 -0.41 13.02
C LEU C 119 -6.34 -1.56 13.85
N VAL C 120 -6.11 -1.51 15.17
CA VAL C 120 -6.69 -2.57 16.01
C VAL C 120 -8.22 -2.55 15.95
N MET C 121 -8.81 -1.35 15.91
CA MET C 121 -10.26 -1.23 15.74
C MET C 121 -10.70 -1.83 14.39
N ALA C 122 -9.94 -1.57 13.32
CA ALA C 122 -10.26 -2.13 12.01
C ALA C 122 -10.21 -3.66 12.04
N SER C 123 -9.17 -4.22 12.68
CA SER C 123 -9.05 -5.66 12.81
C SER C 123 -10.24 -6.23 13.59
N GLN C 124 -10.69 -5.51 14.64
CA GLN C 124 -11.87 -5.93 15.38
C GLN C 124 -13.12 -5.94 14.54
N TYR C 125 -13.34 -4.87 13.72
CA TYR C 125 -14.50 -4.89 12.81
C TYR C 125 -14.52 -6.15 11.94
N LEU C 126 -13.35 -6.51 11.40
CA LEU C 126 -13.29 -7.67 10.48
C LEU C 126 -13.62 -8.98 11.22
N HIS C 127 -12.98 -9.17 12.38
CA HIS C 127 -13.23 -10.40 13.13
C HIS C 127 -14.72 -10.47 13.50
N ASP C 128 -15.21 -9.36 14.07
CA ASP C 128 -16.52 -9.33 14.71
C ASP C 128 -17.65 -9.50 13.68
N HIS C 129 -17.60 -8.73 12.59
CA HIS C 129 -18.69 -8.83 11.61
C HIS C 129 -18.71 -10.21 10.90
N LEU C 130 -17.53 -10.79 10.65
CA LEU C 130 -17.50 -12.12 10.02
C LEU C 130 -18.16 -13.17 10.92
N VAL C 131 -17.79 -13.17 12.21
CA VAL C 131 -18.38 -14.11 13.16
C VAL C 131 -19.87 -13.81 13.29
N HIS C 132 -20.24 -12.53 13.32
CA HIS C 132 -21.66 -12.25 13.50
C HIS C 132 -22.49 -12.84 12.36
N PHE C 133 -22.09 -12.56 11.13
CA PHE C 133 -22.90 -13.02 10.00
C PHE C 133 -23.01 -14.55 10.00
N TYR C 134 -21.87 -15.23 10.07
CA TYR C 134 -21.93 -16.69 9.97
C TYR C 134 -22.44 -17.38 11.22
N HIS C 135 -21.84 -17.03 12.36
CA HIS C 135 -22.04 -17.84 13.57
C HIS C 135 -23.19 -17.38 14.44
N ALA C 136 -23.56 -16.11 14.33
CA ALA C 136 -24.73 -15.62 15.05
C ALA C 136 -25.98 -15.55 14.18
N HIS C 137 -25.87 -14.98 13.00
CA HIS C 137 -27.05 -14.59 12.23
C HIS C 137 -27.52 -15.67 11.26
N ALA C 138 -26.59 -16.34 10.60
CA ALA C 138 -26.94 -17.19 9.47
C ALA C 138 -27.96 -18.27 9.78
N LEU C 139 -27.92 -18.84 10.98
CA LEU C 139 -28.85 -19.93 11.33
C LEU C 139 -30.32 -19.49 11.43
N ASP C 140 -30.58 -18.18 11.37
CA ASP C 140 -31.94 -17.66 11.25
C ASP C 140 -32.48 -17.75 9.82
N TRP C 141 -31.58 -17.98 8.86
CA TRP C 141 -31.91 -17.90 7.43
C TRP C 141 -31.56 -19.19 6.69
N VAL C 142 -30.63 -19.96 7.25
CA VAL C 142 -30.06 -21.13 6.61
C VAL C 142 -30.57 -22.37 7.34
N ASP C 143 -31.17 -23.30 6.59
CA ASP C 143 -31.62 -24.58 7.14
C ASP C 143 -30.50 -25.61 6.95
N VAL C 144 -29.75 -25.92 8.02
CA VAL C 144 -28.60 -26.80 7.88
C VAL C 144 -28.98 -28.22 7.50
N THR C 145 -30.12 -28.69 7.97
CA THR C 145 -30.56 -30.03 7.58
C THR C 145 -30.93 -30.11 6.09
N ALA C 146 -31.44 -29.01 5.52
CA ALA C 146 -31.72 -29.00 4.07
C ALA C 146 -30.43 -29.07 3.25
N ALA C 147 -29.32 -28.56 3.79
CA ALA C 147 -28.02 -28.70 3.12
C ALA C 147 -27.66 -30.17 2.86
N LEU C 148 -28.16 -31.08 3.70
CA LEU C 148 -27.87 -32.50 3.56
C LEU C 148 -28.46 -33.07 2.29
N LYS C 149 -29.50 -32.42 1.77
CA LYS C 149 -30.24 -32.86 0.58
C LYS C 149 -29.68 -32.29 -0.72
N ALA C 150 -28.80 -31.29 -0.60
CA ALA C 150 -28.34 -30.56 -1.77
C ALA C 150 -27.55 -31.46 -2.72
N ASP C 151 -27.57 -31.08 -4.00
CA ASP C 151 -26.72 -31.72 -5.00
C ASP C 151 -25.43 -30.89 -5.03
N PRO C 152 -24.28 -31.49 -4.62
CA PRO C 152 -23.06 -30.66 -4.57
C PRO C 152 -22.60 -30.15 -5.95
N ASN C 153 -22.93 -30.88 -7.02
CA ASN C 153 -22.61 -30.39 -8.35
C ASN C 153 -23.44 -29.15 -8.69
N LYS C 154 -24.74 -29.20 -8.42
CA LYS C 154 -25.59 -28.01 -8.60
C LYS C 154 -25.13 -26.87 -7.69
N ALA C 155 -24.70 -27.19 -6.47
CA ALA C 155 -24.24 -26.15 -5.53
C ALA C 155 -22.96 -25.49 -6.06
N ALA C 156 -22.05 -26.30 -6.61
CA ALA C 156 -20.80 -25.75 -7.15
C ALA C 156 -21.06 -24.85 -8.36
N LYS C 157 -22.00 -25.25 -9.21
CA LYS C 157 -22.38 -24.44 -10.37
C LYS C 157 -22.97 -23.11 -9.89
N LEU C 158 -23.87 -23.17 -8.91
CA LEU C 158 -24.45 -21.94 -8.36
C LEU C 158 -23.36 -21.07 -7.75
N ALA C 159 -22.47 -21.67 -6.94
CA ALA C 159 -21.40 -20.90 -6.31
C ALA C 159 -20.49 -20.20 -7.33
N ALA C 160 -20.22 -20.86 -8.44
CA ALA C 160 -19.39 -20.28 -9.48
C ALA C 160 -20.09 -19.10 -10.15
N SER C 161 -21.42 -19.09 -10.11
CA SER C 161 -22.19 -18.02 -10.74
C SER C 161 -22.35 -16.78 -9.85
N ILE C 162 -22.26 -16.97 -8.52
CA ILE C 162 -22.58 -15.89 -7.56
C ILE C 162 -21.38 -15.37 -6.81
N ALA C 163 -20.21 -15.99 -7.05
CA ALA C 163 -19.02 -15.65 -6.29
C ALA C 163 -17.79 -15.92 -7.11
N PRO C 164 -16.69 -15.25 -6.76
CA PRO C 164 -15.41 -15.56 -7.37
C PRO C 164 -15.03 -17.04 -7.29
N ALA C 165 -14.36 -17.52 -8.34
CA ALA C 165 -13.87 -18.89 -8.41
C ALA C 165 -12.93 -19.16 -7.25
N ARG C 166 -13.15 -20.28 -6.56
CA ARG C 166 -12.29 -20.65 -5.41
C ARG C 166 -12.40 -22.13 -5.14
N PRO C 167 -11.29 -22.76 -4.70
CA PRO C 167 -11.30 -24.20 -4.51
C PRO C 167 -12.30 -24.68 -3.45
N GLY C 168 -12.56 -23.85 -2.44
CA GLY C 168 -13.52 -24.22 -1.40
C GLY C 168 -14.95 -24.29 -1.88
N ASN C 169 -15.19 -23.78 -3.09
CA ASN C 169 -16.53 -23.84 -3.67
C ASN C 169 -16.68 -24.96 -4.72
N SER C 170 -15.66 -25.79 -4.85
CA SER C 170 -15.75 -26.90 -5.81
C SER C 170 -16.80 -27.93 -5.38
N ALA C 171 -17.29 -28.74 -6.31
CA ALA C 171 -18.20 -29.83 -5.94
C ALA C 171 -17.57 -30.77 -4.90
N LYS C 172 -16.28 -31.04 -5.05
CA LYS C 172 -15.57 -31.93 -4.13
C LYS C 172 -15.58 -31.32 -2.72
N ALA C 173 -15.29 -30.02 -2.61
CA ALA C 173 -15.17 -29.38 -1.31
C ALA C 173 -16.56 -29.33 -0.65
N LEU C 174 -17.57 -28.99 -1.43
CA LEU C 174 -18.91 -28.90 -0.91
C LEU C 174 -19.47 -30.26 -0.53
N LYS C 175 -19.15 -31.29 -1.31
CA LYS C 175 -19.55 -32.65 -0.95
C LYS C 175 -18.88 -33.09 0.35
N ALA C 176 -17.61 -32.72 0.55
CA ALA C 176 -16.89 -33.06 1.77
C ALA C 176 -17.57 -32.43 2.98
N VAL C 177 -18.01 -31.18 2.85
CA VAL C 177 -18.75 -30.54 3.95
C VAL C 177 -20.05 -31.32 4.21
N GLN C 178 -20.75 -31.63 3.13
CA GLN C 178 -22.00 -32.34 3.24
C GLN C 178 -21.79 -33.69 3.92
N ASP C 179 -20.74 -34.42 3.54
CA ASP C 179 -20.47 -35.70 4.20
C ASP C 179 -20.15 -35.57 5.71
N LYS C 180 -19.47 -34.49 6.10
CA LYS C 180 -19.17 -34.25 7.52
C LYS C 180 -20.48 -34.02 8.28
N LEU C 181 -21.38 -33.24 7.68
CA LEU C 181 -22.67 -32.93 8.31
C LEU C 181 -23.53 -34.19 8.41
N LYS C 182 -23.53 -35.02 7.36
CA LYS C 182 -24.27 -36.30 7.38
C LYS C 182 -23.80 -37.21 8.51
N ALA C 183 -22.49 -37.31 8.68
CA ALA C 183 -21.94 -38.17 9.74
C ALA C 183 -22.30 -37.65 11.13
N PHE C 184 -22.27 -36.33 11.30
CA PHE C 184 -22.71 -35.69 12.54
C PHE C 184 -24.19 -35.96 12.83
N VAL C 185 -25.08 -35.71 11.86
CA VAL C 185 -26.52 -35.90 12.13
C VAL C 185 -26.81 -37.38 12.40
N GLU C 186 -26.09 -38.29 11.74
CA GLU C 186 -26.37 -39.75 11.85
C GLU C 186 -25.96 -40.31 13.23
N SER C 187 -25.10 -39.57 13.93
CA SER C 187 -24.76 -39.91 15.31
C SER C 187 -25.96 -39.76 16.27
N GLY C 188 -26.96 -38.99 15.85
CA GLY C 188 -28.15 -38.70 16.67
C GLY C 188 -27.91 -37.59 17.70
N GLN C 189 -26.68 -37.12 17.84
CA GLN C 189 -26.36 -36.06 18.78
C GLN C 189 -26.22 -34.77 18.00
N LEU C 190 -27.31 -34.00 17.90
CA LEU C 190 -27.32 -32.82 17.05
C LEU C 190 -26.58 -31.64 17.67
N GLY C 191 -26.22 -31.74 18.96
CA GLY C 191 -25.40 -30.73 19.61
C GLY C 191 -26.02 -29.35 19.51
N ILE C 192 -25.27 -28.39 18.96
CA ILE C 192 -25.74 -27.01 18.87
C ILE C 192 -26.97 -26.85 17.94
N PHE C 193 -27.31 -27.89 17.16
CA PHE C 193 -28.52 -27.83 16.31
C PHE C 193 -29.75 -28.46 16.94
N THR C 194 -29.61 -28.91 18.21
CA THR C 194 -30.70 -29.55 18.94
C THR C 194 -31.89 -28.58 19.00
N ASN C 195 -33.06 -29.04 18.55
CA ASN C 195 -34.29 -28.24 18.57
C ASN C 195 -34.22 -26.97 17.74
N ALA C 196 -33.33 -26.94 16.74
CA ALA C 196 -33.28 -25.78 15.86
C ALA C 196 -34.65 -25.51 15.24
N TYR C 197 -34.97 -24.24 15.05
CA TYR C 197 -36.26 -23.87 14.49
C TYR C 197 -36.49 -24.42 13.09
N PHE C 198 -35.42 -24.74 12.37
CA PHE C 198 -35.61 -25.27 11.02
C PHE C 198 -35.84 -26.79 10.98
N LEU C 199 -35.60 -27.50 12.09
CA LEU C 199 -35.76 -28.95 12.09
C LEU C 199 -37.17 -29.35 11.70
N GLY C 200 -37.27 -30.29 10.77
CA GLY C 200 -38.57 -30.78 10.38
C GLY C 200 -39.24 -29.89 9.35
N GLY C 201 -38.56 -28.83 8.95
CA GLY C 201 -39.14 -27.86 8.03
C GLY C 201 -39.81 -26.70 8.74
N HIS C 202 -39.63 -25.51 8.17
CA HIS C 202 -40.23 -24.30 8.73
C HIS C 202 -40.53 -23.35 7.56
N LYS C 203 -41.77 -22.87 7.48
CA LYS C 203 -42.16 -22.06 6.31
C LYS C 203 -41.42 -20.72 6.14
N ALA C 204 -40.85 -20.22 7.23
CA ALA C 204 -40.10 -18.97 7.17
C ALA C 204 -38.70 -19.15 6.58
N TYR C 205 -38.27 -20.39 6.38
CA TYR C 205 -36.95 -20.65 5.79
C TYR C 205 -37.13 -20.90 4.28
N TYR C 206 -36.55 -20.03 3.45
CA TYR C 206 -36.85 -19.97 2.02
C TYR C 206 -35.80 -20.57 1.10
N LEU C 207 -34.59 -20.81 1.61
CA LEU C 207 -33.46 -21.08 0.71
C LEU C 207 -33.51 -22.44 0.03
N PRO C 208 -33.05 -22.50 -1.23
CA PRO C 208 -32.79 -23.78 -1.89
C PRO C 208 -31.73 -24.54 -1.11
N PRO C 209 -31.83 -25.89 -1.07
CA PRO C 209 -30.81 -26.68 -0.35
C PRO C 209 -29.38 -26.35 -0.77
N GLU C 210 -29.16 -26.04 -2.05
CA GLU C 210 -27.82 -25.74 -2.56
C GLU C 210 -27.25 -24.46 -1.93
N VAL C 211 -28.12 -23.46 -1.70
CA VAL C 211 -27.68 -22.25 -1.00
C VAL C 211 -27.40 -22.56 0.49
N ASP C 212 -28.23 -23.39 1.12
CA ASP C 212 -27.93 -23.82 2.49
C ASP C 212 -26.55 -24.50 2.57
N LEU C 213 -26.22 -25.36 1.59
CA LEU C 213 -24.93 -26.04 1.58
C LEU C 213 -23.75 -25.06 1.42
N ILE C 214 -23.87 -24.14 0.46
CA ILE C 214 -22.79 -23.15 0.25
C ILE C 214 -22.57 -22.34 1.55
N ALA C 215 -23.65 -21.84 2.14
CA ALA C 215 -23.55 -21.04 3.38
C ALA C 215 -22.96 -21.85 4.55
N THR C 216 -23.34 -23.13 4.64
CA THR C 216 -22.86 -23.99 5.74
C THR C 216 -21.37 -24.30 5.55
N ALA C 217 -20.96 -24.56 4.31
CA ALA C 217 -19.53 -24.75 4.02
C ALA C 217 -18.74 -23.51 4.46
N HIS C 218 -19.26 -22.31 4.13
CA HIS C 218 -18.60 -21.06 4.54
C HIS C 218 -18.66 -20.78 6.05
N TYR C 219 -19.74 -21.18 6.71
CA TYR C 219 -19.83 -21.11 8.18
C TYR C 219 -18.63 -21.85 8.79
N LEU C 220 -18.38 -23.07 8.30
CA LEU C 220 -17.24 -23.82 8.80
C LEU C 220 -15.91 -23.15 8.43
N GLU C 221 -15.76 -22.70 7.19
CA GLU C 221 -14.52 -22.01 6.81
C GLU C 221 -14.33 -20.77 7.69
N ALA C 222 -15.43 -20.09 8.03
CA ALA C 222 -15.33 -18.85 8.80
C ALA C 222 -14.84 -19.12 10.22
N LEU C 223 -15.13 -20.31 10.75
CA LEU C 223 -14.57 -20.69 12.06
C LEU C 223 -13.04 -20.70 12.01
N HIS C 224 -12.47 -21.11 10.88
CA HIS C 224 -11.01 -21.07 10.73
C HIS C 224 -10.53 -19.67 10.43
N MET C 225 -11.27 -18.95 9.59
CA MET C 225 -10.81 -17.63 9.17
C MET C 225 -10.84 -16.64 10.34
N GLN C 226 -11.81 -16.79 11.25
CA GLN C 226 -11.82 -15.87 12.40
C GLN C 226 -10.58 -16.03 13.29
N VAL C 227 -10.01 -17.23 13.38
CA VAL C 227 -8.73 -17.40 14.07
C VAL C 227 -7.65 -16.50 13.45
N LYS C 228 -7.58 -16.47 12.11
CA LYS C 228 -6.60 -15.62 11.43
C LYS C 228 -6.89 -14.14 11.68
N ALA C 229 -8.16 -13.76 11.67
CA ALA C 229 -8.53 -12.37 11.96
C ALA C 229 -8.11 -11.95 13.36
N ALA C 230 -8.27 -12.86 14.31
CA ALA C 230 -7.84 -12.56 15.70
C ALA C 230 -6.33 -12.53 15.86
N SER C 231 -5.62 -13.41 15.13
CA SER C 231 -4.16 -13.38 15.12
C SER C 231 -3.63 -12.05 14.58
N ALA C 232 -4.22 -11.58 13.49
CA ALA C 232 -3.84 -10.26 12.97
C ALA C 232 -4.01 -9.22 14.08
N MET C 233 -5.18 -9.20 14.70
CA MET C 233 -5.43 -8.22 15.73
C MET C 233 -4.41 -8.30 16.87
N ALA C 234 -4.04 -9.53 17.26
CA ALA C 234 -3.09 -9.74 18.36
C ALA C 234 -1.65 -9.34 18.04
N ILE C 235 -1.27 -9.31 16.75
CA ILE C 235 0.08 -8.80 16.43
C ILE C 235 0.27 -7.39 17.00
N LEU C 236 -0.78 -6.58 16.86
CA LEU C 236 -0.76 -5.22 17.38
C LEU C 236 -1.28 -5.13 18.82
N GLY C 237 -2.27 -5.96 19.14
CA GLY C 237 -2.97 -5.84 20.41
C GLY C 237 -2.42 -6.64 21.57
N GLY C 238 -1.45 -7.52 21.31
CA GLY C 238 -0.88 -8.35 22.38
C GLY C 238 -1.53 -9.72 22.54
N LYS C 239 -2.86 -9.77 22.48
CA LYS C 239 -3.62 -11.01 22.55
C LYS C 239 -5.06 -10.69 22.21
N ASN C 240 -5.82 -11.73 21.87
CA ASN C 240 -7.24 -11.60 21.63
C ASN C 240 -7.86 -12.92 22.11
N PRO C 241 -8.87 -12.86 23.01
CA PRO C 241 -9.54 -11.64 23.48
C PRO C 241 -8.77 -10.88 24.53
N HIS C 242 -9.20 -9.62 24.67
CA HIS C 242 -8.78 -8.67 25.68
C HIS C 242 -7.36 -8.19 25.46
N THR C 243 -7.27 -7.18 24.60
CA THR C 243 -5.98 -6.68 24.18
C THR C 243 -5.26 -6.01 25.37
N GLN C 244 -3.96 -5.77 25.21
CA GLN C 244 -3.16 -5.27 26.35
C GLN C 244 -1.98 -4.50 25.75
N PHE C 245 -2.31 -3.40 25.05
CA PHE C 245 -1.26 -2.60 24.35
C PHE C 245 -1.53 -1.11 24.47
N THR C 246 -2.62 -0.73 25.10
CA THR C 246 -2.96 0.68 25.26
C THR C 246 -2.54 1.17 26.62
N VAL C 247 -2.11 2.42 26.68
CA VAL C 247 -1.74 3.07 27.95
C VAL C 247 -2.21 4.52 27.84
N VAL C 248 -2.29 5.20 28.99
CA VAL C 248 -2.59 6.64 28.95
C VAL C 248 -1.47 7.30 28.18
N GLY C 249 -1.85 8.12 27.20
CA GLY C 249 -0.85 8.79 26.39
C GLY C 249 -0.48 8.06 25.09
N GLY C 250 -0.97 6.84 24.89
CA GLY C 250 -0.71 6.17 23.62
C GLY C 250 -0.77 4.66 23.68
N CYS C 251 0.31 4.02 23.22
CA CYS C 251 0.40 2.55 23.20
C CYS C 251 1.76 2.11 23.70
N SER C 252 1.85 0.82 24.05
CA SER C 252 3.09 0.27 24.58
C SER C 252 3.87 -0.59 23.60
N ASN C 253 3.23 -0.94 22.47
CA ASN C 253 3.70 -2.02 21.62
C ASN C 253 4.68 -1.52 20.55
N TYR C 254 5.91 -1.22 20.97
CA TYR C 254 6.95 -0.81 20.02
C TYR C 254 7.18 -1.87 18.93
N GLN C 255 7.07 -3.14 19.28
CA GLN C 255 7.30 -4.19 18.30
C GLN C 255 6.27 -4.13 17.17
N GLY C 256 5.09 -3.59 17.47
CA GLY C 256 4.02 -3.45 16.47
C GLY C 256 4.32 -2.45 15.37
N LEU C 257 5.40 -1.66 15.53
CA LEU C 257 5.85 -0.74 14.47
C LEU C 257 6.95 -1.33 13.60
N THR C 258 7.36 -2.57 13.87
CA THR C 258 8.50 -3.19 13.19
C THR C 258 8.08 -4.00 11.96
N LYS C 259 9.06 -4.21 11.09
CA LYS C 259 8.83 -4.76 9.73
C LYS C 259 8.18 -6.13 9.68
N ASP C 260 8.71 -7.09 10.43
CA ASP C 260 8.18 -8.43 10.32
C ASP C 260 6.75 -8.58 10.85
N PRO C 261 6.46 -8.04 12.06
CA PRO C 261 5.08 -8.07 12.53
C PRO C 261 4.13 -7.40 11.53
N LEU C 262 4.51 -6.25 10.96
CA LEU C 262 3.58 -5.57 10.05
C LEU C 262 3.41 -6.31 8.73
N ALA C 263 4.46 -7.00 8.26
CA ALA C 263 4.31 -7.84 7.08
C ALA C 263 3.33 -8.98 7.36
N ASN C 264 3.42 -9.59 8.53
CA ASN C 264 2.52 -10.68 8.90
C ASN C 264 1.10 -10.15 9.09
N TYR C 265 0.98 -8.97 9.70
CA TYR C 265 -0.30 -8.33 9.92
C TYR C 265 -1.00 -8.08 8.58
N LEU C 266 -0.26 -7.54 7.61
CA LEU C 266 -0.81 -7.32 6.28
C LEU C 266 -1.20 -8.62 5.58
N ALA C 267 -0.34 -9.63 5.64
CA ALA C 267 -0.61 -10.93 5.00
C ALA C 267 -1.87 -11.56 5.60
N LEU C 268 -2.00 -11.58 6.92
CA LEU C 268 -3.19 -12.15 7.54
C LEU C 268 -4.43 -11.36 7.19
N SER C 269 -4.29 -10.04 7.22
CA SER C 269 -5.42 -9.16 6.88
C SER C 269 -5.88 -9.36 5.43
N LYS C 270 -4.93 -9.56 4.52
CA LYS C 270 -5.25 -9.82 3.11
C LYS C 270 -6.04 -11.14 2.97
N GLU C 271 -5.64 -12.17 3.74
CA GLU C 271 -6.37 -13.45 3.70
C GLU C 271 -7.79 -13.28 4.21
N VAL C 272 -7.95 -12.60 5.35
CA VAL C 272 -9.28 -12.37 5.91
C VAL C 272 -10.15 -11.56 4.92
N CYS C 273 -9.57 -10.55 4.31
CA CYS C 273 -10.30 -9.72 3.36
C CYS C 273 -10.65 -10.47 2.09
N GLN C 274 -9.80 -11.41 1.68
CA GLN C 274 -10.17 -12.28 0.53
C GLN C 274 -11.42 -13.09 0.89
N PHE C 275 -11.51 -13.57 2.12
CA PHE C 275 -12.68 -14.30 2.56
C PHE C 275 -13.92 -13.42 2.65
N VAL C 276 -13.74 -12.18 3.12
CA VAL C 276 -14.83 -11.22 3.14
C VAL C 276 -15.39 -11.05 1.72
N ASN C 277 -14.50 -10.82 0.77
CA ASN C 277 -14.94 -10.53 -0.59
C ASN C 277 -15.39 -11.76 -1.37
N GLU C 278 -14.82 -12.93 -1.08
CA GLU C 278 -15.16 -14.16 -1.82
C GLU C 278 -16.37 -14.88 -1.26
N CYS C 279 -16.55 -14.78 0.05
CA CYS C 279 -17.55 -15.57 0.75
C CYS C 279 -18.60 -14.74 1.48
N TYR C 280 -18.17 -13.85 2.37
CA TYR C 280 -19.14 -13.11 3.19
C TYR C 280 -20.09 -12.28 2.31
N ILE C 281 -19.54 -11.39 1.50
CA ILE C 281 -20.40 -10.52 0.74
C ILE C 281 -21.26 -11.30 -0.25
N PRO C 282 -20.67 -12.26 -1.00
CA PRO C 282 -21.55 -12.98 -1.92
C PRO C 282 -22.63 -13.79 -1.22
N ASP C 283 -22.32 -14.36 -0.06
CA ASP C 283 -23.33 -15.13 0.70
C ASP C 283 -24.42 -14.23 1.26
N LEU C 284 -24.00 -13.07 1.79
CA LEU C 284 -24.93 -12.07 2.30
C LEU C 284 -25.93 -11.66 1.21
N LEU C 285 -25.40 -11.37 0.03
CA LEU C 285 -26.25 -10.91 -1.07
C LEU C 285 -27.14 -12.03 -1.60
N ALA C 286 -26.61 -13.26 -1.70
CA ALA C 286 -27.40 -14.38 -2.17
C ALA C 286 -28.54 -14.66 -1.20
N VAL C 287 -28.26 -14.68 0.11
CA VAL C 287 -29.29 -14.93 1.10
C VAL C 287 -30.32 -13.80 1.10
N ALA C 288 -29.85 -12.55 1.12
CA ALA C 288 -30.75 -11.39 1.11
C ALA C 288 -31.67 -11.40 -0.14
N GLY C 289 -31.16 -11.90 -1.26
CA GLY C 289 -31.94 -11.96 -2.49
C GLY C 289 -33.16 -12.85 -2.37
N PHE C 290 -33.10 -13.86 -1.50
CA PHE C 290 -34.24 -14.74 -1.28
C PHE C 290 -35.22 -14.20 -0.25
N TYR C 291 -34.77 -13.22 0.53
CA TYR C 291 -35.53 -12.66 1.64
C TYR C 291 -35.83 -11.18 1.44
N LYS C 292 -36.17 -10.79 0.21
CA LYS C 292 -36.39 -9.36 -0.11
C LYS C 292 -37.59 -8.78 0.64
N ASP C 293 -38.52 -9.65 1.02
CA ASP C 293 -39.64 -9.22 1.90
C ASP C 293 -39.15 -8.59 3.20
N TRP C 294 -37.97 -9.03 3.65
CA TRP C 294 -37.39 -8.51 4.88
C TRP C 294 -36.86 -7.07 4.73
N GLY C 295 -36.93 -6.52 3.52
CA GLY C 295 -36.66 -5.12 3.29
C GLY C 295 -37.85 -4.24 3.69
N GLY C 296 -38.94 -4.87 4.13
CA GLY C 296 -40.14 -4.15 4.57
C GLY C 296 -40.52 -4.40 6.03
N ILE C 297 -39.59 -5.02 6.77
CA ILE C 297 -39.78 -5.44 8.16
C ILE C 297 -38.59 -4.89 8.96
N GLY C 298 -38.84 -4.34 10.14
CA GLY C 298 -37.79 -4.00 11.09
C GLY C 298 -37.14 -2.64 11.00
N GLY C 299 -37.82 -1.68 10.37
CA GLY C 299 -37.26 -0.35 10.21
C GLY C 299 -37.40 0.55 11.42
N THR C 300 -36.49 1.51 11.51
CA THR C 300 -36.55 2.57 12.52
C THR C 300 -36.25 3.86 11.76
N SER C 301 -36.09 4.99 12.47
CA SER C 301 -36.03 6.30 11.78
C SER C 301 -34.91 7.23 12.15
N ASN C 302 -34.27 7.03 13.31
CA ASN C 302 -33.21 7.95 13.73
C ASN C 302 -31.87 7.22 13.88
N TYR C 303 -30.79 7.85 13.44
CA TYR C 303 -29.47 7.22 13.43
C TYR C 303 -28.40 8.14 13.98
N LEU C 304 -27.49 7.55 14.76
CA LEU C 304 -26.42 8.31 15.38
C LEU C 304 -25.11 7.57 15.19
N ALA C 305 -24.03 8.32 14.91
CA ALA C 305 -22.67 7.78 14.96
C ALA C 305 -21.72 8.83 15.49
N PHE C 306 -20.73 8.36 16.26
CA PHE C 306 -19.61 9.22 16.65
C PHE C 306 -18.46 9.23 15.65
N GLY C 307 -18.57 8.41 14.62
CA GLY C 307 -17.50 8.23 13.65
C GLY C 307 -16.40 7.33 14.15
N GLU C 308 -15.65 6.75 13.22
CA GLU C 308 -14.43 6.02 13.60
C GLU C 308 -13.38 6.20 12.53
N PHE C 309 -12.14 5.85 12.86
CA PHE C 309 -11.00 5.91 11.90
C PHE C 309 -10.69 7.38 11.59
N ALA C 310 -10.48 8.14 12.65
CA ALA C 310 -10.15 9.56 12.53
C ALA C 310 -8.69 9.80 12.23
N THR C 311 -8.46 10.88 11.50
CA THR C 311 -7.10 11.34 11.25
C THR C 311 -6.57 12.28 12.34
N ASP C 312 -7.47 12.77 13.18
CA ASP C 312 -7.09 13.62 14.31
C ASP C 312 -7.93 13.17 15.50
N ASP C 313 -7.27 12.48 16.43
CA ASP C 313 -7.92 12.00 17.65
C ASP C 313 -7.40 12.79 18.85
N SER C 314 -6.94 14.02 18.65
CA SER C 314 -6.40 14.84 19.75
C SER C 314 -7.49 15.33 20.73
N SER C 315 -8.75 15.28 20.32
CA SER C 315 -9.85 15.67 21.19
C SER C 315 -11.12 14.98 20.70
N PRO C 316 -12.15 14.91 21.58
CA PRO C 316 -13.43 14.34 21.11
C PRO C 316 -14.02 15.09 19.91
N GLU C 317 -13.93 16.41 19.91
CA GLU C 317 -14.44 17.20 18.79
C GLU C 317 -13.65 16.92 17.50
N LYS C 318 -12.32 16.79 17.60
CA LYS C 318 -11.52 16.38 16.41
C LYS C 318 -11.86 14.98 15.95
N HIS C 319 -12.16 14.08 16.89
CA HIS C 319 -12.58 12.75 16.47
C HIS C 319 -13.90 12.83 15.67
N LEU C 320 -14.88 13.58 16.19
CA LEU C 320 -16.17 13.70 15.50
C LEU C 320 -15.97 14.32 14.12
N ALA C 321 -15.03 15.28 14.01
CA ALA C 321 -14.86 16.01 12.73
C ALA C 321 -14.07 15.27 11.68
N THR C 322 -13.14 14.43 12.11
CA THR C 322 -12.14 13.90 11.19
C THR C 322 -12.24 12.39 10.99
N SER C 323 -13.23 11.75 11.62
CA SER C 323 -13.46 10.33 11.38
C SER C 323 -13.72 10.00 9.90
N GLN C 324 -12.98 9.03 9.37
CA GLN C 324 -13.14 8.64 7.97
C GLN C 324 -14.46 7.92 7.69
N PHE C 325 -14.97 7.19 8.70
CA PHE C 325 -16.38 6.76 8.72
C PHE C 325 -17.03 7.88 9.54
N PRO C 326 -17.76 8.81 8.88
CA PRO C 326 -18.08 10.06 9.57
C PRO C 326 -19.12 9.96 10.69
N SER C 327 -19.11 10.98 11.56
CA SER C 327 -20.11 11.09 12.62
C SER C 327 -21.34 11.84 12.13
N GLY C 328 -22.44 11.77 12.87
CA GLY C 328 -23.60 12.61 12.57
C GLY C 328 -24.86 12.09 13.22
N VAL C 329 -25.94 12.83 12.97
CA VAL C 329 -27.25 12.48 13.50
C VAL C 329 -28.27 12.67 12.38
N ILE C 330 -29.06 11.63 12.11
CA ILE C 330 -30.15 11.67 11.15
C ILE C 330 -31.43 11.41 11.96
N THR C 331 -32.43 12.24 11.71
CA THR C 331 -33.70 12.18 12.41
C THR C 331 -34.79 11.96 11.36
N GLY C 332 -35.73 11.06 11.65
CA GLY C 332 -36.91 10.87 10.80
C GLY C 332 -36.57 10.48 9.37
N ARG C 333 -35.53 9.66 9.22
CA ARG C 333 -35.05 9.17 7.93
C ARG C 333 -34.61 10.27 6.94
N ASP C 334 -34.38 11.47 7.43
CA ASP C 334 -34.09 12.59 6.54
C ASP C 334 -32.59 12.64 6.24
N LEU C 335 -32.19 12.05 5.12
CA LEU C 335 -30.79 12.02 4.74
C LEU C 335 -30.28 13.38 4.20
N GLY C 336 -31.20 14.30 3.94
CA GLY C 336 -30.85 15.66 3.55
C GLY C 336 -30.39 16.57 4.68
N LYS C 337 -30.52 16.11 5.92
CA LYS C 337 -30.22 16.95 7.06
C LYS C 337 -29.42 16.18 8.15
N VAL C 338 -28.16 15.88 7.83
CA VAL C 338 -27.26 15.24 8.81
C VAL C 338 -26.75 16.33 9.76
N ASP C 339 -27.08 16.21 11.04
CA ASP C 339 -26.64 17.19 12.01
C ASP C 339 -25.36 16.74 12.67
N ASN C 340 -24.58 17.71 13.14
CA ASN C 340 -23.40 17.40 13.98
C ASN C 340 -23.86 16.82 15.31
N VAL C 341 -23.05 15.91 15.86
CA VAL C 341 -23.32 15.37 17.19
C VAL C 341 -23.05 16.44 18.25
N ASP C 342 -24.05 16.69 19.08
CA ASP C 342 -23.91 17.55 20.24
C ASP C 342 -23.73 16.65 21.46
N LEU C 343 -22.50 16.54 21.95
CA LEU C 343 -22.24 15.68 23.13
C LEU C 343 -23.01 16.09 24.39
N GLY C 344 -23.37 17.37 24.45
CA GLY C 344 -24.17 17.91 25.57
C GLY C 344 -25.62 17.44 25.57
N ALA C 345 -26.07 16.92 24.42
CA ALA C 345 -27.48 16.51 24.25
C ALA C 345 -27.77 15.05 24.59
N ILE C 346 -26.73 14.28 24.85
CA ILE C 346 -26.87 12.87 25.22
C ILE C 346 -27.28 12.76 26.70
N TYR C 347 -28.24 11.90 26.98
CA TYR C 347 -28.54 11.62 28.37
C TYR C 347 -29.12 10.21 28.47
N GLU C 348 -29.28 9.73 29.70
CA GLU C 348 -29.89 8.42 29.91
C GLU C 348 -31.02 8.47 30.90
N ASP C 349 -32.10 7.78 30.54
CA ASP C 349 -33.25 7.62 31.43
C ASP C 349 -33.21 6.27 32.12
N VAL C 350 -33.95 6.19 33.24
CA VAL C 350 -34.08 4.92 33.95
C VAL C 350 -35.53 4.59 34.31
N LYS C 351 -36.48 5.41 33.85
CA LYS C 351 -37.91 5.21 34.21
C LYS C 351 -38.41 3.76 34.06
N TYR C 352 -38.03 3.09 32.97
CA TYR C 352 -38.46 1.72 32.65
C TYR C 352 -37.38 0.70 32.92
N SER C 353 -36.39 1.08 33.72
CA SER C 353 -35.23 0.27 34.02
C SER C 353 -35.19 -0.10 35.49
N TRP C 354 -34.38 -1.12 35.81
CA TRP C 354 -34.19 -1.53 37.22
C TRP C 354 -33.19 -0.67 38.00
N TYR C 355 -33.52 0.62 38.11
CA TYR C 355 -32.74 1.58 38.89
C TYR C 355 -33.68 2.39 39.75
N ALA C 356 -33.09 2.96 40.81
N ALA C 356 -33.13 3.10 40.73
CA ALA C 356 -33.81 3.72 41.83
CA ALA C 356 -33.97 3.97 41.56
C ALA C 356 -34.41 5.02 41.27
C ALA C 356 -34.74 5.01 40.73
N PRO C 357 -35.38 5.62 42.01
N PRO C 357 -36.07 5.10 40.92
CA PRO C 357 -36.02 6.90 41.68
CA PRO C 357 -36.83 6.12 40.20
C PRO C 357 -35.09 8.07 41.52
C PRO C 357 -36.26 7.57 40.17
N GLY C 358 -35.50 8.97 40.61
N GLY C 358 -35.25 7.90 40.97
CA GLY C 358 -34.88 10.27 40.40
CA GLY C 358 -34.69 9.27 40.87
C GLY C 358 -33.81 10.30 39.33
C GLY C 358 -33.72 9.67 39.74
N GLY C 359 -33.61 9.19 38.62
N GLY C 359 -33.55 8.84 38.71
CA GLY C 359 -32.42 9.02 37.79
C GLY C 359 -32.62 9.38 36.31
N ASP C 360 -33.77 9.92 35.93
CA ASP C 360 -33.98 10.25 34.53
C ASP C 360 -33.24 11.50 34.12
N GLY C 361 -32.95 11.56 32.82
CA GLY C 361 -32.46 12.77 32.19
C GLY C 361 -31.02 13.12 32.53
N LYS C 362 -30.21 12.11 32.89
CA LYS C 362 -28.84 12.37 33.32
C LYS C 362 -27.86 12.35 32.16
N HIS C 363 -27.21 13.50 31.94
CA HIS C 363 -26.06 13.53 31.07
C HIS C 363 -25.00 12.61 31.70
N PRO C 364 -24.21 11.87 30.89
CA PRO C 364 -23.33 10.88 31.52
C PRO C 364 -22.25 11.43 32.45
N TYR C 365 -21.89 12.71 32.32
CA TYR C 365 -20.98 13.28 33.34
C TYR C 365 -21.67 13.36 34.71
N ASP C 366 -23.00 13.33 34.71
CA ASP C 366 -23.80 13.39 35.93
C ASP C 366 -24.49 12.04 36.15
N GLY C 367 -23.99 10.97 35.51
CA GLY C 367 -24.69 9.70 35.55
C GLY C 367 -24.75 9.09 36.94
N VAL C 368 -25.81 8.30 37.15
CA VAL C 368 -26.05 7.62 38.41
C VAL C 368 -26.42 6.16 38.09
N THR C 369 -25.86 5.24 38.88
CA THR C 369 -26.08 3.81 38.67
C THR C 369 -26.45 3.20 40.00
N ASP C 370 -27.76 3.19 40.27
CA ASP C 370 -28.29 2.83 41.58
C ASP C 370 -29.30 1.69 41.35
N PRO C 371 -28.80 0.45 41.31
CA PRO C 371 -29.64 -0.69 40.91
C PRO C 371 -30.80 -0.98 41.88
N LYS C 372 -31.95 -1.31 41.33
CA LYS C 372 -33.16 -1.60 42.11
C LYS C 372 -34.05 -2.51 41.29
N TYR C 373 -34.03 -3.81 41.62
CA TYR C 373 -34.86 -4.78 40.92
C TYR C 373 -36.28 -4.71 41.45
N THR C 374 -37.25 -5.02 40.60
CA THR C 374 -38.66 -5.10 41.01
C THR C 374 -39.16 -6.55 40.92
N LYS C 375 -39.63 -6.94 39.74
CA LYS C 375 -40.08 -8.30 39.50
C LYS C 375 -39.96 -8.55 38.01
N LEU C 376 -39.90 -9.83 37.64
CA LEU C 376 -39.79 -10.21 36.24
C LEU C 376 -41.02 -9.72 35.48
N ASP C 377 -40.77 -9.15 34.30
CA ASP C 377 -41.84 -8.71 33.37
C ASP C 377 -42.70 -7.56 33.89
N ASP C 378 -42.16 -6.82 34.86
CA ASP C 378 -42.82 -5.60 35.35
C ASP C 378 -42.83 -4.59 34.17
N LYS C 379 -44.00 -4.28 33.64
CA LYS C 379 -44.07 -3.37 32.49
C LYS C 379 -43.58 -1.95 32.84
N ASP C 380 -43.48 -1.63 34.14
CA ASP C 380 -42.95 -0.33 34.56
C ASP C 380 -41.43 -0.33 34.73
N HIS C 381 -40.84 -1.51 34.90
CA HIS C 381 -39.37 -1.62 35.10
C HIS C 381 -38.95 -3.00 34.61
N TYR C 382 -38.39 -3.05 33.40
CA TYR C 382 -38.23 -4.37 32.78
C TYR C 382 -36.86 -4.61 32.18
N SER C 383 -35.87 -3.80 32.54
CA SER C 383 -34.53 -4.04 31.97
C SER C 383 -33.44 -3.50 32.86
N TRP C 384 -32.31 -4.20 32.87
CA TRP C 384 -31.11 -3.67 33.47
C TRP C 384 -30.38 -2.65 32.60
N MET C 385 -30.76 -2.48 31.35
CA MET C 385 -30.19 -1.36 30.58
C MET C 385 -30.89 -0.05 30.92
N LYS C 386 -30.09 1.02 30.97
CA LYS C 386 -30.65 2.38 30.89
C LYS C 386 -31.15 2.64 29.47
N ALA C 387 -31.85 3.75 29.32
CA ALA C 387 -32.45 4.16 28.05
C ALA C 387 -31.78 5.46 27.57
N PRO C 388 -30.71 5.35 26.74
CA PRO C 388 -30.06 6.58 26.24
C PRO C 388 -30.94 7.25 25.18
N ARG C 389 -31.05 8.57 25.29
CA ARG C 389 -31.87 9.35 24.38
C ARG C 389 -31.09 10.60 23.96
N TYR C 390 -31.52 11.21 22.86
CA TYR C 390 -30.83 12.34 22.28
C TYR C 390 -31.93 13.32 21.89
N LYS C 391 -31.98 14.45 22.59
CA LYS C 391 -33.06 15.43 22.38
C LYS C 391 -34.44 14.76 22.41
N GLY C 392 -34.63 13.85 23.37
CA GLY C 392 -35.92 13.20 23.55
C GLY C 392 -36.16 11.98 22.70
N LYS C 393 -35.25 11.71 21.77
CA LYS C 393 -35.44 10.64 20.79
C LYS C 393 -34.49 9.48 20.97
N ALA C 394 -34.99 8.29 20.70
CA ALA C 394 -34.17 7.09 20.59
C ALA C 394 -33.34 7.16 19.32
N MET C 395 -32.16 6.55 19.37
CA MET C 395 -31.25 6.55 18.23
C MET C 395 -30.77 5.13 17.96
N GLU C 396 -30.87 4.71 16.70
CA GLU C 396 -30.24 3.49 16.26
C GLU C 396 -28.78 3.81 15.95
N VAL C 397 -27.91 2.89 16.36
CA VAL C 397 -26.48 3.04 16.17
C VAL C 397 -25.95 1.75 15.52
N GLY C 398 -24.76 1.82 14.93
CA GLY C 398 -24.13 0.65 14.33
C GLY C 398 -23.94 0.77 12.84
N PRO C 399 -23.77 -0.37 12.16
CA PRO C 399 -23.39 -0.28 10.74
C PRO C 399 -24.43 0.45 9.90
N LEU C 400 -25.73 0.22 10.14
CA LEU C 400 -26.75 0.89 9.34
C LEU C 400 -26.73 2.41 9.57
N ALA C 401 -26.56 2.82 10.83
CA ALA C 401 -26.42 4.24 11.14
C ALA C 401 -25.22 4.85 10.43
N ARG C 402 -24.06 4.20 10.56
CA ARG C 402 -22.87 4.68 9.86
C ARG C 402 -23.04 4.75 8.34
N THR C 403 -23.73 3.76 7.77
CA THR C 403 -23.91 3.66 6.34
C THR C 403 -24.80 4.82 5.87
N PHE C 404 -25.91 5.05 6.56
CA PHE C 404 -26.78 6.19 6.14
C PHE C 404 -26.06 7.54 6.27
N ILE C 405 -25.36 7.73 7.38
CA ILE C 405 -24.64 9.00 7.60
C ILE C 405 -23.55 9.18 6.53
N ALA C 406 -22.78 8.15 6.26
CA ALA C 406 -21.68 8.26 5.27
C ALA C 406 -22.27 8.49 3.87
N TYR C 407 -23.31 7.74 3.53
CA TYR C 407 -23.98 7.91 2.25
C TYR C 407 -24.54 9.32 2.08
N ALA C 408 -25.21 9.82 3.13
CA ALA C 408 -25.79 11.17 3.10
C ALA C 408 -24.72 12.23 2.90
N LYS C 409 -23.54 11.96 3.43
CA LYS C 409 -22.43 12.89 3.30
C LYS C 409 -21.60 12.70 2.02
N GLY C 410 -21.98 11.70 1.21
CA GLY C 410 -21.25 11.41 -0.03
C GLY C 410 -19.86 10.84 0.19
N GLN C 411 -19.67 10.11 1.30
CA GLN C 411 -18.40 9.41 1.53
C GLN C 411 -18.23 8.45 0.34
N PRO C 412 -17.11 8.58 -0.41
CA PRO C 412 -17.13 7.94 -1.75
C PRO C 412 -17.17 6.40 -1.74
N ASP C 413 -16.54 5.78 -0.74
CA ASP C 413 -16.57 4.32 -0.63
C ASP C 413 -17.97 3.83 -0.26
N PHE C 414 -18.62 4.48 0.69
CA PHE C 414 -19.99 4.10 1.03
C PHE C 414 -20.94 4.33 -0.13
N LYS C 415 -20.75 5.43 -0.84
CA LYS C 415 -21.61 5.73 -1.99
C LYS C 415 -21.52 4.57 -2.98
N LYS C 416 -20.30 4.17 -3.32
CA LYS C 416 -20.07 3.09 -4.30
C LYS C 416 -20.65 1.74 -3.84
N VAL C 417 -20.34 1.34 -2.61
CA VAL C 417 -20.73 0.02 -2.14
C VAL C 417 -22.23 -0.07 -1.85
N VAL C 418 -22.81 0.99 -1.29
CA VAL C 418 -24.26 1.02 -1.12
C VAL C 418 -24.98 0.91 -2.47
N ASP C 419 -24.55 1.71 -3.44
CA ASP C 419 -25.15 1.66 -4.77
C ASP C 419 -25.01 0.27 -5.40
N MET C 420 -23.87 -0.38 -5.21
CA MET C 420 -23.67 -1.75 -5.70
C MET C 420 -24.67 -2.70 -5.09
N VAL C 421 -24.83 -2.64 -3.76
CA VAL C 421 -25.74 -3.53 -3.07
C VAL C 421 -27.19 -3.30 -3.48
N LEU C 422 -27.61 -2.03 -3.55
CA LEU C 422 -28.97 -1.72 -3.98
C LEU C 422 -29.24 -2.22 -5.38
N GLY C 423 -28.23 -2.11 -6.24
CA GLY C 423 -28.34 -2.59 -7.63
C GLY C 423 -28.39 -4.10 -7.68
N LYS C 424 -27.50 -4.77 -6.95
CA LYS C 424 -27.42 -6.22 -6.98
C LYS C 424 -28.66 -6.89 -6.36
N LEU C 425 -29.12 -6.35 -5.22
CA LEU C 425 -30.33 -6.84 -4.55
C LEU C 425 -31.60 -6.38 -5.25
N SER C 426 -31.43 -5.34 -6.08
CA SER C 426 -32.52 -4.75 -6.83
C SER C 426 -33.67 -4.35 -5.88
N VAL C 427 -33.32 -3.53 -4.89
CA VAL C 427 -34.29 -2.94 -3.95
C VAL C 427 -34.13 -1.40 -3.96
N PRO C 428 -35.23 -0.66 -3.72
CA PRO C 428 -35.08 0.80 -3.58
C PRO C 428 -34.30 1.19 -2.31
N ALA C 429 -33.70 2.38 -2.31
CA ALA C 429 -32.92 2.87 -1.15
C ALA C 429 -33.73 2.88 0.17
N THR C 430 -35.02 3.16 0.05
CA THR C 430 -35.93 3.10 1.20
C THR C 430 -35.90 1.75 1.91
N ALA C 431 -35.57 0.67 1.17
CA ALA C 431 -35.55 -0.68 1.74
C ALA C 431 -34.37 -0.87 2.67
N LEU C 432 -33.44 0.09 2.70
CA LEU C 432 -32.33 -0.01 3.65
C LEU C 432 -32.80 0.20 5.10
N HIS C 433 -33.93 0.88 5.30
CA HIS C 433 -34.49 1.09 6.64
C HIS C 433 -35.28 -0.15 7.03
N SER C 434 -34.58 -1.21 7.36
CA SER C 434 -35.22 -2.52 7.57
C SER C 434 -34.21 -3.47 8.17
N THR C 435 -34.71 -4.61 8.60
CA THR C 435 -33.84 -5.71 9.04
C THR C 435 -32.91 -6.21 7.92
N LEU C 436 -33.41 -6.31 6.69
CA LEU C 436 -32.55 -6.63 5.56
C LEU C 436 -31.46 -5.57 5.39
N GLY C 437 -31.84 -4.28 5.46
CA GLY C 437 -30.86 -3.20 5.30
C GLY C 437 -29.81 -3.22 6.39
N ARG C 438 -30.24 -3.49 7.62
CA ARG C 438 -29.35 -3.49 8.77
C ARG C 438 -28.31 -4.61 8.62
N THR C 439 -28.75 -5.74 8.09
CA THR C 439 -27.85 -6.87 7.87
C THR C 439 -26.87 -6.58 6.73
N ALA C 440 -27.41 -6.00 5.65
CA ALA C 440 -26.59 -5.62 4.50
C ALA C 440 -25.51 -4.59 4.86
N ALA C 441 -25.88 -3.61 5.69
CA ALA C 441 -24.96 -2.53 6.04
C ALA C 441 -23.75 -3.10 6.77
N ARG C 442 -23.98 -4.13 7.59
CA ARG C 442 -22.86 -4.73 8.30
C ARG C 442 -21.83 -5.27 7.29
N GLY C 443 -22.30 -5.91 6.21
CA GLY C 443 -21.37 -6.40 5.19
C GLY C 443 -20.72 -5.27 4.41
N ILE C 444 -21.53 -4.27 4.04
CA ILE C 444 -21.04 -3.09 3.30
C ILE C 444 -19.80 -2.51 3.99
N GLU C 445 -19.92 -2.23 5.29
CA GLU C 445 -18.77 -1.57 5.95
C GLU C 445 -17.59 -2.50 6.14
N THR C 446 -17.86 -3.80 6.23
CA THR C 446 -16.75 -4.77 6.30
C THR C 446 -15.91 -4.70 5.02
N ALA C 447 -16.56 -4.69 3.86
CA ALA C 447 -15.89 -4.55 2.59
C ALA C 447 -15.08 -3.25 2.55
N ILE C 448 -15.64 -2.16 3.08
CA ILE C 448 -14.94 -0.86 3.07
C ILE C 448 -13.74 -0.84 4.03
N VAL C 449 -13.88 -1.40 5.23
CA VAL C 449 -12.70 -1.56 6.09
C VAL C 449 -11.60 -2.31 5.32
N CYS C 450 -11.94 -3.44 4.72
CA CYS C 450 -10.95 -4.23 3.98
C CYS C 450 -10.23 -3.39 2.94
N ALA C 451 -11.01 -2.56 2.23
CA ALA C 451 -10.47 -1.71 1.16
C ALA C 451 -9.45 -0.67 1.64
N ASN C 452 -9.50 -0.35 2.94
CA ASN C 452 -8.61 0.66 3.52
C ASN C 452 -7.41 0.06 4.23
N MET C 453 -7.42 -1.26 4.46
CA MET C 453 -6.38 -1.85 5.32
C MET C 453 -4.93 -1.60 4.82
N GLU C 454 -4.70 -1.80 3.53
CA GLU C 454 -3.31 -1.66 3.03
C GLU C 454 -2.80 -0.23 3.17
N LYS C 455 -3.66 0.75 2.86
CA LYS C 455 -3.32 2.15 3.01
C LYS C 455 -2.99 2.47 4.47
N TRP C 456 -3.85 2.03 5.39
CA TRP C 456 -3.62 2.31 6.79
C TRP C 456 -2.35 1.63 7.33
N ILE C 457 -2.12 0.41 6.89
CA ILE C 457 -0.91 -0.31 7.30
C ILE C 457 0.35 0.39 6.81
N LYS C 458 0.34 0.79 5.54
CA LYS C 458 1.46 1.50 4.97
C LYS C 458 1.74 2.82 5.71
N GLU C 459 0.67 3.55 6.01
CA GLU C 459 0.81 4.79 6.75
C GLU C 459 1.57 4.55 8.05
N MET C 460 1.16 3.55 8.83
CA MET C 460 1.79 3.31 10.12
C MET C 460 3.21 2.75 9.97
N ALA C 461 3.40 1.84 9.02
CA ALA C 461 4.73 1.25 8.83
C ALA C 461 5.71 2.35 8.45
N ASP C 462 5.29 3.26 7.56
CA ASP C 462 6.19 4.33 7.12
C ASP C 462 6.48 5.30 8.25
N SER C 463 5.45 5.66 9.02
CA SER C 463 5.60 6.58 10.13
C SER C 463 6.49 5.98 11.21
N GLY C 464 6.23 4.72 11.57
CA GLY C 464 6.98 4.02 12.62
C GLY C 464 8.43 3.75 12.25
N ALA C 465 8.69 3.55 10.97
CA ALA C 465 10.07 3.36 10.48
C ALA C 465 10.92 4.63 10.64
N LYS C 466 10.25 5.79 10.53
CA LYS C 466 10.91 7.09 10.61
C LYS C 466 11.14 7.56 12.05
N ASP C 467 10.19 7.26 12.94
CA ASP C 467 10.22 7.72 14.32
C ASP C 467 9.24 6.82 15.06
N ASN C 468 9.74 6.04 16.01
CA ASN C 468 8.86 5.09 16.71
C ASN C 468 8.21 5.61 17.98
N THR C 469 8.09 6.93 18.12
CA THR C 469 7.36 7.50 19.28
C THR C 469 5.95 6.95 19.31
N LEU C 470 5.56 6.44 20.47
CA LEU C 470 4.29 5.77 20.61
C LEU C 470 3.50 6.21 21.84
N CYS C 471 4.13 6.87 22.81
CA CYS C 471 3.45 7.32 24.01
C CYS C 471 3.90 8.71 24.34
N ALA C 472 2.95 9.57 24.73
CA ALA C 472 3.24 10.94 25.18
C ALA C 472 3.33 11.00 26.70
N LYS C 473 4.05 12.00 27.22
CA LYS C 473 4.11 12.23 28.65
C LYS C 473 2.83 12.92 29.13
N TRP C 474 2.46 12.65 30.37
CA TRP C 474 1.23 13.21 30.92
C TRP C 474 1.33 13.24 32.45
N GLU C 475 0.40 13.96 33.07
CA GLU C 475 0.36 14.07 34.54
C GLU C 475 -1.11 13.94 34.98
N MET C 476 -1.36 13.22 36.08
CA MET C 476 -2.69 13.09 36.60
C MET C 476 -3.15 14.38 37.25
N PRO C 477 -4.28 14.94 36.77
CA PRO C 477 -4.80 16.16 37.38
C PRO C 477 -5.54 15.83 38.70
N GLU C 478 -5.59 16.80 39.59
CA GLU C 478 -6.39 16.63 40.81
C GLU C 478 -7.86 16.45 40.47
N GLU C 479 -8.38 17.31 39.60
CA GLU C 479 -9.79 17.27 39.22
C GLU C 479 -9.89 17.59 37.76
N SER C 480 -10.66 16.78 37.03
CA SER C 480 -10.90 17.01 35.60
C SER C 480 -12.08 16.15 35.15
N LYS C 481 -12.48 16.28 33.90
CA LYS C 481 -13.43 15.36 33.29
C LYS C 481 -12.99 15.12 31.87
N GLY C 482 -13.45 14.01 31.31
CA GLY C 482 -13.11 13.71 29.93
C GLY C 482 -14.07 12.70 29.36
N VAL C 483 -14.10 12.67 28.03
CA VAL C 483 -14.98 11.73 27.31
C VAL C 483 -14.15 11.07 26.20
N GLY C 484 -14.34 9.75 26.06
CA GLY C 484 -13.74 8.98 24.96
C GLY C 484 -14.85 8.46 24.07
N LEU C 485 -14.74 8.75 22.77
CA LEU C 485 -15.70 8.35 21.76
C LEU C 485 -15.09 7.30 20.86
N ALA C 486 -15.90 6.32 20.47
CA ALA C 486 -15.51 5.38 19.44
C ALA C 486 -16.76 4.94 18.73
N ASP C 487 -16.65 4.57 17.46
CA ASP C 487 -17.76 3.81 16.87
C ASP C 487 -17.30 2.36 16.78
N ALA C 488 -17.77 1.57 17.74
CA ALA C 488 -17.45 0.16 17.82
C ALA C 488 -18.26 -0.59 16.75
N PRO C 489 -17.99 -1.90 16.55
CA PRO C 489 -18.76 -2.65 15.56
C PRO C 489 -20.28 -2.52 15.68
N ARG C 490 -20.80 -2.32 16.89
CA ARG C 490 -22.27 -2.18 17.06
C ARG C 490 -22.75 -0.72 17.13
N GLY C 491 -21.80 0.23 17.14
CA GLY C 491 -22.16 1.64 17.08
C GLY C 491 -21.48 2.56 18.08
N ALA C 492 -22.11 3.72 18.24
CA ALA C 492 -21.58 4.83 19.03
C ALA C 492 -21.36 4.47 20.51
N LEU C 493 -20.08 4.43 20.90
CA LEU C 493 -19.65 4.11 22.24
C LEU C 493 -19.03 5.35 22.89
N SER C 494 -19.40 5.63 24.14
CA SER C 494 -18.78 6.71 24.86
C SER C 494 -18.54 6.33 26.32
N HIS C 495 -17.36 6.69 26.81
CA HIS C 495 -17.02 6.56 28.25
C HIS C 495 -16.76 7.98 28.77
N TRP C 496 -17.23 8.23 29.98
CA TRP C 496 -17.22 9.59 30.56
C TRP C 496 -16.70 9.52 31.99
N ILE C 497 -15.63 10.25 32.26
CA ILE C 497 -15.00 10.23 33.56
C ILE C 497 -15.04 11.59 34.25
N ARG C 498 -15.29 11.55 35.57
CA ARG C 498 -14.98 12.68 36.46
C ARG C 498 -13.88 12.22 37.37
N ILE C 499 -12.77 12.95 37.37
CA ILE C 499 -11.65 12.69 38.27
C ILE C 499 -11.72 13.71 39.40
N LYS C 500 -11.56 13.24 40.63
CA LYS C 500 -11.54 14.16 41.79
C LYS C 500 -10.55 13.53 42.78
N GLY C 501 -9.70 14.35 43.40
CA GLY C 501 -8.62 13.80 44.24
C GLY C 501 -7.71 12.80 43.52
N LYS C 502 -7.51 13.01 42.21
CA LYS C 502 -6.72 12.11 41.35
C LYS C 502 -7.31 10.71 41.25
N LYS C 503 -8.57 10.54 41.65
CA LYS C 503 -9.22 9.23 41.57
C LYS C 503 -10.52 9.30 40.77
N ILE C 504 -11.05 8.15 40.40
CA ILE C 504 -12.32 8.13 39.70
C ILE C 504 -13.47 8.54 40.65
N ASP C 505 -14.10 9.66 40.36
CA ASP C 505 -15.30 10.07 41.10
C ASP C 505 -16.59 9.56 40.45
N ASN C 506 -16.61 9.55 39.12
CA ASN C 506 -17.71 8.97 38.36
C ASN C 506 -17.10 8.43 37.08
N PHE C 507 -17.58 7.27 36.68
CA PHE C 507 -17.20 6.72 35.41
C PHE C 507 -18.43 6.08 34.81
N GLN C 508 -18.86 6.58 33.65
CA GLN C 508 -20.12 6.13 33.04
C GLN C 508 -19.88 5.64 31.64
N LEU C 509 -20.37 4.44 31.34
CA LEU C 509 -20.35 3.90 29.98
C LEU C 509 -21.73 4.06 29.37
N VAL C 510 -21.77 4.52 28.12
CA VAL C 510 -23.02 4.55 27.34
C VAL C 510 -22.66 3.80 26.05
N VAL C 511 -23.28 2.65 25.83
CA VAL C 511 -22.72 1.66 24.90
C VAL C 511 -23.71 1.45 23.75
N PRO C 512 -23.22 0.99 22.56
CA PRO C 512 -24.16 0.95 21.43
C PRO C 512 -25.38 0.07 21.68
N SER C 513 -25.20 -1.10 22.29
CA SER C 513 -26.38 -1.91 22.60
C SER C 513 -27.31 -1.30 23.62
N THR C 514 -26.79 -0.37 24.44
CA THR C 514 -27.67 0.43 25.30
C THR C 514 -28.60 1.30 24.45
N TRP C 515 -28.03 2.00 23.46
CA TRP C 515 -28.86 2.78 22.52
C TRP C 515 -29.89 1.91 21.79
N ASN C 516 -29.44 0.76 21.30
CA ASN C 516 -30.28 -0.03 20.36
C ASN C 516 -31.31 -0.90 21.10
N LEU C 517 -30.90 -1.49 22.23
CA LEU C 517 -31.67 -2.53 22.90
C LEU C 517 -32.06 -2.19 24.33
N GLY C 518 -31.80 -0.97 24.76
CA GLY C 518 -32.34 -0.51 26.05
C GLY C 518 -33.86 -0.48 25.99
N PRO C 519 -34.50 -0.25 27.14
CA PRO C 519 -35.95 -0.19 27.22
C PRO C 519 -36.48 1.18 26.77
N ARG C 520 -37.78 1.41 26.99
CA ARG C 520 -38.39 2.72 26.79
C ARG C 520 -37.71 3.80 27.64
N GLY C 521 -37.74 5.02 27.12
CA GLY C 521 -37.23 6.19 27.83
C GLY C 521 -38.28 6.81 28.72
N ALA C 522 -37.94 7.98 29.29
CA ALA C 522 -38.86 8.61 30.26
C ALA C 522 -40.22 8.93 29.66
N GLN C 523 -40.23 9.18 28.34
CA GLN C 523 -41.48 9.49 27.62
C GLN C 523 -42.29 8.24 27.24
N GLY C 524 -41.80 7.06 27.63
CA GLY C 524 -42.47 5.79 27.34
C GLY C 524 -42.25 5.34 25.91
N ASP C 525 -41.26 5.93 25.27
CA ASP C 525 -41.01 5.72 23.85
C ASP C 525 -40.12 4.50 23.63
N LYS C 526 -40.55 3.63 22.73
CA LYS C 526 -39.82 2.39 22.41
C LYS C 526 -38.40 2.64 21.92
N SER C 527 -37.50 1.75 22.31
CA SER C 527 -36.14 1.78 21.82
C SER C 527 -36.10 1.24 20.37
N PRO C 528 -34.96 1.39 19.71
CA PRO C 528 -34.90 0.92 18.31
C PRO C 528 -35.28 -0.54 18.11
N VAL C 529 -34.80 -1.46 18.95
CA VAL C 529 -35.18 -2.84 18.74
C VAL C 529 -36.69 -3.06 18.98
N GLU C 530 -37.24 -2.37 19.98
CA GLU C 530 -38.65 -2.56 20.31
C GLU C 530 -39.52 -2.03 19.14
N GLU C 531 -39.16 -0.85 18.63
CA GLU C 531 -39.86 -0.31 17.45
C GLU C 531 -39.70 -1.23 16.22
N ALA C 532 -38.49 -1.74 15.99
CA ALA C 532 -38.23 -2.62 14.84
C ALA C 532 -39.06 -3.89 14.88
N LEU C 533 -39.36 -4.36 16.09
CA LEU C 533 -40.12 -5.59 16.22
C LEU C 533 -41.61 -5.44 15.91
N ILE C 534 -42.15 -4.23 16.03
CA ILE C 534 -43.56 -4.05 15.72
C ILE C 534 -43.75 -4.39 14.22
N GLY C 535 -44.78 -5.19 13.94
CA GLY C 535 -45.05 -5.58 12.57
C GLY C 535 -44.42 -6.89 12.14
N THR C 536 -43.60 -7.49 13.01
CA THR C 536 -42.93 -8.76 12.66
C THR C 536 -43.98 -9.85 12.46
N PRO C 537 -43.97 -10.51 11.28
CA PRO C 537 -44.87 -11.67 11.08
C PRO C 537 -44.33 -12.91 11.80
N ILE C 538 -45.24 -13.76 12.26
CA ILE C 538 -44.87 -14.96 13.02
C ILE C 538 -45.56 -16.16 12.35
N ALA C 539 -44.77 -16.95 11.62
CA ALA C 539 -45.32 -18.13 10.92
C ALA C 539 -45.72 -19.24 11.91
N ASP C 540 -44.92 -19.41 12.95
CA ASP C 540 -45.15 -20.44 13.97
C ASP C 540 -44.74 -19.86 15.32
N PRO C 541 -45.72 -19.62 16.19
CA PRO C 541 -45.41 -19.01 17.49
C PRO C 541 -44.50 -19.88 18.39
N LYS C 542 -44.45 -21.18 18.13
CA LYS C 542 -43.59 -22.08 18.88
C LYS C 542 -42.13 -21.97 18.43
N ARG C 543 -41.92 -21.42 17.24
CA ARG C 543 -40.59 -21.34 16.62
C ARG C 543 -40.43 -19.95 15.95
N PRO C 544 -40.40 -18.89 16.77
CA PRO C 544 -40.54 -17.54 16.24
C PRO C 544 -39.22 -16.98 15.68
N VAL C 545 -38.74 -17.60 14.61
CA VAL C 545 -37.48 -17.19 13.99
C VAL C 545 -37.48 -15.73 13.55
N GLU C 546 -38.64 -15.21 13.21
CA GLU C 546 -38.72 -13.83 12.74
C GLU C 546 -38.30 -12.83 13.82
N ILE C 547 -38.57 -13.14 15.09
CA ILE C 547 -38.12 -12.29 16.20
C ILE C 547 -36.57 -12.30 16.23
N LEU C 548 -36.00 -13.49 16.11
CA LEU C 548 -34.54 -13.63 16.09
C LEU C 548 -33.94 -12.87 14.93
N ARG C 549 -34.56 -12.92 13.74
CA ARG C 549 -33.96 -12.26 12.57
C ARG C 549 -33.73 -10.78 12.83
N THR C 550 -34.75 -10.12 13.37
CA THR C 550 -34.66 -8.69 13.68
C THR C 550 -33.75 -8.38 14.86
N VAL C 551 -33.89 -9.15 15.93
CA VAL C 551 -33.05 -8.89 17.12
C VAL C 551 -31.57 -9.09 16.73
N HIS C 552 -31.28 -10.22 16.07
CA HIS C 552 -29.90 -10.51 15.64
C HIS C 552 -29.34 -9.46 14.67
N ALA C 553 -30.21 -8.85 13.85
CA ALA C 553 -29.74 -7.84 12.87
C ALA C 553 -29.11 -6.63 13.58
N PHE C 554 -29.56 -6.33 14.81
CA PHE C 554 -28.94 -5.28 15.64
C PHE C 554 -27.62 -5.73 16.29
N ASP C 555 -27.32 -7.04 16.21
CA ASP C 555 -26.06 -7.59 16.76
C ASP C 555 -25.93 -7.24 18.28
N PRO C 556 -26.88 -7.73 19.08
CA PRO C 556 -26.94 -7.34 20.49
C PRO C 556 -25.78 -7.86 21.34
N CSS C 557 -25.37 -7.01 22.29
CA CSS C 557 -24.45 -7.40 23.30
CB CSS C 557 -23.13 -6.79 22.92
CB CSS C 557 -23.07 -6.82 23.07
SG CSS C 557 -21.85 -7.41 23.95
SG CSS C 557 -22.25 -7.56 21.68
SD CSS C 557 -20.51 -6.51 21.47
C CSS C 557 -24.94 -6.88 24.63
O CSS C 557 -24.90 -5.68 24.90
N ILE C 558 -25.47 -7.80 25.45
CA ILE C 558 -26.16 -7.35 26.68
C ILE C 558 -25.16 -7.07 27.79
N ALA C 559 -24.01 -7.76 27.77
CA ALA C 559 -22.95 -7.42 28.73
C ALA C 559 -22.46 -5.98 28.44
N CYS C 560 -22.24 -5.67 27.16
CA CYS C 560 -21.98 -4.27 26.74
C CYS C 560 -23.08 -3.34 27.19
N GLY C 561 -24.34 -3.69 26.91
CA GLY C 561 -25.43 -2.73 27.08
C GLY C 561 -25.66 -2.36 28.53
N VAL C 562 -25.52 -3.33 29.43
CA VAL C 562 -25.77 -3.11 30.86
C VAL C 562 -24.52 -2.77 31.65
N HIS C 563 -23.41 -3.47 31.33
CA HIS C 563 -22.16 -3.31 32.07
C HIS C 563 -22.39 -3.32 33.60
N LYS D 19 10.28 -26.39 -16.89
CA LYS D 19 10.92 -25.46 -15.91
C LYS D 19 12.42 -25.21 -16.12
N PRO D 20 13.10 -26.04 -16.95
CA PRO D 20 14.45 -25.59 -17.32
C PRO D 20 14.39 -24.36 -18.22
N THR D 21 15.38 -23.51 -18.12
CA THR D 21 15.47 -22.31 -18.95
C THR D 21 15.67 -22.77 -20.40
N PRO D 22 14.82 -22.33 -21.34
CA PRO D 22 14.98 -22.80 -22.72
C PRO D 22 16.35 -22.45 -23.29
N GLN D 23 16.94 -23.39 -24.02
CA GLN D 23 18.27 -23.22 -24.53
C GLN D 23 18.41 -24.14 -25.72
N SER D 24 18.80 -23.57 -26.86
CA SER D 24 19.08 -24.33 -28.09
C SER D 24 20.44 -25.04 -28.00
N THR D 25 20.84 -25.73 -29.08
CA THR D 25 22.18 -26.30 -29.16
C THR D 25 23.07 -25.45 -30.07
N PHE D 26 22.68 -24.21 -30.34
CA PHE D 26 23.36 -23.40 -31.36
C PHE D 26 24.81 -23.14 -30.98
N THR D 27 25.69 -23.32 -31.97
CA THR D 27 27.09 -23.00 -31.82
C THR D 27 27.51 -22.16 -33.01
N GLY D 28 28.02 -20.97 -32.72
CA GLY D 28 28.34 -20.02 -33.75
C GLY D 28 28.28 -18.60 -33.23
N PRO D 29 28.47 -17.63 -34.14
CA PRO D 29 28.45 -16.25 -33.73
C PRO D 29 27.04 -15.68 -33.81
N ILE D 30 26.76 -14.69 -32.97
CA ILE D 30 25.54 -13.87 -33.12
C ILE D 30 25.98 -12.41 -33.01
N VAL D 31 25.54 -11.60 -33.97
CA VAL D 31 25.71 -10.14 -33.89
C VAL D 31 24.33 -9.53 -33.81
N VAL D 32 24.17 -8.60 -32.88
CA VAL D 32 22.93 -7.81 -32.77
C VAL D 32 23.28 -6.32 -32.96
N ASP D 33 22.88 -5.77 -34.11
CA ASP D 33 23.20 -4.40 -34.48
C ASP D 33 22.15 -3.97 -35.46
N PRO D 34 21.26 -3.05 -35.05
CA PRO D 34 21.30 -2.24 -33.84
C PRO D 34 20.71 -2.94 -32.62
N ILE D 35 21.29 -2.68 -31.45
CA ILE D 35 20.57 -2.91 -30.20
C ILE D 35 19.53 -1.77 -30.12
N THR D 36 18.26 -2.13 -30.22
CA THR D 36 17.18 -1.16 -30.11
C THR D 36 16.74 -1.04 -28.65
N ARG D 37 15.88 -0.05 -28.39
CA ARG D 37 15.37 0.17 -27.02
C ARG D 37 16.51 0.43 -26.04
N ILE D 38 17.55 1.10 -26.56
CA ILE D 38 18.55 1.74 -25.73
C ILE D 38 18.68 3.16 -26.28
N GLU D 39 19.46 4.00 -25.60
CA GLU D 39 19.89 5.26 -26.18
C GLU D 39 21.19 5.00 -26.94
N GLY D 40 21.25 5.44 -28.19
CA GLY D 40 22.51 5.41 -28.91
C GLY D 40 22.78 4.14 -29.68
N HIS D 41 24.00 4.04 -30.19
CA HIS D 41 24.30 3.07 -31.23
C HIS D 41 25.28 2.01 -30.75
N LEU D 42 24.72 0.84 -30.48
CA LEU D 42 25.47 -0.30 -29.97
C LEU D 42 25.32 -1.53 -30.85
N ARG D 43 26.46 -2.18 -31.04
CA ARG D 43 26.60 -3.47 -31.70
C ARG D 43 27.09 -4.46 -30.64
N ILE D 44 26.37 -5.56 -30.42
CA ILE D 44 26.85 -6.60 -29.53
C ILE D 44 27.25 -7.79 -30.41
N MET D 45 28.45 -8.32 -30.17
CA MET D 45 28.85 -9.57 -30.81
C MET D 45 29.09 -10.60 -29.72
N VAL D 46 28.59 -11.81 -29.95
CA VAL D 46 28.86 -12.91 -29.05
C VAL D 46 29.25 -14.16 -29.81
N GLU D 47 29.97 -15.02 -29.09
CA GLU D 47 30.27 -16.36 -29.53
C GLU D 47 29.45 -17.29 -28.66
N VAL D 48 28.79 -18.25 -29.29
CA VAL D 48 27.83 -19.13 -28.59
C VAL D 48 28.30 -20.56 -28.81
N GLU D 49 28.19 -21.38 -27.77
CA GLU D 49 28.48 -22.80 -27.90
C GLU D 49 27.42 -23.62 -27.16
N ASN D 50 26.82 -24.55 -27.88
CA ASN D 50 25.77 -25.40 -27.32
C ASN D 50 24.70 -24.56 -26.62
N GLY D 51 24.33 -23.46 -27.27
CA GLY D 51 23.24 -22.61 -26.79
C GLY D 51 23.53 -21.66 -25.65
N LYS D 52 24.79 -21.54 -25.24
CA LYS D 52 25.18 -20.55 -24.21
C LYS D 52 26.33 -19.68 -24.70
N VAL D 53 26.22 -18.39 -24.41
CA VAL D 53 27.27 -17.44 -24.79
C VAL D 53 28.56 -17.78 -24.04
N LYS D 54 29.64 -17.89 -24.82
CA LYS D 54 30.96 -18.15 -24.25
C LYS D 54 31.92 -16.97 -24.33
N ASP D 55 31.62 -15.99 -25.20
CA ASP D 55 32.45 -14.78 -25.23
C ASP D 55 31.61 -13.65 -25.80
N ALA D 56 31.99 -12.42 -25.50
CA ALA D 56 31.16 -11.25 -25.80
C ALA D 56 32.02 -10.01 -26.01
N TRP D 57 31.48 -9.11 -26.84
CA TRP D 57 32.10 -7.81 -27.15
C TRP D 57 31.01 -6.75 -27.19
N SER D 58 31.27 -5.65 -26.49
CA SER D 58 30.36 -4.49 -26.49
C SER D 58 30.96 -3.38 -27.38
N SER D 59 30.40 -3.21 -28.58
CA SER D 59 31.00 -2.34 -29.61
C SER D 59 30.17 -1.07 -29.89
N SER D 60 30.59 0.05 -29.31
CA SER D 60 29.85 1.31 -29.45
C SER D 60 30.21 1.95 -30.79
N GLN D 61 29.18 2.40 -31.53
CA GLN D 61 29.28 2.64 -32.97
C GLN D 61 29.21 4.09 -33.42
N LEU D 62 29.14 5.04 -32.49
CA LEU D 62 29.16 6.48 -32.81
C LEU D 62 30.14 7.21 -31.94
N PHE D 63 30.93 8.13 -32.55
CA PHE D 63 31.76 9.09 -31.80
C PHE D 63 31.30 10.50 -32.16
N ARG D 64 31.18 11.39 -31.16
CA ARG D 64 30.92 12.81 -31.38
C ARG D 64 32.07 13.70 -30.94
N GLY D 65 32.69 13.43 -29.79
CA GLY D 65 33.91 14.17 -29.43
C GLY D 65 33.69 15.46 -28.64
N LEU D 66 32.72 15.45 -27.73
CA LEU D 66 32.44 16.67 -26.94
C LEU D 66 33.65 17.17 -26.15
N GLU D 67 34.52 16.27 -25.70
CA GLU D 67 35.72 16.68 -24.94
C GLU D 67 36.66 17.50 -25.82
N ILE D 68 36.76 17.13 -27.10
CA ILE D 68 37.59 17.86 -28.06
C ILE D 68 36.97 19.25 -28.35
N ILE D 69 35.65 19.25 -28.55
CA ILE D 69 34.90 20.47 -28.84
C ILE D 69 35.04 21.51 -27.71
N LEU D 70 35.14 21.03 -26.48
CA LEU D 70 35.17 21.96 -25.36
C LEU D 70 36.52 22.69 -25.23
N LYS D 71 37.59 22.16 -25.78
CA LYS D 71 38.91 22.76 -25.57
C LYS D 71 38.95 24.21 -26.04
N GLY D 72 39.45 25.07 -25.15
CA GLY D 72 39.60 26.49 -25.46
C GLY D 72 38.37 27.33 -25.16
N ARG D 73 37.25 26.67 -24.83
CA ARG D 73 36.02 27.41 -24.58
C ARG D 73 35.91 27.95 -23.14
N ASP D 74 34.94 28.82 -22.94
CA ASP D 74 34.62 29.39 -21.61
C ASP D 74 34.11 28.24 -20.70
N PRO D 75 34.72 28.07 -19.52
CA PRO D 75 34.22 27.03 -18.61
C PRO D 75 32.73 27.18 -18.26
N ARG D 76 32.19 28.41 -18.27
CA ARG D 76 30.74 28.60 -18.05
C ARG D 76 29.89 27.91 -19.11
N ASP D 77 30.43 27.74 -20.31
CA ASP D 77 29.68 27.14 -21.40
C ASP D 77 29.64 25.60 -21.34
N ALA D 78 30.51 24.99 -20.53
CA ALA D 78 30.68 23.54 -20.56
C ALA D 78 29.36 22.83 -20.33
N GLN D 79 28.61 23.24 -19.31
CA GLN D 79 27.39 22.52 -18.96
C GLN D 79 26.38 22.46 -20.09
N HIS D 80 26.36 23.49 -20.95
CA HIS D 80 25.40 23.54 -22.04
C HIS D 80 25.76 22.56 -23.15
N PHE D 81 27.06 22.43 -23.41
CA PHE D 81 27.56 21.42 -24.35
C PHE D 81 27.42 20.01 -23.78
N THR D 82 27.89 19.80 -22.55
CA THR D 82 27.90 18.46 -22.04
C THR D 82 26.49 17.91 -21.76
N GLN D 83 25.53 18.79 -21.49
CA GLN D 83 24.16 18.30 -21.32
C GLN D 83 23.74 17.51 -22.56
N ARG D 84 24.21 17.95 -23.73
CA ARG D 84 23.90 17.28 -24.99
C ARG D 84 24.70 16.01 -25.20
N ALA D 85 25.48 15.57 -24.21
CA ALA D 85 25.92 14.17 -24.29
C ALA D 85 24.74 13.23 -24.40
N CYS D 86 23.62 13.60 -23.79
CA CYS D 86 22.48 12.71 -23.80
C CYS D 86 21.20 13.40 -23.39
N GLY D 87 20.12 13.09 -24.09
CA GLY D 87 18.79 13.65 -23.82
C GLY D 87 17.85 12.68 -23.14
N VAL D 88 18.29 11.43 -22.93
CA VAL D 88 17.52 10.46 -22.12
C VAL D 88 17.82 10.78 -20.65
N CSX D 89 19.11 10.67 -20.27
CA CSX D 89 19.60 11.23 -19.02
CB CSX D 89 20.78 10.45 -18.43
SG CSX D 89 22.28 10.63 -19.30
C CSX D 89 19.87 12.70 -19.20
O CSX D 89 20.97 13.22 -18.96
OD CSX D 89 21.73 10.71 -20.69
N THR D 90 18.86 13.42 -19.64
CA THR D 90 18.95 14.87 -19.65
C THR D 90 19.23 15.37 -18.21
N TYR D 91 19.66 16.63 -18.10
CA TYR D 91 20.06 17.26 -16.85
C TYR D 91 21.37 16.78 -16.26
N VAL D 92 21.60 15.47 -16.20
CA VAL D 92 22.66 14.98 -15.31
C VAL D 92 24.03 15.49 -15.71
N HIS D 93 24.28 15.68 -17.00
CA HIS D 93 25.59 16.20 -17.39
C HIS D 93 25.71 17.71 -17.13
N ALA D 94 24.61 18.45 -17.26
CA ALA D 94 24.62 19.84 -16.83
C ALA D 94 24.93 19.94 -15.34
N LEU D 95 24.37 19.02 -14.56
CA LEU D 95 24.65 19.00 -13.13
C LEU D 95 26.13 18.66 -12.86
N ALA D 96 26.65 17.58 -13.51
CA ALA D 96 28.04 17.21 -13.26
C ALA D 96 28.99 18.30 -13.69
N SER D 97 28.71 18.95 -14.82
CA SER D 97 29.58 20.04 -15.28
C SER D 97 29.53 21.21 -14.32
N SER D 98 28.31 21.52 -13.84
CA SER D 98 28.16 22.63 -12.89
C SER D 98 28.91 22.31 -11.57
N ARG D 99 28.79 21.07 -11.07
CA ARG D 99 29.53 20.68 -9.87
C ARG D 99 31.03 20.77 -10.13
N CYS D 100 31.44 20.37 -11.33
CA CYS D 100 32.86 20.38 -11.73
C CYS D 100 33.44 21.80 -11.77
N VAL D 101 32.73 22.72 -12.43
CA VAL D 101 33.22 24.09 -12.51
C VAL D 101 33.11 24.79 -11.15
N ASP D 102 32.07 24.47 -10.40
CA ASP D 102 31.93 25.01 -9.03
C ASP D 102 33.16 24.63 -8.21
N ASP D 103 33.57 23.36 -8.32
CA ASP D 103 34.76 22.89 -7.61
C ASP D 103 36.02 23.60 -8.14
N ALA D 104 36.14 23.73 -9.45
CA ALA D 104 37.34 24.38 -10.03
C ALA D 104 37.48 25.85 -9.63
N VAL D 105 36.36 26.55 -9.47
CA VAL D 105 36.38 27.96 -9.06
C VAL D 105 36.33 28.13 -7.54
N LYS D 106 36.17 27.02 -6.83
CA LYS D 106 36.15 26.96 -5.35
C LYS D 106 34.99 27.78 -4.75
N VAL D 107 33.81 27.62 -5.37
CA VAL D 107 32.58 28.17 -4.83
C VAL D 107 31.75 27.06 -4.19
N SER D 108 31.20 27.36 -3.02
CA SER D 108 30.22 26.51 -2.36
C SER D 108 28.83 27.04 -2.65
N ILE D 109 28.01 26.23 -3.32
CA ILE D 109 26.66 26.68 -3.68
C ILE D 109 25.78 26.84 -2.44
N PRO D 110 24.80 27.76 -2.49
CA PRO D 110 23.90 27.93 -1.35
C PRO D 110 23.04 26.68 -1.12
N ALA D 111 22.58 26.52 0.13
CA ALA D 111 21.77 25.38 0.48
C ALA D 111 20.59 25.20 -0.48
N ASN D 112 19.93 26.30 -0.84
CA ASN D 112 18.76 26.19 -1.73
C ASN D 112 19.14 25.57 -3.09
N ALA D 113 20.34 25.90 -3.58
CA ALA D 113 20.79 25.39 -4.86
C ALA D 113 21.11 23.90 -4.77
N ARG D 114 21.70 23.48 -3.65
CA ARG D 114 21.91 22.05 -3.43
C ARG D 114 20.55 21.32 -3.45
N MET D 115 19.59 21.85 -2.71
CA MET D 115 18.25 21.26 -2.65
C MET D 115 17.58 21.19 -4.04
N MET D 116 17.62 22.29 -4.77
CA MET D 116 16.94 22.34 -6.06
C MET D 116 17.62 21.39 -7.04
N ARG D 117 18.96 21.42 -7.09
CA ARG D 117 19.68 20.51 -7.98
C ARG D 117 19.38 19.06 -7.64
N ASN D 118 19.28 18.73 -6.35
CA ASN D 118 19.05 17.34 -5.98
C ASN D 118 17.60 16.90 -6.25
N LEU D 119 16.65 17.82 -6.09
CA LEU D 119 15.25 17.52 -6.46
C LEU D 119 15.11 17.28 -7.97
N VAL D 120 15.80 18.09 -8.78
CA VAL D 120 15.71 17.88 -10.23
C VAL D 120 16.29 16.50 -10.58
N MET D 121 17.37 16.10 -9.89
CA MET D 121 17.87 14.73 -10.04
C MET D 121 16.85 13.68 -9.67
N ALA D 122 16.16 13.89 -8.55
CA ALA D 122 15.12 12.95 -8.12
C ALA D 122 14.03 12.82 -9.16
N SER D 123 13.57 13.96 -9.67
CA SER D 123 12.56 13.94 -10.73
C SER D 123 13.03 13.17 -11.97
N GLN D 124 14.31 13.34 -12.32
CA GLN D 124 14.90 12.62 -13.42
C GLN D 124 14.91 11.11 -13.19
N TYR D 125 15.28 10.68 -11.97
CA TYR D 125 15.27 9.26 -11.66
C TYR D 125 13.85 8.69 -11.90
N LEU D 126 12.83 9.41 -11.46
CA LEU D 126 11.45 8.91 -11.61
C LEU D 126 11.03 8.79 -13.07
N HIS D 127 11.28 9.85 -13.86
CA HIS D 127 10.92 9.82 -15.26
C HIS D 127 11.66 8.71 -16.00
N ASP D 128 12.97 8.67 -15.77
CA ASP D 128 13.87 7.82 -16.54
C ASP D 128 13.60 6.35 -16.22
N HIS D 129 13.50 6.00 -14.93
CA HIS D 129 13.32 4.60 -14.60
C HIS D 129 11.94 4.07 -15.04
N LEU D 130 10.89 4.91 -14.95
CA LEU D 130 9.56 4.49 -15.41
C LEU D 130 9.57 4.19 -16.91
N VAL D 131 10.16 5.10 -17.71
CA VAL D 131 10.25 4.88 -19.14
C VAL D 131 11.13 3.69 -19.47
N HIS D 132 12.23 3.52 -18.73
CA HIS D 132 13.05 2.38 -18.99
C HIS D 132 12.31 1.05 -18.81
N PHE D 133 11.70 0.87 -17.64
CA PHE D 133 11.05 -0.41 -17.40
C PHE D 133 9.98 -0.71 -18.45
N TYR D 134 9.10 0.26 -18.70
CA TYR D 134 7.96 -0.01 -19.59
C TYR D 134 8.37 0.02 -21.06
N HIS D 135 9.05 1.09 -21.46
CA HIS D 135 9.21 1.37 -22.87
C HIS D 135 10.47 0.82 -23.48
N ALA D 136 11.50 0.61 -22.66
CA ALA D 136 12.72 -0.03 -23.16
C ALA D 136 12.78 -1.52 -22.83
N HIS D 137 12.50 -1.88 -21.58
CA HIS D 137 12.81 -3.23 -21.12
C HIS D 137 11.64 -4.23 -21.25
N ALA D 138 10.42 -3.75 -21.05
CA ALA D 138 9.28 -4.69 -20.86
C ALA D 138 9.04 -5.60 -22.06
N LEU D 139 9.33 -5.11 -23.27
CA LEU D 139 9.10 -5.93 -24.49
C LEU D 139 10.06 -7.12 -24.58
N ASP D 140 11.05 -7.19 -23.69
CA ASP D 140 11.91 -8.39 -23.62
C ASP D 140 11.26 -9.50 -22.81
N TRP D 141 10.26 -9.15 -21.98
CA TRP D 141 9.65 -10.10 -21.04
C TRP D 141 8.16 -10.35 -21.31
N VAL D 142 7.53 -9.36 -21.96
CA VAL D 142 6.09 -9.31 -22.19
C VAL D 142 5.84 -9.59 -23.67
N ASP D 143 5.03 -10.61 -23.95
CA ASP D 143 4.55 -10.89 -25.31
C ASP D 143 3.25 -10.09 -25.53
N VAL D 144 3.35 -8.95 -26.20
CA VAL D 144 2.20 -8.07 -26.35
C VAL D 144 1.07 -8.75 -27.16
N THR D 145 1.42 -9.52 -28.17
CA THR D 145 0.38 -10.17 -28.97
C THR D 145 -0.38 -11.20 -28.14
N ALA D 146 0.29 -11.86 -27.20
CA ALA D 146 -0.39 -12.80 -26.29
C ALA D 146 -1.44 -12.11 -25.41
N ALA D 147 -1.27 -10.81 -25.17
CA ALA D 147 -2.27 -10.06 -24.43
C ALA D 147 -3.65 -10.13 -25.10
N LEU D 148 -3.69 -10.28 -26.41
CA LEU D 148 -4.97 -10.40 -27.14
C LEU D 148 -5.73 -11.67 -26.81
N LYS D 149 -5.03 -12.66 -26.28
CA LYS D 149 -5.62 -13.94 -25.93
C LYS D 149 -6.11 -13.98 -24.49
N ALA D 150 -5.78 -12.95 -23.70
CA ALA D 150 -6.11 -12.95 -22.27
C ALA D 150 -7.60 -12.80 -22.03
N ASP D 151 -8.08 -13.38 -20.93
CA ASP D 151 -9.42 -13.13 -20.43
C ASP D 151 -9.32 -11.87 -19.55
N PRO D 152 -9.98 -10.77 -19.95
CA PRO D 152 -9.80 -9.51 -19.21
C PRO D 152 -10.36 -9.56 -17.79
N ASN D 153 -11.36 -10.39 -17.54
CA ASN D 153 -11.86 -10.56 -16.17
C ASN D 153 -10.88 -11.32 -15.30
N LYS D 154 -10.28 -12.37 -15.86
CA LYS D 154 -9.22 -13.06 -15.12
C LYS D 154 -8.03 -12.12 -14.89
N ALA D 155 -7.73 -11.29 -15.88
CA ALA D 155 -6.62 -10.34 -15.74
C ALA D 155 -6.94 -9.31 -14.66
N ALA D 156 -8.16 -8.81 -14.65
CA ALA D 156 -8.60 -7.87 -13.61
C ALA D 156 -8.51 -8.49 -12.21
N LYS D 157 -8.91 -9.77 -12.10
CA LYS D 157 -8.85 -10.47 -10.82
C LYS D 157 -7.40 -10.64 -10.36
N LEU D 158 -6.53 -11.03 -11.28
CA LEU D 158 -5.11 -11.16 -10.97
C LEU D 158 -4.57 -9.81 -10.54
N ALA D 159 -4.90 -8.77 -11.30
CA ALA D 159 -4.43 -7.42 -11.01
C ALA D 159 -4.84 -6.96 -9.62
N ALA D 160 -6.08 -7.28 -9.23
CA ALA D 160 -6.58 -6.96 -7.90
C ALA D 160 -5.84 -7.72 -6.77
N SER D 161 -5.30 -8.90 -7.09
CA SER D 161 -4.56 -9.69 -6.10
C SER D 161 -3.12 -9.19 -5.91
N ILE D 162 -2.54 -8.62 -6.95
CA ILE D 162 -1.11 -8.29 -6.90
C ILE D 162 -0.85 -6.79 -6.79
N ALA D 163 -1.90 -5.97 -6.85
CA ALA D 163 -1.70 -4.52 -6.81
C ALA D 163 -2.87 -3.79 -6.17
N PRO D 164 -2.64 -2.57 -5.69
CA PRO D 164 -3.76 -1.80 -5.13
C PRO D 164 -4.90 -1.64 -6.14
N ALA D 165 -6.13 -1.59 -5.62
CA ALA D 165 -7.33 -1.33 -6.43
C ALA D 165 -7.18 -0.04 -7.22
N ARG D 166 -7.49 -0.10 -8.51
CA ARG D 166 -7.39 1.09 -9.35
C ARG D 166 -8.26 0.91 -10.60
N PRO D 167 -8.91 1.99 -11.06
CA PRO D 167 -9.83 1.87 -12.21
C PRO D 167 -9.16 1.37 -13.49
N GLY D 168 -7.89 1.73 -13.69
CA GLY D 168 -7.14 1.31 -14.88
C GLY D 168 -6.90 -0.19 -14.91
N ASN D 169 -7.15 -0.86 -13.77
CA ASN D 169 -6.98 -2.33 -13.72
C ASN D 169 -8.32 -3.06 -13.82
N SER D 170 -9.39 -2.31 -14.06
CA SER D 170 -10.70 -2.96 -14.19
C SER D 170 -10.78 -3.81 -15.45
N ALA D 171 -11.70 -4.78 -15.47
CA ALA D 171 -11.92 -5.57 -16.69
C ALA D 171 -12.30 -4.66 -17.86
N LYS D 172 -13.13 -3.65 -17.61
CA LYS D 172 -13.55 -2.72 -18.67
C LYS D 172 -12.33 -1.98 -19.25
N ALA D 173 -11.45 -1.51 -18.37
CA ALA D 173 -10.27 -0.78 -18.81
C ALA D 173 -9.31 -1.69 -19.58
N LEU D 174 -9.09 -2.90 -19.07
CA LEU D 174 -8.21 -3.85 -19.72
C LEU D 174 -8.76 -4.32 -21.05
N LYS D 175 -10.07 -4.50 -21.14
CA LYS D 175 -10.71 -4.84 -22.41
C LYS D 175 -10.56 -3.74 -23.43
N ALA D 176 -10.68 -2.47 -22.99
CA ALA D 176 -10.46 -1.34 -23.92
C ALA D 176 -9.04 -1.34 -24.48
N VAL D 177 -8.06 -1.71 -23.66
CA VAL D 177 -6.68 -1.85 -24.14
C VAL D 177 -6.61 -2.98 -25.16
N GLN D 178 -7.20 -4.12 -24.83
CA GLN D 178 -7.21 -5.25 -25.76
C GLN D 178 -7.84 -4.87 -27.10
N ASP D 179 -8.95 -4.12 -27.06
CA ASP D 179 -9.62 -3.73 -28.31
C ASP D 179 -8.74 -2.81 -29.17
N LYS D 180 -8.03 -1.87 -28.52
CA LYS D 180 -7.12 -0.96 -29.23
C LYS D 180 -5.98 -1.74 -29.90
N LEU D 181 -5.43 -2.68 -29.14
CA LEU D 181 -4.33 -3.47 -29.64
C LEU D 181 -4.78 -4.43 -30.75
N LYS D 182 -5.94 -5.04 -30.60
CA LYS D 182 -6.51 -5.90 -31.65
C LYS D 182 -6.70 -5.11 -32.95
N ALA D 183 -7.25 -3.91 -32.85
CA ALA D 183 -7.46 -3.08 -34.05
C ALA D 183 -6.13 -2.74 -34.73
N PHE D 184 -5.12 -2.43 -33.92
CA PHE D 184 -3.79 -2.12 -34.43
C PHE D 184 -3.16 -3.33 -35.12
N VAL D 185 -3.14 -4.47 -34.43
CA VAL D 185 -2.57 -5.69 -34.98
C VAL D 185 -3.26 -6.14 -36.27
N GLU D 186 -4.58 -6.01 -36.31
CA GLU D 186 -5.32 -6.44 -37.49
C GLU D 186 -5.27 -5.44 -38.64
N SER D 187 -4.72 -4.25 -38.39
CA SER D 187 -4.58 -3.19 -39.41
C SER D 187 -3.57 -3.56 -40.48
N GLY D 188 -2.71 -4.55 -40.18
CA GLY D 188 -1.63 -4.94 -41.07
C GLY D 188 -0.39 -4.07 -40.98
N GLN D 189 -0.43 -3.04 -40.16
CA GLN D 189 0.75 -2.21 -39.99
C GLN D 189 1.18 -2.28 -38.54
N LEU D 190 2.09 -3.22 -38.26
CA LEU D 190 2.50 -3.49 -36.88
C LEU D 190 3.43 -2.45 -36.30
N GLY D 191 3.94 -1.54 -37.13
CA GLY D 191 4.71 -0.41 -36.62
C GLY D 191 5.86 -0.86 -35.77
N ILE D 192 5.93 -0.32 -34.55
CA ILE D 192 7.03 -0.64 -33.63
C ILE D 192 7.06 -2.11 -33.20
N PHE D 193 6.01 -2.88 -33.49
CA PHE D 193 6.05 -4.31 -33.21
C PHE D 193 6.46 -5.17 -34.39
N THR D 194 6.80 -4.54 -35.54
CA THR D 194 7.22 -5.30 -36.71
C THR D 194 8.40 -6.21 -36.37
N ASN D 195 8.30 -7.49 -36.69
CA ASN D 195 9.37 -8.48 -36.46
C ASN D 195 9.76 -8.61 -34.98
N ALA D 196 8.84 -8.28 -34.08
CA ALA D 196 9.14 -8.45 -32.64
C ALA D 196 9.51 -9.90 -32.37
N TYR D 197 10.44 -10.10 -31.46
CA TYR D 197 10.89 -11.46 -31.14
C TYR D 197 9.80 -12.40 -30.61
N PHE D 198 8.75 -11.84 -30.02
CA PHE D 198 7.64 -12.63 -29.50
C PHE D 198 6.59 -13.01 -30.56
N LEU D 199 6.63 -12.42 -31.75
CA LEU D 199 5.62 -12.76 -32.76
C LEU D 199 5.67 -14.25 -33.09
N GLY D 200 4.49 -14.88 -33.09
CA GLY D 200 4.36 -16.31 -33.40
C GLY D 200 4.72 -17.23 -32.26
N GLY D 201 5.06 -16.65 -31.11
CA GLY D 201 5.44 -17.47 -29.96
C GLY D 201 6.96 -17.59 -29.87
N HIS D 202 7.46 -17.55 -28.64
CA HIS D 202 8.88 -17.69 -28.39
C HIS D 202 9.05 -18.36 -27.03
N LYS D 203 9.80 -19.45 -26.97
CA LYS D 203 9.91 -20.24 -25.75
C LYS D 203 10.48 -19.47 -24.57
N ALA D 204 11.24 -18.41 -24.84
CA ALA D 204 11.85 -17.64 -23.74
C ALA D 204 10.88 -16.66 -23.09
N TYR D 205 9.68 -16.52 -23.65
CA TYR D 205 8.63 -15.66 -23.07
C TYR D 205 7.68 -16.53 -22.26
N TYR D 206 7.66 -16.29 -20.94
CA TYR D 206 7.01 -17.19 -19.98
C TYR D 206 5.65 -16.73 -19.48
N LEU D 207 5.30 -15.46 -19.68
CA LEU D 207 4.16 -14.91 -18.95
C LEU D 207 2.82 -15.47 -19.41
N PRO D 208 1.89 -15.65 -18.46
CA PRO D 208 0.52 -15.89 -18.85
C PRO D 208 -0.04 -14.70 -19.61
N PRO D 209 -0.95 -14.95 -20.56
CA PRO D 209 -1.54 -13.84 -21.32
C PRO D 209 -2.10 -12.73 -20.44
N GLU D 210 -2.70 -13.09 -19.29
CA GLU D 210 -3.26 -12.08 -18.39
C GLU D 210 -2.22 -11.12 -17.89
N VAL D 211 -1.03 -11.63 -17.59
CA VAL D 211 0.07 -10.76 -17.14
C VAL D 211 0.56 -9.88 -18.28
N ASP D 212 0.64 -10.46 -19.49
CA ASP D 212 0.94 -9.64 -20.68
C ASP D 212 -0.05 -8.49 -20.84
N LEU D 213 -1.34 -8.74 -20.62
CA LEU D 213 -2.34 -7.70 -20.77
C LEU D 213 -2.19 -6.59 -19.73
N ILE D 214 -2.02 -6.97 -18.46
CA ILE D 214 -1.83 -5.98 -17.39
C ILE D 214 -0.60 -5.10 -17.71
N ALA D 215 0.50 -5.74 -18.10
CA ALA D 215 1.73 -4.99 -18.39
C ALA D 215 1.55 -4.06 -19.57
N THR D 216 0.84 -4.55 -20.60
CA THR D 216 0.61 -3.76 -21.81
C THR D 216 -0.28 -2.53 -21.50
N ALA D 217 -1.34 -2.75 -20.71
CA ALA D 217 -2.17 -1.63 -20.27
C ALA D 217 -1.30 -0.59 -19.56
N HIS D 218 -0.40 -1.04 -18.70
CA HIS D 218 0.46 -0.11 -17.98
C HIS D 218 1.54 0.56 -18.82
N TYR D 219 2.00 -0.14 -19.86
CA TYR D 219 2.90 0.45 -20.85
C TYR D 219 2.24 1.68 -21.47
N LEU D 220 0.96 1.56 -21.85
CA LEU D 220 0.25 2.68 -22.44
C LEU D 220 0.02 3.78 -21.41
N GLU D 221 -0.42 3.41 -20.21
CA GLU D 221 -0.59 4.42 -19.16
C GLU D 221 0.72 5.16 -18.85
N ALA D 222 1.83 4.42 -18.86
CA ALA D 222 3.12 5.02 -18.56
C ALA D 222 3.54 6.06 -19.60
N LEU D 223 3.06 5.93 -20.84
CA LEU D 223 3.33 6.96 -21.85
C LEU D 223 2.71 8.28 -21.42
N HIS D 224 1.55 8.22 -20.79
CA HIS D 224 0.92 9.44 -20.29
C HIS D 224 1.58 9.91 -18.99
N MET D 225 1.89 8.95 -18.11
CA MET D 225 2.47 9.30 -16.81
C MET D 225 3.85 9.95 -16.94
N GLN D 226 4.62 9.53 -17.93
CA GLN D 226 5.95 10.13 -18.11
C GLN D 226 5.86 11.63 -18.50
N VAL D 227 4.78 12.02 -19.20
CA VAL D 227 4.55 13.44 -19.46
C VAL D 227 4.46 14.20 -18.13
N LYS D 228 3.71 13.66 -17.16
CA LYS D 228 3.56 14.30 -15.86
C LYS D 228 4.90 14.33 -15.09
N ALA D 229 5.69 13.26 -15.18
CA ALA D 229 6.98 13.23 -14.50
C ALA D 229 7.91 14.31 -15.08
N ALA D 230 7.84 14.52 -16.40
CA ALA D 230 8.67 15.54 -17.06
C ALA D 230 8.18 16.94 -16.73
N SER D 231 6.86 17.12 -16.63
CA SER D 231 6.30 18.40 -16.18
C SER D 231 6.76 18.76 -14.76
N ALA D 232 6.71 17.79 -13.85
CA ALA D 232 7.23 18.05 -12.49
C ALA D 232 8.69 18.53 -12.60
N MET D 233 9.52 17.79 -13.35
CA MET D 233 10.92 18.14 -13.45
C MET D 233 11.09 19.58 -13.98
N ALA D 234 10.28 19.93 -15.00
CA ALA D 234 10.37 21.24 -15.64
C ALA D 234 9.94 22.40 -14.76
N ILE D 235 9.11 22.17 -13.76
CA ILE D 235 8.78 23.26 -12.82
C ILE D 235 10.07 23.85 -12.22
N LEU D 236 10.97 22.96 -11.84
CA LEU D 236 12.27 23.37 -11.33
C LEU D 236 13.32 23.57 -12.40
N GLY D 237 13.27 22.76 -13.45
CA GLY D 237 14.37 22.74 -14.43
C GLY D 237 14.21 23.69 -15.60
N GLY D 238 13.05 24.32 -15.75
CA GLY D 238 12.81 25.23 -16.91
C GLY D 238 12.14 24.55 -18.09
N LYS D 239 12.59 23.35 -18.42
CA LYS D 239 12.04 22.55 -19.53
C LYS D 239 12.63 21.17 -19.46
N ASN D 240 11.95 20.23 -20.12
CA ASN D 240 12.48 18.89 -20.26
C ASN D 240 12.03 18.41 -21.64
N PRO D 241 12.98 17.92 -22.47
CA PRO D 241 14.40 17.70 -22.20
C PRO D 241 15.25 18.95 -22.21
N HIS D 242 16.40 18.79 -21.56
CA HIS D 242 17.53 19.71 -21.51
C HIS D 242 17.20 20.92 -20.67
N THR D 243 17.41 20.74 -19.37
CA THR D 243 17.04 21.76 -18.41
C THR D 243 17.91 23.00 -18.58
N GLN D 244 17.49 24.10 -17.95
CA GLN D 244 18.16 25.37 -18.16
C GLN D 244 17.93 26.24 -16.93
N PHE D 245 18.46 25.76 -15.79
CA PHE D 245 18.28 26.43 -14.49
C PHE D 245 19.53 26.44 -13.62
N THR D 246 20.63 25.85 -14.09
CA THR D 246 21.87 25.78 -13.35
C THR D 246 22.84 26.85 -13.87
N VAL D 247 23.62 27.41 -12.95
CA VAL D 247 24.67 28.37 -13.27
C VAL D 247 25.86 28.07 -12.37
N VAL D 248 27.03 28.60 -12.72
CA VAL D 248 28.15 28.49 -11.80
C VAL D 248 27.72 29.19 -10.51
N GLY D 249 27.94 28.48 -9.40
CA GLY D 249 27.59 29.00 -8.08
C GLY D 249 26.18 28.66 -7.62
N GLY D 250 25.35 28.02 -8.45
CA GLY D 250 24.05 27.55 -7.94
C GLY D 250 23.02 27.36 -9.02
N CYS D 251 21.91 28.08 -8.86
CA CYS D 251 20.78 27.99 -9.78
C CYS D 251 20.20 29.36 -10.04
N SER D 252 19.39 29.43 -11.11
CA SER D 252 18.82 30.70 -11.53
C SER D 252 17.34 30.85 -11.22
N ASN D 253 16.70 29.73 -10.85
CA ASN D 253 15.25 29.62 -10.82
C ASN D 253 14.64 30.03 -9.48
N TYR D 254 14.59 31.34 -9.25
CA TYR D 254 13.99 31.87 -8.03
C TYR D 254 12.53 31.45 -7.88
N GLN D 255 11.80 31.33 -8.97
CA GLN D 255 10.39 30.98 -8.90
C GLN D 255 10.21 29.57 -8.34
N GLY D 256 11.22 28.72 -8.56
CA GLY D 256 11.19 27.33 -8.10
C GLY D 256 11.28 27.20 -6.58
N LEU D 257 11.60 28.30 -5.87
CA LEU D 257 11.62 28.28 -4.40
C LEU D 257 10.29 28.63 -3.79
N THR D 258 9.31 29.00 -4.62
CA THR D 258 8.09 29.60 -4.12
C THR D 258 6.89 28.63 -4.01
N LYS D 259 5.86 29.10 -3.32
CA LYS D 259 4.78 28.22 -2.86
C LYS D 259 4.00 27.49 -3.94
N ASP D 260 3.43 28.21 -4.91
CA ASP D 260 2.53 27.59 -5.86
C ASP D 260 3.27 26.62 -6.78
N PRO D 261 4.45 27.03 -7.32
CA PRO D 261 5.21 26.07 -8.11
C PRO D 261 5.52 24.79 -7.32
N LEU D 262 5.94 24.92 -6.06
CA LEU D 262 6.27 23.74 -5.28
C LEU D 262 5.04 22.89 -4.93
N ALA D 263 3.91 23.54 -4.78
CA ALA D 263 2.65 22.80 -4.59
C ALA D 263 2.32 21.96 -5.83
N ASN D 264 2.48 22.56 -7.01
CA ASN D 264 2.25 21.84 -8.26
C ASN D 264 3.28 20.71 -8.45
N TYR D 265 4.54 20.98 -8.11
CA TYR D 265 5.60 19.97 -8.15
C TYR D 265 5.27 18.80 -7.25
N LEU D 266 4.82 19.10 -6.03
CA LEU D 266 4.41 18.02 -5.14
C LEU D 266 3.22 17.22 -5.68
N ALA D 267 2.18 17.93 -6.16
CA ALA D 267 0.99 17.25 -6.71
C ALA D 267 1.36 16.31 -7.86
N LEU D 268 2.16 16.80 -8.81
CA LEU D 268 2.55 15.97 -9.96
C LEU D 268 3.39 14.80 -9.50
N SER D 269 4.31 15.07 -8.58
CA SER D 269 5.20 14.03 -8.08
C SER D 269 4.42 12.95 -7.35
N LYS D 270 3.38 13.36 -6.60
CA LYS D 270 2.54 12.36 -5.93
C LYS D 270 1.79 11.49 -6.94
N GLU D 271 1.35 12.06 -8.07
CA GLU D 271 0.67 11.26 -9.07
C GLU D 271 1.62 10.23 -9.68
N VAL D 272 2.84 10.68 -9.98
CA VAL D 272 3.84 9.80 -10.57
C VAL D 272 4.16 8.70 -9.58
N CYS D 273 4.37 9.05 -8.31
CA CYS D 273 4.69 8.06 -7.30
C CYS D 273 3.57 7.07 -7.05
N GLN D 274 2.33 7.53 -7.16
CA GLN D 274 1.20 6.61 -7.09
C GLN D 274 1.31 5.55 -8.21
N PHE D 275 1.70 5.99 -9.42
CA PHE D 275 1.89 5.05 -10.52
C PHE D 275 3.08 4.10 -10.26
N VAL D 276 4.16 4.63 -9.71
CA VAL D 276 5.29 3.78 -9.31
C VAL D 276 4.83 2.68 -8.35
N ASN D 277 4.09 3.08 -7.32
CA ASN D 277 3.69 2.12 -6.28
C ASN D 277 2.55 1.18 -6.71
N GLU D 278 1.64 1.66 -7.55
CA GLU D 278 0.46 0.87 -7.98
C GLU D 278 0.75 -0.01 -9.17
N CYS D 279 1.69 0.41 -10.03
CA CYS D 279 1.87 -0.26 -11.34
C CYS D 279 3.30 -0.74 -11.51
N TYR D 280 4.29 0.15 -11.40
CA TYR D 280 5.67 -0.26 -11.70
C TYR D 280 6.12 -1.38 -10.76
N ILE D 281 6.03 -1.16 -9.46
CA ILE D 281 6.57 -2.17 -8.54
C ILE D 281 5.80 -3.49 -8.64
N PRO D 282 4.44 -3.43 -8.65
CA PRO D 282 3.74 -4.72 -8.77
C PRO D 282 4.00 -5.44 -10.08
N ASP D 283 4.14 -4.70 -11.19
CA ASP D 283 4.45 -5.35 -12.46
C ASP D 283 5.85 -5.94 -12.46
N LEU D 284 6.79 -5.18 -11.91
CA LEU D 284 8.16 -5.65 -11.80
C LEU D 284 8.27 -6.97 -10.98
N LEU D 285 7.55 -7.00 -9.87
CA LEU D 285 7.55 -8.19 -9.01
C LEU D 285 6.84 -9.35 -9.66
N ALA D 286 5.77 -9.08 -10.40
CA ALA D 286 5.05 -10.13 -11.11
C ALA D 286 5.94 -10.75 -12.17
N VAL D 287 6.59 -9.90 -12.97
CA VAL D 287 7.49 -10.40 -14.01
C VAL D 287 8.64 -11.18 -13.35
N ALA D 288 9.24 -10.60 -12.32
CA ALA D 288 10.33 -11.27 -11.61
C ALA D 288 9.95 -12.67 -11.10
N GLY D 289 8.72 -12.81 -10.61
CA GLY D 289 8.26 -14.10 -10.11
C GLY D 289 8.23 -15.19 -11.18
N PHE D 290 7.86 -14.83 -12.40
CA PHE D 290 7.88 -15.80 -13.50
C PHE D 290 9.26 -16.09 -14.07
N TYR D 291 10.18 -15.16 -13.91
CA TYR D 291 11.52 -15.27 -14.48
C TYR D 291 12.59 -15.43 -13.38
N LYS D 292 12.29 -16.23 -12.36
CA LYS D 292 13.23 -16.36 -11.25
C LYS D 292 14.56 -16.97 -11.70
N ASP D 293 14.53 -17.72 -12.79
CA ASP D 293 15.76 -18.26 -13.36
C ASP D 293 16.74 -17.15 -13.74
N TRP D 294 16.21 -15.97 -14.05
CA TRP D 294 17.05 -14.85 -14.43
C TRP D 294 17.77 -14.19 -13.24
N GLY D 295 17.51 -14.67 -12.02
CA GLY D 295 18.35 -14.35 -10.87
C GLY D 295 19.66 -15.14 -10.84
N GLY D 296 19.84 -16.05 -11.81
CA GLY D 296 21.07 -16.81 -11.92
C GLY D 296 21.84 -16.55 -13.20
N ILE D 297 21.43 -15.51 -13.92
CA ILE D 297 22.02 -15.17 -15.22
C ILE D 297 22.41 -13.70 -15.19
N GLY D 298 23.60 -13.37 -15.72
CA GLY D 298 23.97 -11.99 -15.92
C GLY D 298 24.66 -11.27 -14.78
N GLY D 299 25.20 -12.00 -13.83
CA GLY D 299 25.85 -11.37 -12.70
C GLY D 299 27.25 -10.84 -12.99
N THR D 300 27.66 -9.85 -12.23
CA THR D 300 29.03 -9.37 -12.16
C THR D 300 29.42 -9.26 -10.68
N SER D 301 30.62 -8.77 -10.40
CA SER D 301 31.13 -8.85 -9.02
C SER D 301 31.54 -7.57 -8.33
N ASN D 302 31.81 -6.50 -9.07
CA ASN D 302 32.34 -5.28 -8.49
C ASN D 302 31.42 -4.11 -8.75
N TYR D 303 31.21 -3.25 -7.75
CA TYR D 303 30.24 -2.16 -7.86
C TYR D 303 30.82 -0.86 -7.35
N LEU D 304 30.51 0.22 -8.05
CA LEU D 304 31.01 1.56 -7.71
C LEU D 304 29.83 2.55 -7.71
N ALA D 305 29.79 3.42 -6.70
CA ALA D 305 28.89 4.57 -6.74
C ALA D 305 29.57 5.78 -6.13
N PHE D 306 29.28 6.95 -6.70
CA PHE D 306 29.70 8.23 -6.12
C PHE D 306 28.68 8.78 -5.13
N GLY D 307 27.52 8.10 -5.04
CA GLY D 307 26.42 8.54 -4.18
C GLY D 307 25.62 9.65 -4.82
N GLU D 308 24.38 9.81 -4.38
CA GLU D 308 23.62 10.98 -4.79
C GLU D 308 22.72 11.44 -3.64
N PHE D 309 22.14 12.63 -3.79
CA PHE D 309 21.22 13.20 -2.78
C PHE D 309 21.97 13.50 -1.49
N ALA D 310 23.07 14.23 -1.64
CA ALA D 310 23.91 14.61 -0.49
C ALA D 310 23.32 15.79 0.24
N THR D 311 23.57 15.81 1.55
CA THR D 311 23.22 16.94 2.40
C THR D 311 24.32 18.00 2.44
N ASP D 312 25.51 17.66 1.93
CA ASP D 312 26.60 18.60 1.83
C ASP D 312 27.30 18.41 0.49
N ASP D 313 27.07 19.37 -0.41
CA ASP D 313 27.68 19.34 -1.75
C ASP D 313 28.73 20.45 -1.90
N SER D 314 29.37 20.83 -0.80
CA SER D 314 30.35 21.93 -0.84
C SER D 314 31.67 21.51 -1.46
N SER D 315 31.89 20.20 -1.57
CA SER D 315 33.12 19.66 -2.20
C SER D 315 32.83 18.23 -2.68
N PRO D 316 33.64 17.71 -3.61
CA PRO D 316 33.45 16.31 -4.05
C PRO D 316 33.58 15.33 -2.89
N GLU D 317 34.49 15.61 -1.97
CA GLU D 317 34.64 14.70 -0.84
C GLU D 317 33.41 14.73 0.06
N LYS D 318 32.86 15.92 0.27
CA LYS D 318 31.64 16.01 1.07
C LYS D 318 30.46 15.34 0.36
N HIS D 319 30.41 15.45 -0.97
CA HIS D 319 29.40 14.71 -1.73
C HIS D 319 29.51 13.20 -1.48
N LEU D 320 30.73 12.67 -1.61
CA LEU D 320 30.94 11.24 -1.38
C LEU D 320 30.51 10.83 0.04
N ALA D 321 30.79 11.69 1.01
CA ALA D 321 30.56 11.35 2.43
C ALA D 321 29.11 11.48 2.86
N THR D 322 28.39 12.44 2.26
CA THR D 322 27.07 12.80 2.77
C THR D 322 25.89 12.43 1.89
N SER D 323 26.15 11.76 0.75
CA SER D 323 25.11 11.30 -0.14
C SER D 323 24.14 10.39 0.62
N GLN D 324 22.84 10.70 0.54
CA GLN D 324 21.85 9.85 1.22
C GLN D 324 21.69 8.50 0.55
N PHE D 325 21.89 8.43 -0.78
CA PHE D 325 22.15 7.14 -1.44
C PHE D 325 23.68 7.07 -1.43
N PRO D 326 24.24 6.23 -0.58
CA PRO D 326 25.69 6.39 -0.28
C PRO D 326 26.62 5.98 -1.41
N SER D 327 27.82 6.55 -1.34
CA SER D 327 28.90 6.16 -2.23
C SER D 327 29.61 4.93 -1.70
N GLY D 328 30.45 4.33 -2.55
CA GLY D 328 31.29 3.24 -2.09
C GLY D 328 31.76 2.35 -3.22
N VAL D 329 32.55 1.36 -2.83
CA VAL D 329 33.12 0.35 -3.72
C VAL D 329 32.96 -1.03 -3.08
N ILE D 330 32.34 -1.95 -3.80
CA ILE D 330 32.27 -3.34 -3.42
C ILE D 330 33.06 -4.16 -4.44
N THR D 331 33.87 -5.10 -3.97
CA THR D 331 34.60 -5.96 -4.86
C THR D 331 34.36 -7.43 -4.54
N GLY D 332 34.36 -8.27 -5.55
CA GLY D 332 34.22 -9.72 -5.35
C GLY D 332 32.94 -10.14 -4.66
N ARG D 333 31.85 -9.40 -4.89
CA ARG D 333 30.54 -9.65 -4.27
C ARG D 333 30.57 -9.64 -2.75
N ASP D 334 31.58 -9.02 -2.16
CA ASP D 334 31.69 -9.02 -0.70
C ASP D 334 30.86 -7.90 -0.10
N LEU D 335 29.69 -8.23 0.43
CA LEU D 335 28.78 -7.23 0.97
C LEU D 335 29.15 -6.88 2.42
N GLY D 336 30.16 -7.54 2.96
CA GLY D 336 30.57 -7.29 4.33
C GLY D 336 31.51 -6.11 4.45
N LYS D 337 31.97 -5.59 3.31
CA LYS D 337 32.88 -4.46 3.31
C LYS D 337 32.57 -3.53 2.15
N VAL D 338 32.39 -2.26 2.44
CA VAL D 338 32.26 -1.23 1.41
C VAL D 338 33.44 -0.28 1.62
N ASP D 339 34.23 -0.10 0.58
CA ASP D 339 35.41 0.76 0.66
C ASP D 339 35.04 2.16 0.20
N ASN D 340 35.73 3.16 0.77
CA ASN D 340 35.57 4.55 0.31
C ASN D 340 36.08 4.66 -1.11
N VAL D 341 35.46 5.56 -1.88
CA VAL D 341 35.91 5.88 -3.23
C VAL D 341 37.15 6.78 -3.14
N ASP D 342 38.20 6.36 -3.83
CA ASP D 342 39.42 7.13 -3.99
C ASP D 342 39.39 7.70 -5.41
N LEU D 343 39.13 9.00 -5.54
CA LEU D 343 39.03 9.64 -6.85
C LEU D 343 40.33 9.57 -7.64
N GLY D 344 41.46 9.49 -6.93
CA GLY D 344 42.76 9.34 -7.58
C GLY D 344 43.01 7.97 -8.22
N ALA D 345 42.16 6.99 -7.93
CA ALA D 345 42.33 5.61 -8.40
C ALA D 345 41.55 5.30 -9.70
N ILE D 346 40.77 6.27 -10.17
CA ILE D 346 40.02 6.14 -11.41
C ILE D 346 40.95 6.42 -12.58
N TYR D 347 40.90 5.55 -13.59
CA TYR D 347 41.58 5.84 -14.83
C TYR D 347 40.84 5.23 -16.01
N GLU D 348 41.25 5.58 -17.22
CA GLU D 348 40.63 5.00 -18.41
C GLU D 348 41.71 4.47 -19.34
N ASP D 349 41.44 3.27 -19.86
CA ASP D 349 42.25 2.64 -20.88
C ASP D 349 41.65 2.85 -22.26
N VAL D 350 42.53 2.72 -23.27
CA VAL D 350 42.09 2.79 -24.67
C VAL D 350 42.58 1.62 -25.53
N LYS D 351 43.30 0.66 -24.91
CA LYS D 351 43.89 -0.45 -25.66
C LYS D 351 42.95 -1.11 -26.69
N TYR D 352 41.70 -1.36 -26.29
CA TYR D 352 40.71 -2.06 -27.11
C TYR D 352 39.68 -1.13 -27.71
N SER D 353 40.01 0.17 -27.69
CA SER D 353 39.14 1.21 -28.18
C SER D 353 39.69 1.88 -29.44
N TRP D 354 38.84 2.66 -30.09
CA TRP D 354 39.22 3.40 -31.30
C TRP D 354 39.89 4.75 -30.97
N TYR D 355 41.01 4.65 -30.25
CA TYR D 355 41.85 5.83 -29.91
C TYR D 355 43.29 5.47 -30.18
N ALA D 356 44.12 6.50 -30.28
CA ALA D 356 45.51 6.35 -30.56
C ALA D 356 46.24 5.50 -29.50
N PRO D 357 47.22 4.69 -29.91
CA PRO D 357 47.99 4.00 -28.88
C PRO D 357 48.71 5.00 -27.97
N GLY D 358 48.99 4.59 -26.74
CA GLY D 358 49.71 5.44 -25.82
C GLY D 358 48.81 6.09 -24.78
N GLY D 359 47.50 5.88 -24.89
CA GLY D 359 46.57 6.53 -23.99
C GLY D 359 46.06 5.69 -22.83
N ASP D 360 46.68 4.53 -22.59
CA ASP D 360 46.24 3.72 -21.46
C ASP D 360 46.59 4.34 -20.10
N GLY D 361 45.79 4.01 -19.10
CA GLY D 361 46.13 4.30 -17.70
C GLY D 361 45.98 5.76 -17.32
N LYS D 362 45.16 6.52 -18.03
CA LYS D 362 45.07 7.96 -17.77
C LYS D 362 44.00 8.28 -16.73
N HIS D 363 44.44 8.91 -15.64
CA HIS D 363 43.48 9.54 -14.73
C HIS D 363 42.78 10.65 -15.54
N PRO D 364 41.48 10.90 -15.29
CA PRO D 364 40.79 11.87 -16.14
C PRO D 364 41.34 13.30 -16.15
N TYR D 365 42.02 13.73 -15.09
CA TYR D 365 42.67 15.03 -15.14
C TYR D 365 43.81 15.05 -16.19
N ASP D 366 44.25 13.86 -16.60
CA ASP D 366 45.31 13.69 -17.60
C ASP D 366 44.73 13.05 -18.86
N GLY D 367 43.40 13.09 -18.99
CA GLY D 367 42.70 12.39 -20.07
C GLY D 367 43.13 12.84 -21.45
N VAL D 368 43.09 11.90 -22.39
CA VAL D 368 43.43 12.18 -23.79
C VAL D 368 42.34 11.55 -24.66
N THR D 369 41.85 12.33 -25.63
CA THR D 369 40.80 11.86 -26.53
C THR D 369 41.27 12.08 -27.97
N ASP D 370 41.93 11.06 -28.49
CA ASP D 370 42.63 11.12 -29.78
C ASP D 370 42.05 9.99 -30.65
N PRO D 371 40.95 10.27 -31.36
CA PRO D 371 40.24 9.21 -32.06
C PRO D 371 41.05 8.57 -33.19
N LYS D 372 40.92 7.25 -33.29
CA LYS D 372 41.61 6.47 -34.32
C LYS D 372 40.80 5.21 -34.63
N TYR D 373 40.03 5.28 -35.70
CA TYR D 373 39.22 4.14 -36.12
C TYR D 373 40.06 3.11 -36.86
N THR D 374 39.67 1.84 -36.75
CA THR D 374 40.36 0.78 -37.53
C THR D 374 39.35 0.19 -38.51
N LYS D 375 38.60 -0.82 -38.09
CA LYS D 375 37.62 -1.45 -38.96
C LYS D 375 36.55 -2.12 -38.09
N LEU D 376 35.38 -2.34 -38.67
CA LEU D 376 34.32 -3.02 -37.99
C LEU D 376 34.77 -4.39 -37.52
N ASP D 377 34.44 -4.69 -36.26
CA ASP D 377 34.68 -6.02 -35.67
C ASP D 377 36.15 -6.40 -35.48
N ASP D 378 37.03 -5.41 -35.49
CA ASP D 378 38.43 -5.63 -35.18
C ASP D 378 38.47 -5.93 -33.68
N LYS D 379 38.73 -7.18 -33.29
CA LYS D 379 38.69 -7.48 -31.86
C LYS D 379 39.83 -6.84 -31.07
N ASP D 380 40.83 -6.28 -31.77
CA ASP D 380 41.88 -5.48 -31.10
C ASP D 380 41.40 -4.07 -30.77
N HIS D 381 40.43 -3.53 -31.55
CA HIS D 381 39.92 -2.15 -31.35
C HIS D 381 38.49 -2.16 -31.82
N TYR D 382 37.54 -2.22 -30.88
CA TYR D 382 36.16 -2.52 -31.26
C TYR D 382 35.14 -1.59 -30.62
N SER D 383 35.58 -0.46 -30.04
CA SER D 383 34.57 0.44 -29.48
C SER D 383 35.01 1.87 -29.41
N TRP D 384 34.07 2.81 -29.59
CA TRP D 384 34.36 4.21 -29.32
C TRP D 384 34.35 4.56 -27.85
N MET D 385 33.89 3.64 -27.00
CA MET D 385 34.04 3.90 -25.56
C MET D 385 35.48 3.62 -25.11
N LYS D 386 35.98 4.45 -24.19
CA LYS D 386 37.14 4.09 -23.39
C LYS D 386 36.71 3.00 -22.36
N ALA D 387 37.71 2.47 -21.66
CA ALA D 387 37.50 1.43 -20.67
C ALA D 387 37.90 1.96 -19.29
N PRO D 388 36.92 2.46 -18.50
CA PRO D 388 37.30 2.97 -17.20
C PRO D 388 37.56 1.82 -16.25
N ARG D 389 38.60 1.97 -15.44
CA ARG D 389 38.94 0.96 -14.46
C ARG D 389 39.26 1.63 -13.12
N TYR D 390 39.20 0.83 -12.05
CA TYR D 390 39.39 1.32 -10.71
C TYR D 390 40.29 0.34 -9.99
N LYS D 391 41.50 0.79 -9.62
CA LYS D 391 42.49 -0.06 -8.94
C LYS D 391 42.63 -1.39 -9.73
N GLY D 392 42.61 -1.28 -11.07
CA GLY D 392 42.76 -2.41 -11.98
C GLY D 392 41.52 -3.24 -12.31
N LYS D 393 40.38 -2.89 -11.74
CA LYS D 393 39.17 -3.67 -11.94
C LYS D 393 38.07 -2.92 -12.67
N ALA D 394 37.27 -3.68 -13.41
CA ALA D 394 36.04 -3.15 -14.00
C ALA D 394 35.02 -3.00 -12.89
N MET D 395 34.16 -2.00 -13.03
CA MET D 395 33.13 -1.71 -12.04
C MET D 395 31.77 -1.55 -12.70
N GLU D 396 30.79 -2.29 -12.18
CA GLU D 396 29.39 -2.05 -12.53
C GLU D 396 28.87 -0.86 -11.73
N VAL D 397 28.16 0.02 -12.42
CA VAL D 397 27.60 1.21 -11.78
C VAL D 397 26.10 1.24 -12.07
N GLY D 398 25.36 2.05 -11.29
CA GLY D 398 23.90 2.15 -11.50
C GLY D 398 23.08 1.69 -10.32
N PRO D 399 21.79 1.45 -10.57
CA PRO D 399 20.89 1.13 -9.46
C PRO D 399 21.34 -0.09 -8.67
N LEU D 400 21.84 -1.12 -9.35
CA LEU D 400 22.26 -2.29 -8.61
C LEU D 400 23.47 -1.99 -7.71
N ALA D 401 24.41 -1.21 -8.23
CA ALA D 401 25.56 -0.77 -7.43
C ALA D 401 25.10 0.02 -6.22
N ARG D 402 24.25 1.03 -6.44
CA ARG D 402 23.74 1.82 -5.31
C ARG D 402 22.98 0.96 -4.30
N THR D 403 22.20 0.02 -4.80
CA THR D 403 21.37 -0.84 -3.94
C THR D 403 22.25 -1.73 -3.06
N PHE D 404 23.24 -2.38 -3.64
CA PHE D 404 24.14 -3.21 -2.84
C PHE D 404 24.92 -2.38 -1.83
N ILE D 405 25.44 -1.23 -2.24
CA ILE D 405 26.22 -0.38 -1.35
C ILE D 405 25.36 0.08 -0.19
N ALA D 406 24.16 0.56 -0.49
CA ALA D 406 23.26 1.05 0.54
C ALA D 406 22.81 -0.10 1.45
N TYR D 407 22.46 -1.23 0.86
CA TYR D 407 21.99 -2.37 1.66
C TYR D 407 23.12 -2.83 2.59
N ALA D 408 24.32 -2.99 2.04
CA ALA D 408 25.48 -3.41 2.84
C ALA D 408 25.74 -2.49 4.03
N LYS D 409 25.52 -1.19 3.83
CA LYS D 409 25.73 -0.19 4.87
C LYS D 409 24.54 -0.05 5.80
N GLY D 410 23.46 -0.78 5.54
CA GLY D 410 22.27 -0.69 6.39
C GLY D 410 21.49 0.60 6.25
N GLN D 411 21.56 1.23 5.08
CA GLN D 411 20.77 2.42 4.82
C GLN D 411 19.30 1.98 5.01
N PRO D 412 18.55 2.66 5.91
CA PRO D 412 17.26 2.06 6.34
C PRO D 412 16.20 1.93 5.25
N ASP D 413 16.13 2.87 4.31
CA ASP D 413 15.15 2.72 3.22
C ASP D 413 15.48 1.55 2.30
N PHE D 414 16.76 1.41 1.96
CA PHE D 414 17.18 0.26 1.16
C PHE D 414 17.01 -1.06 1.90
N LYS D 415 17.30 -1.10 3.20
CA LYS D 415 17.08 -2.34 3.93
C LYS D 415 15.60 -2.72 3.86
N LYS D 416 14.71 -1.75 4.07
CA LYS D 416 13.26 -1.99 4.08
C LYS D 416 12.76 -2.47 2.72
N VAL D 417 13.06 -1.72 1.67
CA VAL D 417 12.49 -2.02 0.35
C VAL D 417 13.17 -3.27 -0.26
N VAL D 418 14.49 -3.39 -0.11
CA VAL D 418 15.14 -4.62 -0.58
C VAL D 418 14.53 -5.83 0.12
N ASP D 419 14.39 -5.79 1.43
CA ASP D 419 13.84 -6.94 2.15
C ASP D 419 12.41 -7.28 1.73
N MET D 420 11.63 -6.25 1.43
CA MET D 420 10.30 -6.46 0.87
C MET D 420 10.40 -7.31 -0.40
N VAL D 421 11.32 -6.97 -1.30
CA VAL D 421 11.45 -7.68 -2.56
C VAL D 421 11.97 -9.11 -2.32
N LEU D 422 12.97 -9.22 -1.46
CA LEU D 422 13.55 -10.53 -1.15
C LEU D 422 12.48 -11.47 -0.59
N GLY D 423 11.61 -10.94 0.26
CA GLY D 423 10.51 -11.72 0.85
C GLY D 423 9.43 -12.09 -0.16
N LYS D 424 9.10 -11.15 -1.03
CA LYS D 424 8.09 -11.41 -2.04
C LYS D 424 8.53 -12.49 -3.03
N LEU D 425 9.81 -12.46 -3.40
CA LEU D 425 10.32 -13.38 -4.41
C LEU D 425 10.94 -14.67 -3.81
N SER D 426 11.12 -14.69 -2.49
CA SER D 426 11.78 -15.77 -1.77
C SER D 426 13.18 -16.00 -2.37
N VAL D 427 13.95 -14.92 -2.41
CA VAL D 427 15.34 -14.95 -2.87
C VAL D 427 16.23 -14.24 -1.84
N PRO D 428 17.52 -14.63 -1.77
CA PRO D 428 18.45 -13.93 -0.91
C PRO D 428 19.01 -12.67 -1.61
N ALA D 429 19.67 -11.80 -0.85
CA ALA D 429 20.30 -10.60 -1.43
C ALA D 429 21.29 -10.99 -2.53
N THR D 430 21.92 -12.17 -2.41
CA THR D 430 22.87 -12.61 -3.42
C THR D 430 22.22 -12.81 -4.79
N ALA D 431 20.90 -13.03 -4.83
CA ALA D 431 20.19 -13.24 -6.11
C ALA D 431 20.19 -11.96 -6.92
N LEU D 432 20.50 -10.83 -6.28
CA LEU D 432 20.51 -9.56 -7.01
C LEU D 432 21.74 -9.39 -7.89
N HIS D 433 22.76 -10.24 -7.71
CA HIS D 433 23.92 -10.22 -8.63
C HIS D 433 23.52 -10.93 -9.92
N SER D 434 22.69 -10.28 -10.74
CA SER D 434 22.07 -10.94 -11.88
C SER D 434 21.33 -9.92 -12.70
N THR D 435 20.94 -10.34 -13.90
CA THR D 435 20.08 -9.51 -14.74
C THR D 435 18.73 -9.23 -14.10
N LEU D 436 18.11 -10.22 -13.48
CA LEU D 436 16.88 -9.95 -12.75
C LEU D 436 17.12 -8.95 -11.63
N GLY D 437 18.22 -9.15 -10.91
CA GLY D 437 18.59 -8.27 -9.77
C GLY D 437 18.81 -6.82 -10.21
N ARG D 438 19.48 -6.65 -11.35
CA ARG D 438 19.74 -5.32 -11.88
C ARG D 438 18.44 -4.58 -12.23
N THR D 439 17.50 -5.36 -12.76
CA THR D 439 16.19 -4.87 -13.12
C THR D 439 15.40 -4.52 -11.86
N ALA D 440 15.45 -5.41 -10.87
CA ALA D 440 14.74 -5.19 -9.61
C ALA D 440 15.28 -3.96 -8.90
N ALA D 441 16.60 -3.81 -8.88
CA ALA D 441 17.22 -2.68 -8.15
C ALA D 441 16.76 -1.34 -8.71
N ARG D 442 16.58 -1.28 -10.02
CA ARG D 442 16.08 -0.05 -10.63
C ARG D 442 14.71 0.32 -10.08
N GLY D 443 13.83 -0.68 -9.92
CA GLY D 443 12.51 -0.45 -9.30
C GLY D 443 12.61 -0.10 -7.82
N ILE D 444 13.44 -0.84 -7.09
CA ILE D 444 13.63 -0.59 -5.65
C ILE D 444 14.00 0.87 -5.42
N GLU D 445 14.99 1.38 -6.16
CA GLU D 445 15.41 2.73 -5.89
C GLU D 445 14.40 3.77 -6.35
N THR D 446 13.59 3.44 -7.35
CA THR D 446 12.51 4.34 -7.77
C THR D 446 11.49 4.49 -6.62
N ALA D 447 11.13 3.36 -6.01
CA ALA D 447 10.24 3.38 -4.84
C ALA D 447 10.83 4.21 -3.70
N ILE D 448 12.15 4.12 -3.51
CA ILE D 448 12.79 4.88 -2.43
C ILE D 448 12.82 6.36 -2.73
N VAL D 449 13.17 6.75 -3.97
CA VAL D 449 13.06 8.16 -4.32
C VAL D 449 11.63 8.65 -4.02
N CYS D 450 10.63 7.89 -4.46
CA CYS D 450 9.24 8.29 -4.20
C CYS D 450 8.97 8.50 -2.70
N ALA D 451 9.50 7.60 -1.89
CA ALA D 451 9.26 7.65 -0.45
C ALA D 451 9.91 8.89 0.18
N ASN D 452 10.87 9.50 -0.52
CA ASN D 452 11.54 10.68 0.00
C ASN D 452 11.12 12.00 -0.58
N MET D 453 10.26 11.99 -1.59
CA MET D 453 9.92 13.22 -2.28
C MET D 453 9.23 14.22 -1.38
N GLU D 454 8.29 13.75 -0.55
CA GLU D 454 7.59 14.72 0.28
C GLU D 454 8.55 15.41 1.27
N LYS D 455 9.48 14.65 1.85
CA LYS D 455 10.45 15.19 2.79
C LYS D 455 11.37 16.19 2.09
N TRP D 456 11.87 15.83 0.92
CA TRP D 456 12.80 16.71 0.20
C TRP D 456 12.08 17.98 -0.28
N ILE D 457 10.84 17.85 -0.74
CA ILE D 457 10.07 19.02 -1.20
C ILE D 457 9.78 19.94 -0.02
N LYS D 458 9.41 19.35 1.13
CA LYS D 458 9.16 20.17 2.31
C LYS D 458 10.42 20.92 2.77
N GLU D 459 11.55 20.23 2.75
CA GLU D 459 12.80 20.86 3.11
C GLU D 459 13.07 22.07 2.22
N MET D 460 12.94 21.89 0.91
CA MET D 460 13.17 23.01 0.04
C MET D 460 12.11 24.11 0.13
N ALA D 461 10.85 23.72 0.33
CA ALA D 461 9.80 24.72 0.49
C ALA D 461 10.05 25.58 1.72
N ASP D 462 10.45 24.95 2.81
CA ASP D 462 10.69 25.68 4.04
C ASP D 462 11.95 26.54 3.91
N SER D 463 12.96 26.02 3.23
CA SER D 463 14.21 26.78 3.06
C SER D 463 13.95 27.98 2.13
N GLY D 464 13.25 27.74 1.02
CA GLY D 464 12.94 28.81 0.04
C GLY D 464 12.05 29.89 0.65
N ALA D 465 11.21 29.52 1.62
CA ALA D 465 10.34 30.52 2.27
C ALA D 465 11.14 31.48 3.13
N LYS D 466 12.27 31.03 3.70
CA LYS D 466 13.06 31.84 4.65
C LYS D 466 14.36 32.40 4.05
N ASP D 467 14.72 31.99 2.83
CA ASP D 467 16.03 32.31 2.27
C ASP D 467 15.87 32.26 0.76
N ASN D 468 16.25 33.33 0.08
CA ASN D 468 16.20 33.26 -1.39
C ASN D 468 17.60 33.33 -2.00
N THR D 469 18.62 32.97 -1.22
CA THR D 469 19.97 32.81 -1.76
C THR D 469 19.99 31.55 -2.61
N LEU D 470 20.33 31.72 -3.89
CA LEU D 470 20.27 30.62 -4.84
C LEU D 470 21.53 30.50 -5.71
N CYS D 471 22.32 31.58 -5.79
CA CYS D 471 23.60 31.57 -6.50
C CYS D 471 24.62 32.31 -5.65
N ALA D 472 25.78 31.66 -5.41
CA ALA D 472 26.89 32.27 -4.69
C ALA D 472 27.78 33.09 -5.64
N LYS D 473 28.51 34.04 -5.07
CA LYS D 473 29.48 34.84 -5.82
C LYS D 473 30.73 34.03 -6.04
N TRP D 474 31.38 34.28 -7.18
CA TRP D 474 32.59 33.53 -7.53
C TRP D 474 33.41 34.32 -8.55
N GLU D 475 34.65 33.88 -8.75
CA GLU D 475 35.56 34.49 -9.71
C GLU D 475 36.29 33.39 -10.46
N MET D 476 36.47 33.59 -11.77
CA MET D 476 37.17 32.61 -12.60
C MET D 476 38.67 32.65 -12.31
N PRO D 477 39.25 31.49 -11.90
CA PRO D 477 40.69 31.49 -11.67
C PRO D 477 41.45 31.43 -12.99
N GLU D 478 42.68 31.94 -12.97
CA GLU D 478 43.57 31.79 -14.14
C GLU D 478 43.80 30.30 -14.45
N GLU D 479 44.14 29.53 -13.41
CA GLU D 479 44.49 28.12 -13.56
C GLU D 479 43.94 27.36 -12.38
N SER D 480 43.27 26.24 -12.65
CA SER D 480 42.71 25.43 -11.58
C SER D 480 42.31 24.08 -12.16
N LYS D 481 41.86 23.19 -11.29
CA LYS D 481 41.22 21.97 -11.74
C LYS D 481 40.06 21.65 -10.82
N GLY D 482 39.11 20.87 -11.29
CA GLY D 482 37.97 20.51 -10.46
C GLY D 482 37.28 19.29 -10.99
N VAL D 483 36.53 18.64 -10.11
CA VAL D 483 35.78 17.45 -10.47
C VAL D 483 34.35 17.59 -9.96
N GLY D 484 33.40 17.17 -10.80
CA GLY D 484 31.98 17.14 -10.43
C GLY D 484 31.51 15.69 -10.46
N LEU D 485 30.92 15.24 -9.34
CA LEU D 485 30.45 13.88 -9.22
C LEU D 485 28.93 13.88 -9.15
N ALA D 486 28.30 12.86 -9.73
CA ALA D 486 26.86 12.65 -9.54
C ALA D 486 26.65 11.16 -9.69
N ASP D 487 25.60 10.64 -9.05
CA ASP D 487 25.11 9.31 -9.43
C ASP D 487 23.84 9.51 -10.23
N ALA D 488 24.01 9.47 -11.55
CA ALA D 488 22.92 9.59 -12.50
C ALA D 488 22.08 8.31 -12.49
N PRO D 489 20.93 8.30 -13.18
CA PRO D 489 20.10 7.08 -13.16
C PRO D 489 20.86 5.80 -13.54
N ARG D 490 21.90 5.91 -14.40
CA ARG D 490 22.67 4.74 -14.79
C ARG D 490 23.95 4.52 -13.99
N GLY D 491 24.29 5.46 -13.09
CA GLY D 491 25.42 5.27 -12.19
C GLY D 491 26.38 6.45 -12.11
N ALA D 492 27.58 6.10 -11.67
CA ALA D 492 28.64 7.03 -11.26
C ALA D 492 29.14 7.87 -12.44
N LEU D 493 28.85 9.16 -12.37
CA LEU D 493 29.18 10.12 -13.42
C LEU D 493 30.20 11.13 -12.86
N SER D 494 31.25 11.39 -13.62
CA SER D 494 32.22 12.40 -13.20
C SER D 494 32.69 13.23 -14.41
N HIS D 495 32.79 14.52 -14.20
CA HIS D 495 33.36 15.44 -15.16
C HIS D 495 34.57 16.09 -14.52
N TRP D 496 35.64 16.27 -15.30
CA TRP D 496 36.93 16.67 -14.75
C TRP D 496 37.47 17.79 -15.64
N ILE D 497 37.77 18.94 -15.03
CA ILE D 497 38.23 20.10 -15.79
C ILE D 497 39.64 20.51 -15.37
N ARG D 498 40.45 20.90 -16.35
CA ARG D 498 41.68 21.68 -16.14
C ARG D 498 41.43 23.03 -16.80
N ILE D 499 41.54 24.09 -16.01
CA ILE D 499 41.39 25.46 -16.50
C ILE D 499 42.80 26.04 -16.63
N LYS D 500 43.09 26.67 -17.77
CA LYS D 500 44.35 27.38 -17.93
C LYS D 500 44.03 28.62 -18.74
N GLY D 501 44.62 29.77 -18.37
CA GLY D 501 44.29 31.05 -19.02
C GLY D 501 42.80 31.38 -18.98
N LYS D 502 42.14 30.94 -17.90
CA LYS D 502 40.69 31.13 -17.73
C LYS D 502 39.81 30.42 -18.78
N LYS D 503 40.40 29.45 -19.46
CA LYS D 503 39.69 28.72 -20.49
C LYS D 503 39.82 27.23 -20.22
N ILE D 504 39.01 26.45 -20.92
CA ILE D 504 39.11 24.99 -20.75
C ILE D 504 40.39 24.49 -21.44
N ASP D 505 41.28 23.90 -20.65
CA ASP D 505 42.50 23.26 -21.18
C ASP D 505 42.27 21.76 -21.41
N ASN D 506 41.51 21.10 -20.51
CA ASN D 506 41.10 19.72 -20.67
C ASN D 506 39.76 19.60 -19.99
N PHE D 507 38.87 18.84 -20.62
CA PHE D 507 37.58 18.53 -20.03
C PHE D 507 37.27 17.09 -20.39
N GLN D 508 37.18 16.25 -19.35
CA GLN D 508 36.99 14.82 -19.55
C GLN D 508 35.70 14.37 -18.86
N LEU D 509 34.87 13.62 -19.59
CA LEU D 509 33.69 12.97 -19.00
C LEU D 509 34.01 11.50 -18.86
N VAL D 510 33.61 10.93 -17.72
CA VAL D 510 33.68 9.48 -17.51
C VAL D 510 32.29 9.14 -17.03
N VAL D 511 31.55 8.38 -17.83
CA VAL D 511 30.11 8.32 -17.69
C VAL D 511 29.68 6.90 -17.30
N PRO D 512 28.51 6.75 -16.65
CA PRO D 512 28.20 5.41 -16.16
C PRO D 512 28.17 4.33 -17.25
N SER D 513 27.61 4.62 -18.43
CA SER D 513 27.60 3.58 -19.48
C SER D 513 29.03 3.33 -19.99
N THR D 514 29.94 4.28 -19.82
CA THR D 514 31.36 3.99 -20.10
C THR D 514 31.86 2.88 -19.17
N TRP D 515 31.57 3.00 -17.87
CA TRP D 515 31.97 1.95 -16.92
C TRP D 515 31.31 0.61 -17.28
N ASN D 516 30.00 0.63 -17.54
CA ASN D 516 29.24 -0.60 -17.72
C ASN D 516 29.44 -1.28 -19.07
N LEU D 517 29.49 -0.48 -20.14
CA LEU D 517 29.40 -1.02 -21.49
C LEU D 517 30.61 -0.72 -22.35
N GLY D 518 31.66 -0.17 -21.76
CA GLY D 518 32.92 0.01 -22.46
C GLY D 518 33.52 -1.35 -22.84
N PRO D 519 34.61 -1.33 -23.58
CA PRO D 519 35.26 -2.55 -23.96
C PRO D 519 36.22 -3.06 -22.87
N ARG D 520 37.03 -4.04 -23.23
CA ARG D 520 38.07 -4.57 -22.37
C ARG D 520 39.09 -3.46 -22.04
N GLY D 521 39.72 -3.61 -20.87
CA GLY D 521 40.78 -2.71 -20.44
C GLY D 521 42.15 -3.19 -20.91
N ALA D 522 43.19 -2.52 -20.41
CA ALA D 522 44.55 -2.78 -20.92
C ALA D 522 45.01 -4.23 -20.73
N GLN D 523 44.51 -4.90 -19.69
CA GLN D 523 44.88 -6.30 -19.45
C GLN D 523 43.97 -7.28 -20.19
N GLY D 524 43.06 -6.78 -21.03
CA GLY D 524 42.19 -7.67 -21.81
C GLY D 524 40.95 -8.14 -21.02
N ASP D 525 40.69 -7.47 -19.89
CA ASP D 525 39.61 -7.86 -18.96
C ASP D 525 38.27 -7.31 -19.44
N LYS D 526 37.27 -8.18 -19.51
CA LYS D 526 35.93 -7.81 -19.95
C LYS D 526 35.27 -6.76 -19.07
N SER D 527 34.50 -5.88 -19.71
CA SER D 527 33.71 -4.91 -18.99
C SER D 527 32.50 -5.60 -18.36
N PRO D 528 31.74 -4.88 -17.52
CA PRO D 528 30.62 -5.52 -16.82
C PRO D 528 29.60 -6.15 -17.80
N VAL D 529 29.20 -5.45 -18.86
CA VAL D 529 28.20 -6.06 -19.76
C VAL D 529 28.78 -7.29 -20.48
N GLU D 530 30.07 -7.22 -20.82
CA GLU D 530 30.71 -8.35 -21.51
C GLU D 530 30.76 -9.58 -20.60
N GLU D 531 31.16 -9.36 -19.35
CA GLU D 531 31.16 -10.44 -18.36
C GLU D 531 29.73 -10.97 -18.13
N ALA D 532 28.78 -10.06 -17.99
CA ALA D 532 27.39 -10.43 -17.70
C ALA D 532 26.79 -11.31 -18.78
N LEU D 533 27.21 -11.09 -20.03
CA LEU D 533 26.70 -11.87 -21.15
C LEU D 533 27.21 -13.29 -21.18
N ILE D 534 28.35 -13.56 -20.52
CA ILE D 534 28.85 -14.94 -20.52
C ILE D 534 27.84 -15.82 -19.80
N GLY D 535 27.48 -16.95 -20.42
CA GLY D 535 26.52 -17.85 -19.81
C GLY D 535 25.08 -17.62 -20.24
N THR D 536 24.82 -16.58 -21.02
CA THR D 536 23.45 -16.32 -21.50
C THR D 536 22.93 -17.51 -22.32
N PRO D 537 21.79 -18.10 -21.94
CA PRO D 537 21.17 -19.14 -22.80
C PRO D 537 20.48 -18.50 -24.00
N ILE D 538 20.48 -19.22 -25.12
CA ILE D 538 19.87 -18.72 -26.35
C ILE D 538 18.88 -19.77 -26.86
N ALA D 539 17.57 -19.50 -26.68
CA ALA D 539 16.54 -20.45 -27.10
C ALA D 539 16.41 -20.48 -28.61
N ASP D 540 16.61 -19.33 -29.24
CA ASP D 540 16.48 -19.19 -30.68
C ASP D 540 17.51 -18.17 -31.15
N PRO D 541 18.58 -18.62 -31.83
CA PRO D 541 19.64 -17.68 -32.27
C PRO D 541 19.17 -16.59 -33.24
N LYS D 542 18.07 -16.84 -33.95
CA LYS D 542 17.49 -15.83 -34.86
C LYS D 542 16.74 -14.74 -34.09
N ARG D 543 16.35 -15.01 -32.83
CA ARG D 543 15.57 -14.08 -32.02
C ARG D 543 16.14 -14.07 -30.61
N PRO D 544 17.38 -13.53 -30.48
CA PRO D 544 18.14 -13.69 -29.22
C PRO D 544 17.71 -12.69 -28.12
N VAL D 545 16.47 -12.85 -27.68
CA VAL D 545 15.91 -11.98 -26.64
C VAL D 545 16.72 -12.00 -25.36
N GLU D 546 17.39 -13.12 -25.07
CA GLU D 546 18.16 -13.21 -23.84
C GLU D 546 19.35 -12.24 -23.80
N ILE D 547 19.95 -12.00 -24.96
CA ILE D 547 21.00 -10.97 -25.07
C ILE D 547 20.40 -9.61 -24.72
N LEU D 548 19.23 -9.30 -25.29
CA LEU D 548 18.57 -8.03 -25.00
C LEU D 548 18.22 -7.89 -23.52
N ARG D 549 17.75 -8.96 -22.88
CA ARG D 549 17.37 -8.87 -21.46
C ARG D 549 18.51 -8.37 -20.59
N THR D 550 19.69 -8.94 -20.80
CA THR D 550 20.87 -8.52 -20.03
C THR D 550 21.37 -7.15 -20.44
N VAL D 551 21.50 -6.91 -21.75
CA VAL D 551 22.00 -5.62 -22.17
C VAL D 551 21.07 -4.50 -21.70
N HIS D 552 19.77 -4.67 -21.92
CA HIS D 552 18.82 -3.67 -21.49
C HIS D 552 18.81 -3.49 -19.97
N ALA D 553 19.14 -4.55 -19.21
CA ALA D 553 19.09 -4.41 -17.75
C ALA D 553 20.14 -3.40 -17.25
N PHE D 554 21.25 -3.24 -17.99
CA PHE D 554 22.23 -2.21 -17.67
C PHE D 554 21.78 -0.81 -18.09
N ASP D 555 20.68 -0.72 -18.84
CA ASP D 555 20.09 0.57 -19.26
C ASP D 555 21.14 1.39 -20.05
N PRO D 556 21.59 0.86 -21.17
CA PRO D 556 22.70 1.51 -21.88
C PRO D 556 22.37 2.85 -22.50
N CSS D 557 23.36 3.72 -22.49
CA CSS D 557 23.28 5.00 -23.19
CB CSS D 557 22.97 6.08 -22.17
CB CSS D 557 23.05 6.15 -22.22
SG CSS D 557 22.57 7.59 -23.00
SG CSS D 557 21.40 6.18 -21.55
SD CSS D 557 21.35 7.74 -20.23
C CSS D 557 24.61 5.22 -23.88
O CSS D 557 25.62 5.52 -23.23
N ILE D 558 24.62 5.02 -25.19
CA ILE D 558 25.90 5.05 -25.91
C ILE D 558 26.35 6.47 -26.21
N ALA D 559 25.41 7.39 -26.34
CA ALA D 559 25.79 8.80 -26.49
C ALA D 559 26.44 9.27 -25.20
N CYS D 560 25.87 8.87 -24.06
CA CYS D 560 26.53 9.09 -22.78
C CYS D 560 27.91 8.45 -22.73
N GLY D 561 27.98 7.16 -23.06
CA GLY D 561 29.21 6.39 -22.86
C GLY D 561 30.39 6.88 -23.67
N VAL D 562 30.12 7.30 -24.91
CA VAL D 562 31.18 7.76 -25.79
C VAL D 562 31.38 9.28 -25.74
N HIS D 563 30.30 10.03 -25.72
CA HIS D 563 30.36 11.51 -25.81
C HIS D 563 31.30 11.99 -26.93
FE1 SF4 E . 9.82 -8.15 33.98
FE2 SF4 E . 8.86 -10.13 32.38
FE3 SF4 E . 9.01 -10.50 35.05
FE4 SF4 E . 7.14 -8.78 34.02
S1 SF4 E . 7.21 -11.03 33.73
S2 SF4 E . 8.48 -8.44 35.87
S3 SF4 E . 8.34 -7.92 32.25
S4 SF4 E . 10.78 -10.16 33.61
FE1 F3S F . -3.19 -12.43 32.02
FE3 F3S F . -1.10 -13.69 30.88
FE4 F3S F . -0.69 -11.65 32.61
S1 F3S F . -3.09 -13.16 29.93
S2 F3S F . -2.53 -10.29 32.37
S3 F3S F . -1.62 -13.71 33.09
S4 F3S F . 0.36 -12.02 30.68
FE1 SF4 G . -12.59 -12.42 31.96
FE2 SF4 G . -14.85 -13.28 33.04
FE3 SF4 G . -13.78 -14.70 30.94
FE4 SF4 G . -14.90 -12.22 30.60
S1 SF4 G . -16.03 -14.15 31.30
S2 SF4 G . -12.84 -12.94 29.75
S3 SF4 G . -14.44 -11.11 32.48
S4 SF4 G . -12.87 -14.48 32.98
C1 GOL H . -35.64 -6.60 45.53
O1 GOL H . -36.69 -6.18 46.40
C2 GOL H . -35.91 -8.07 45.20
O2 GOL H . -36.02 -8.78 46.44
C3 GOL H . -37.24 -8.14 44.44
O3 GOL H . -37.53 -9.52 44.21
FE1 SF4 I . 15.17 40.01 -21.85
FE2 SF4 I . 13.23 38.15 -22.34
FE3 SF4 I . 14.38 39.46 -24.37
FE4 SF4 I . 15.82 37.56 -23.02
S1 SF4 I . 13.99 37.23 -24.33
S2 SF4 I . 16.53 39.64 -23.69
S3 SF4 I . 14.97 37.94 -20.87
S4 SF4 I . 13.11 40.41 -22.69
FE1 F3S J . 16.10 27.10 -26.92
FE3 F3S J . 13.70 28.26 -26.42
FE4 F3S J . 16.01 29.65 -26.12
S1 F3S J . 14.33 26.15 -25.94
S2 F3S J . 17.57 28.10 -25.51
S3 F3S J . 15.15 28.83 -28.07
S4 F3S J . 14.23 29.63 -24.77
FE1 SF4 K . 19.81 18.80 -29.35
FE2 SF4 K . 20.12 16.17 -28.89
FE3 SF4 K . 20.71 17.21 -31.27
FE4 SF4 K . 18.08 16.99 -30.49
S1 SF4 K . 19.57 15.26 -30.95
S2 SF4 K . 19.03 18.77 -31.50
S3 SF4 K . 18.31 17.50 -28.25
S4 SF4 K . 21.81 17.58 -29.29
O1 SOT L . 17.73 42.86 -30.70
O1 SOT L . 20.11 43.37 -29.68
C2 SOT L . 17.89 43.93 -29.76
C2 SOT L . 19.07 43.79 -28.80
C3 SOT L . 19.24 44.09 -29.08
C3 SOT L . 17.72 43.63 -29.46
N4 SOT L . 20.15 42.92 -29.12
N4 SOT L . 17.85 43.29 -30.88
C5 SOT L . 20.18 42.22 -30.42
C5 SOT L . 18.72 42.12 -31.13
C6 SOT L . 18.83 42.03 -31.10
C6 SOT L . 19.89 42.06 -30.18
S SOT L . 21.68 43.32 -28.63
S SOT L . 16.41 42.93 -31.49
O1S SOT L . 22.66 43.17 -29.68
O1S SOT L . 15.16 42.61 -30.88
O2S SOT L . 21.69 44.60 -27.98
O2S SOT L . 16.34 43.63 -32.73
S H2S M . 2.69 1.66 -45.64
C1 GOL N . -7.35 6.71 10.01
O1 GOL N . -7.89 5.92 11.07
C2 GOL N . -5.83 6.55 9.98
O2 GOL N . -5.30 7.37 8.92
C3 GOL N . -5.13 6.95 11.28
O3 GOL N . -5.38 8.32 11.64
C1 GOL O . -4.76 7.80 5.67
O1 GOL O . -5.96 7.32 6.32
C2 GOL O . -4.72 9.33 5.80
O2 GOL O . -5.81 9.90 5.06
C3 GOL O . -3.41 9.90 5.25
O3 GOL O . -3.44 11.32 5.38
FE FCO P . -20.06 -3.77 22.29
C1 FCO P . -21.90 -3.28 22.19
N1 FCO P . -23.01 -3.00 22.13
C2 FCO P . -19.72 -3.45 20.44
N2 FCO P . -19.51 -3.25 19.31
C3 FCO P . -19.52 -2.13 22.56
O3 FCO P . -19.16 -1.07 22.72
NI NI Q . -19.97 -6.54 23.25
NI NI Q . -19.67 -6.12 23.45
MG MG R . -23.84 3.08 31.69
N GLY S . -21.61 -14.79 18.28
CA GLY S . -21.07 -13.55 18.87
C GLY S . -22.01 -12.39 18.65
O GLY S . -22.81 -12.07 19.52
OXT GLY S . -21.97 -11.77 17.58
C1 GOL T . 19.29 15.56 0.04
O1 GOL T . 19.53 15.46 -1.38
C2 GOL T . 18.53 16.85 0.35
O2 GOL T . 18.36 16.94 1.78
C3 GOL T . 19.30 18.08 -0.16
O3 GOL T . 20.57 18.21 0.51
C1 GOL U . 31.83 4.20 1.81
O1 GOL U . 31.45 3.51 3.02
C2 GOL U . 31.26 5.63 1.83
O2 GOL U . 29.81 5.64 1.91
C3 GOL U . 31.79 6.34 3.06
O3 GOL U . 31.47 7.73 2.96
C1 GOL V . 17.39 17.25 6.41
O1 GOL V . 16.11 16.92 6.97
O1 GOL V . 18.55 17.51 7.21
C2 GOL V . 17.75 16.22 5.34
O2 GOL V . 18.17 15.03 6.03
C3 GOL V . 16.55 15.95 4.41
O3 GOL V . 17.01 15.13 3.33
C1 GOL W . 11.18 35.28 -6.02
O1 GOL W . 9.77 35.44 -6.22
C2 GOL W . 11.58 35.81 -4.64
O2 GOL W . 12.93 35.43 -4.36
C3 GOL W . 11.57 37.33 -4.61
O3 GOL W . 12.15 37.73 -3.35
C1 GOL X . 32.10 -13.08 -32.53
O1 GOL X . 33.22 -13.94 -32.30
C2 GOL X . 32.12 -12.79 -34.00
O2 GOL X . 33.36 -12.19 -34.38
C3 GOL X . 30.99 -11.84 -34.36
O3 GOL X . 30.56 -12.30 -35.65
FE FCO Y . 23.65 8.84 -18.88
C1 FCO Y . 24.65 7.22 -18.91
N1 FCO Y . 25.24 6.24 -18.94
C2 FCO Y . 22.69 8.30 -17.32
N2 FCO Y . 22.12 8.00 -16.39
C3 FCO Y . 24.79 9.65 -17.80
O3 FCO Y . 25.52 10.17 -17.09
NI NI Z . 22.13 9.01 -21.40
NI NI Z . 22.42 9.41 -21.13
MG MG AA . 35.46 10.56 -21.66
N GLY BA . 13.85 4.50 -23.74
CA GLY BA . 15.03 5.32 -23.35
C GLY BA . 16.11 4.49 -22.71
O GLY BA . 17.14 4.20 -23.33
OXT GLY BA . 15.94 4.10 -21.55
#